data_8CBO
#
_entry.id   8CBO
#
_cell.length_a   1.00
_cell.length_b   1.00
_cell.length_c   1.00
_cell.angle_alpha   90.00
_cell.angle_beta   90.00
_cell.angle_gamma   90.00
#
_symmetry.space_group_name_H-M   'P 1'
#
loop_
_entity.id
_entity.type
_entity.pdbx_description
1 polymer '3-hydroxyacyl-CoA dehydrogenase type-2'
2 polymer 'tRNA methyltransferase 10 homolog C'
3 polymer 'Mitochondrial Precursor tRNA-Ile(5,4)'
4 non-polymer NICOTINAMIDE-ADENINE-DINUCLEOTIDE
5 non-polymer S-ADENOSYL-L-HOMOCYSTEINE
#
loop_
_entity_poly.entity_id
_entity_poly.type
_entity_poly.pdbx_seq_one_letter_code
_entity_poly.pdbx_strand_id
1 'polypeptide(L)'
;SVKGLVAVITGGASGLGLATAERLVGQGASAVLLDLPNSGGEAQAKKLGNNCVFAPADVTSEKDVQTALALAKGKFGRVD
VAVNCAGIAVASKTYNLKKGQTHTLEDFQRVLDVNLMGTFNVIRLVAGEMGQNEPDQGGQRGVIINTASVAAFEGQVGQA
AYSASKGGIVGMTLPIARDLAPIGIRVMTIAPGLFGTPLLTSLPEKVCNFLASQVPFPSRLGDPAEYAHLVQAIIENPFL
NGEVIRLDGAIRMQP
;
A,B,C,D
2 'polypeptide(L)'
;KNFLFLRLWDRNMDIAMGWKGAQAMQFGQPLVFDMAYENYMKRKELQNTVSQLLESEGWNRRNVDPFHIYFCNLKIDGAL
HRELVKRYQEKWDKLLLTSTEKSHVDLFPKDSIIYLTADSPNVMTTFRHDKVYVIGSFVDKSMQPGTSLAKAKRLNLATE
CLPLDKYLQWEIGNKNLTLDQMIRILLCLKNNGNWQEALQFVPKRKHTGFL
;
E
3 'polyribonucleotide' GGGUAAGAAAUAUGUCUGAUAAAAGAGUUACUUUGAUAGAGUAAAUAAUAGGAGCUUAAACCCCCUUAUUUCUAGGAC T
#
loop_
_chem_comp.id
_chem_comp.type
_chem_comp.name
_chem_comp.formula
A RNA linking ADENOSINE-5'-MONOPHOSPHATE 'C10 H14 N5 O7 P'
C RNA linking CYTIDINE-5'-MONOPHOSPHATE 'C9 H14 N3 O8 P'
G RNA linking GUANOSINE-5'-MONOPHOSPHATE 'C10 H14 N5 O8 P'
NAD non-polymer NICOTINAMIDE-ADENINE-DINUCLEOTIDE 'C21 H27 N7 O14 P2'
SAH non-polymer S-ADENOSYL-L-HOMOCYSTEINE 'C14 H20 N6 O5 S'
U RNA linking URIDINE-5'-MONOPHOSPHATE 'C9 H13 N2 O9 P'
#
# COMPACT_ATOMS: atom_id res chain seq x y z
N SER A 1 -16.99 -7.71 28.48
CA SER A 1 -16.20 -7.55 29.69
C SER A 1 -14.92 -8.37 29.63
N VAL A 2 -13.84 -7.82 30.18
CA VAL A 2 -12.54 -8.47 30.19
C VAL A 2 -12.08 -8.82 31.60
N LYS A 3 -12.97 -8.71 32.58
CA LYS A 3 -12.58 -8.95 33.97
C LYS A 3 -12.19 -10.41 34.17
N GLY A 4 -11.13 -10.62 34.94
CA GLY A 4 -10.69 -11.95 35.29
C GLY A 4 -9.74 -12.60 34.32
N LEU A 5 -9.49 -11.98 33.16
CA LEU A 5 -8.57 -12.54 32.19
C LEU A 5 -7.13 -12.36 32.65
N VAL A 6 -6.23 -13.10 32.00
CA VAL A 6 -4.80 -12.96 32.19
C VAL A 6 -4.17 -12.71 30.84
N ALA A 7 -3.41 -11.61 30.73
CA ALA A 7 -2.81 -11.18 29.47
C ALA A 7 -1.30 -11.08 29.64
N VAL A 8 -0.57 -11.77 28.77
CA VAL A 8 0.88 -11.67 28.72
C VAL A 8 1.20 -10.64 27.64
N ILE A 9 1.71 -9.49 28.06
CA ILE A 9 1.99 -8.37 27.16
C ILE A 9 3.51 -8.27 27.00
N THR A 10 4.01 -8.54 25.80
CA THR A 10 5.42 -8.39 25.53
C THR A 10 5.72 -6.96 25.14
N GLY A 11 6.86 -6.45 25.62
CA GLY A 11 7.15 -5.04 25.47
C GLY A 11 6.14 -4.16 26.16
N GLY A 12 5.59 -4.61 27.28
CA GLY A 12 4.57 -3.89 28.00
C GLY A 12 5.07 -2.82 28.94
N ALA A 13 6.38 -2.61 29.01
CA ALA A 13 6.96 -1.61 29.90
C ALA A 13 6.98 -0.21 29.29
N SER A 14 6.53 -0.04 28.05
CA SER A 14 6.62 1.25 27.40
C SER A 14 5.64 1.32 26.24
N GLY A 15 5.21 2.54 25.94
CA GLY A 15 4.45 2.79 24.73
C GLY A 15 3.15 2.02 24.67
N LEU A 16 2.92 1.39 23.50
CA LEU A 16 1.64 0.74 23.25
C LEU A 16 1.41 -0.42 24.20
N GLY A 17 2.45 -1.19 24.49
CA GLY A 17 2.30 -2.29 25.43
C GLY A 17 1.91 -1.82 26.82
N LEU A 18 2.54 -0.75 27.30
CA LEU A 18 2.19 -0.19 28.60
C LEU A 18 0.76 0.34 28.60
N ALA A 19 0.36 1.01 27.51
CA ALA A 19 -1.01 1.51 27.44
C ALA A 19 -2.02 0.37 27.49
N THR A 20 -1.74 -0.71 26.75
CA THR A 20 -2.62 -1.87 26.77
C THR A 20 -2.70 -2.48 28.15
N ALA A 21 -1.55 -2.64 28.81
CA ALA A 21 -1.54 -3.21 30.16
C ALA A 21 -2.32 -2.32 31.11
N GLU A 22 -2.14 -1.00 31.01
CA GLU A 22 -2.87 -0.08 31.87
C GLU A 22 -4.37 -0.24 31.69
N ARG A 23 -4.83 -0.24 30.43
CA ARG A 23 -6.27 -0.34 30.20
C ARG A 23 -6.81 -1.67 30.70
N LEU A 24 -6.11 -2.77 30.42
CA LEU A 24 -6.60 -4.08 30.83
C LEU A 24 -6.66 -4.19 32.35
N VAL A 25 -5.60 -3.74 33.05
CA VAL A 25 -5.58 -3.83 34.50
C VAL A 25 -6.68 -2.95 35.09
N GLY A 26 -6.84 -1.73 34.57
CA GLY A 26 -7.92 -0.88 35.05
C GLY A 26 -9.28 -1.49 34.84
N GLN A 27 -9.45 -2.25 33.75
CA GLN A 27 -10.70 -2.94 33.49
C GLN A 27 -10.90 -4.15 34.39
N GLY A 28 -9.84 -4.64 35.04
CA GLY A 28 -9.93 -5.75 35.98
C GLY A 28 -9.04 -6.92 35.65
N ALA A 29 -8.61 -7.06 34.41
CA ALA A 29 -7.81 -8.22 34.02
C ALA A 29 -6.42 -8.15 34.65
N SER A 30 -5.74 -9.29 34.63
CA SER A 30 -4.36 -9.37 35.08
C SER A 30 -3.42 -9.02 33.91
N ALA A 31 -2.14 -8.90 34.22
CA ALA A 31 -1.18 -8.48 33.20
C ALA A 31 0.21 -8.98 33.58
N VAL A 32 0.94 -9.44 32.57
CA VAL A 32 2.33 -9.88 32.72
C VAL A 32 3.16 -9.13 31.68
N LEU A 33 3.95 -8.16 32.13
CA LEU A 33 4.79 -7.38 31.24
C LEU A 33 6.03 -8.20 30.88
N LEU A 34 6.07 -8.70 29.65
CA LEU A 34 7.19 -9.52 29.18
C LEU A 34 8.13 -8.62 28.39
N ASP A 35 8.88 -7.81 29.13
CA ASP A 35 9.78 -6.82 28.55
C ASP A 35 11.22 -7.12 28.97
N LEU A 36 12.15 -6.40 28.37
CA LEU A 36 13.56 -6.62 28.65
C LEU A 36 13.87 -6.26 30.09
N PRO A 37 14.87 -6.92 30.69
CA PRO A 37 15.20 -6.63 32.10
C PRO A 37 15.61 -5.19 32.33
N ASN A 38 16.29 -4.58 31.37
CA ASN A 38 16.74 -3.20 31.50
C ASN A 38 15.68 -2.18 31.11
N SER A 39 14.51 -2.62 30.66
CA SER A 39 13.47 -1.71 30.22
C SER A 39 12.83 -0.94 31.37
N GLY A 40 13.13 -1.30 32.62
CA GLY A 40 12.50 -0.64 33.75
C GLY A 40 11.01 -0.88 33.82
N GLY A 41 10.57 -2.11 33.58
CA GLY A 41 9.16 -2.45 33.65
C GLY A 41 8.71 -2.80 35.05
N GLU A 42 9.66 -3.14 35.92
CA GLU A 42 9.31 -3.45 37.30
C GLU A 42 8.62 -2.26 37.96
N ALA A 43 9.08 -1.05 37.66
CA ALA A 43 8.41 0.14 38.17
C ALA A 43 6.98 0.20 37.66
N GLN A 44 6.76 -0.13 36.39
CA GLN A 44 5.41 -0.15 35.84
C GLN A 44 4.56 -1.22 36.51
N ALA A 45 5.14 -2.38 36.78
CA ALA A 45 4.40 -3.43 37.47
C ALA A 45 3.98 -2.96 38.86
N LYS A 46 4.88 -2.31 39.59
CA LYS A 46 4.52 -1.76 40.89
C LYS A 46 3.42 -0.72 40.77
N LYS A 47 3.53 0.16 39.77
CA LYS A 47 2.56 1.24 39.63
C LYS A 47 1.19 0.73 39.22
N LEU A 48 1.14 -0.39 38.50
CA LEU A 48 -0.15 -0.89 38.00
C LEU A 48 -0.95 -1.55 39.11
N GLY A 49 -0.29 -2.20 40.06
CA GLY A 49 -0.94 -2.81 41.20
C GLY A 49 -0.47 -4.23 41.40
N ASN A 50 -1.20 -4.96 42.25
CA ASN A 50 -0.88 -6.35 42.51
C ASN A 50 -1.34 -7.26 41.37
N ASN A 51 -2.30 -6.81 40.55
CA ASN A 51 -2.73 -7.61 39.42
C ASN A 51 -1.61 -7.79 38.41
N CYS A 52 -0.85 -6.73 38.14
CA CYS A 52 0.19 -6.76 37.13
C CYS A 52 1.51 -7.23 37.73
N VAL A 53 2.28 -7.96 36.93
CA VAL A 53 3.61 -8.41 37.31
C VAL A 53 4.56 -8.13 36.14
N PHE A 54 5.84 -8.11 36.45
CA PHE A 54 6.89 -7.88 35.46
C PHE A 54 7.69 -9.15 35.26
N ALA A 55 7.77 -9.62 34.02
CA ALA A 55 8.51 -10.84 33.67
C ALA A 55 9.70 -10.47 32.78
N PRO A 56 10.91 -10.39 33.32
CA PRO A 56 12.06 -10.00 32.48
C PRO A 56 12.42 -11.10 31.49
N ALA A 57 12.19 -10.83 30.20
CA ALA A 57 12.48 -11.83 29.18
C ALA A 57 12.80 -11.13 27.87
N ASP A 58 13.50 -11.86 27.00
CA ASP A 58 13.82 -11.42 25.65
C ASP A 58 13.04 -12.28 24.67
N VAL A 59 12.18 -11.64 23.86
CA VAL A 59 11.33 -12.39 22.94
C VAL A 59 12.16 -13.16 21.92
N THR A 60 13.38 -12.72 21.65
CA THR A 60 14.24 -13.43 20.71
C THR A 60 14.93 -14.63 21.32
N SER A 61 14.78 -14.85 22.63
CA SER A 61 15.35 -16.00 23.31
C SER A 61 14.22 -16.90 23.78
N GLU A 62 14.25 -18.16 23.32
CA GLU A 62 13.18 -19.09 23.66
C GLU A 62 13.12 -19.34 25.16
N LYS A 63 14.26 -19.52 25.80
CA LYS A 63 14.28 -19.83 27.23
C LYS A 63 13.66 -18.70 28.05
N ASP A 64 13.95 -17.44 27.68
CA ASP A 64 13.40 -16.32 28.43
C ASP A 64 11.88 -16.27 28.31
N VAL A 65 11.35 -16.48 27.10
CA VAL A 65 9.90 -16.47 26.94
C VAL A 65 9.27 -17.63 27.71
N GLN A 66 9.92 -18.80 27.69
CA GLN A 66 9.42 -19.93 28.46
C GLN A 66 9.36 -19.61 29.94
N THR A 67 10.43 -19.00 30.47
CA THR A 67 10.45 -18.64 31.89
C THR A 67 9.39 -17.61 32.22
N ALA A 68 9.20 -16.61 31.34
CA ALA A 68 8.19 -15.60 31.59
C ALA A 68 6.79 -16.21 31.59
N LEU A 69 6.52 -17.11 30.64
CA LEU A 69 5.21 -17.76 30.60
C LEU A 69 5.01 -18.66 31.81
N ALA A 70 6.06 -19.35 32.25
CA ALA A 70 5.95 -20.15 33.47
C ALA A 70 5.65 -19.28 34.68
N LEU A 71 6.30 -18.12 34.77
CA LEU A 71 6.03 -17.18 35.86
C LEU A 71 4.58 -16.71 35.80
N ALA A 72 4.09 -16.39 34.61
CA ALA A 72 2.70 -15.96 34.47
C ALA A 72 1.74 -17.05 34.92
N LYS A 73 2.01 -18.29 34.51
CA LYS A 73 1.14 -19.40 34.92
C LYS A 73 1.19 -19.60 36.42
N GLY A 74 2.38 -19.55 37.02
CA GLY A 74 2.48 -19.70 38.46
C GLY A 74 1.74 -18.64 39.22
N LYS A 75 1.88 -17.38 38.79
CA LYS A 75 1.23 -16.29 39.50
C LYS A 75 -0.28 -16.32 39.33
N PHE A 76 -0.75 -16.54 38.11
CA PHE A 76 -2.17 -16.44 37.80
C PHE A 76 -2.81 -17.73 37.31
N GLY A 77 -2.02 -18.75 36.98
CA GLY A 77 -2.59 -20.04 36.62
C GLY A 77 -3.43 -20.04 35.37
N ARG A 78 -3.24 -19.09 34.47
CA ARG A 78 -4.03 -19.02 33.25
C ARG A 78 -3.45 -17.96 32.34
N VAL A 79 -3.59 -18.17 31.04
CA VAL A 79 -3.19 -17.21 30.03
C VAL A 79 -4.33 -17.14 29.02
N ASP A 80 -5.09 -16.04 29.05
CA ASP A 80 -6.21 -15.85 28.15
C ASP A 80 -5.92 -14.92 26.99
N VAL A 81 -4.89 -14.09 27.09
CA VAL A 81 -4.53 -13.16 26.01
C VAL A 81 -3.02 -13.06 25.93
N ALA A 82 -2.51 -12.83 24.72
CA ALA A 82 -1.09 -12.61 24.49
C ALA A 82 -0.95 -11.45 23.51
N VAL A 83 -0.40 -10.34 23.98
CA VAL A 83 -0.29 -9.11 23.19
C VAL A 83 1.18 -8.92 22.84
N ASN A 84 1.51 -9.12 21.56
CA ASN A 84 2.88 -8.96 21.07
C ASN A 84 3.07 -7.53 20.59
N CYS A 85 3.59 -6.68 21.48
CA CYS A 85 3.94 -5.31 21.14
C CYS A 85 5.43 -5.03 21.24
N ALA A 86 6.26 -6.05 21.45
CA ALA A 86 7.69 -5.83 21.61
C ALA A 86 8.34 -5.75 20.24
N GLY A 87 8.97 -4.60 19.95
CA GLY A 87 9.62 -4.42 18.66
C GLY A 87 10.47 -3.18 18.67
N ILE A 88 11.25 -3.04 17.60
CA ILE A 88 12.15 -1.91 17.41
C ILE A 88 12.02 -1.41 15.97
N ALA A 89 12.48 -0.18 15.75
CA ALA A 89 12.44 0.44 14.45
C ALA A 89 13.84 0.89 14.04
N VAL A 90 14.16 0.75 12.77
CA VAL A 90 15.44 1.17 12.21
C VAL A 90 15.17 1.95 10.93
N ALA A 91 15.85 3.08 10.77
CA ALA A 91 15.74 3.92 9.60
C ALA A 91 17.09 3.96 8.90
N SER A 92 17.20 3.23 7.80
CA SER A 92 18.45 3.17 7.05
C SER A 92 18.12 2.83 5.60
N LYS A 93 18.70 3.56 4.67
CA LYS A 93 18.38 3.38 3.26
C LYS A 93 18.99 2.08 2.74
N THR A 94 18.25 1.40 1.86
CA THR A 94 18.75 0.16 1.27
C THR A 94 20.10 0.40 0.60
N TYR A 95 20.18 1.41 -0.25
CA TYR A 95 21.43 1.82 -0.87
C TYR A 95 21.40 3.33 -1.03
N ASN A 96 22.51 3.97 -0.68
CA ASN A 96 22.69 5.41 -0.84
C ASN A 96 23.82 5.60 -1.85
N LEU A 97 23.46 5.75 -3.11
CA LEU A 97 24.48 5.88 -4.14
C LEU A 97 25.31 7.13 -3.94
N LYS A 98 24.67 8.24 -3.58
CA LYS A 98 25.39 9.49 -3.38
C LYS A 98 26.50 9.31 -2.35
N LYS A 99 26.15 8.78 -1.17
CA LYS A 99 27.16 8.51 -0.15
C LYS A 99 27.85 7.18 -0.35
N GLY A 100 27.43 6.38 -1.32
CA GLY A 100 28.02 5.07 -1.52
C GLY A 100 27.89 4.18 -0.31
N GLN A 101 26.72 4.17 0.32
CA GLN A 101 26.48 3.47 1.57
C GLN A 101 25.33 2.51 1.40
N THR A 102 25.54 1.26 1.80
CA THR A 102 24.55 0.21 1.64
C THR A 102 24.06 -0.26 3.00
N HIS A 103 22.79 -0.67 3.04
CA HIS A 103 22.18 -1.16 4.28
C HIS A 103 23.01 -2.29 4.86
N THR A 104 23.29 -2.21 6.16
CA THR A 104 24.00 -3.28 6.84
C THR A 104 23.08 -4.47 7.03
N LEU A 105 23.63 -5.68 6.88
CA LEU A 105 22.83 -6.88 7.07
C LEU A 105 22.56 -7.14 8.55
N GLU A 106 23.46 -6.71 9.43
CA GLU A 106 23.23 -6.85 10.86
C GLU A 106 21.99 -6.09 11.30
N ASP A 107 21.78 -4.90 10.72
CA ASP A 107 20.57 -4.14 11.07
C ASP A 107 19.32 -4.89 10.65
N PHE A 108 19.31 -5.45 9.44
CA PHE A 108 18.16 -6.22 8.98
C PHE A 108 17.91 -7.43 9.87
N GLN A 109 18.98 -8.16 10.21
CA GLN A 109 18.83 -9.34 11.05
C GLN A 109 18.33 -8.96 12.44
N ARG A 110 18.84 -7.84 12.99
CA ARG A 110 18.39 -7.40 14.30
C ARG A 110 16.91 -7.06 14.29
N VAL A 111 16.48 -6.30 13.29
CA VAL A 111 15.06 -5.92 13.23
C VAL A 111 14.19 -7.17 13.05
N LEU A 112 14.59 -8.07 12.15
CA LEU A 112 13.81 -9.30 11.96
C LEU A 112 13.73 -10.10 13.25
N ASP A 113 14.87 -10.36 13.89
CA ASP A 113 14.86 -11.16 15.10
C ASP A 113 13.99 -10.54 16.18
N VAL A 114 14.11 -9.23 16.37
CA VAL A 114 13.35 -8.59 17.44
C VAL A 114 11.86 -8.60 17.13
N ASN A 115 11.46 -8.20 15.92
CA ASN A 115 10.05 -8.05 15.61
C ASN A 115 9.41 -9.38 15.20
N LEU A 116 9.84 -9.92 14.05
CA LEU A 116 9.13 -11.05 13.46
C LEU A 116 9.42 -12.35 14.17
N MET A 117 10.71 -12.68 14.33
CA MET A 117 11.07 -13.90 15.04
C MET A 117 10.61 -13.84 16.48
N GLY A 118 10.73 -12.67 17.12
CA GLY A 118 10.24 -12.54 18.48
C GLY A 118 8.74 -12.74 18.59
N THR A 119 7.98 -12.14 17.69
CA THR A 119 6.53 -12.30 17.71
C THR A 119 6.13 -13.75 17.50
N PHE A 120 6.77 -14.43 16.54
CA PHE A 120 6.43 -15.83 16.32
C PHE A 120 6.84 -16.69 17.50
N ASN A 121 7.99 -16.40 18.11
CA ASN A 121 8.41 -17.15 19.29
C ASN A 121 7.39 -17.01 20.40
N VAL A 122 6.94 -15.79 20.66
CA VAL A 122 5.93 -15.58 21.70
C VAL A 122 4.65 -16.30 21.34
N ILE A 123 4.23 -16.22 20.08
CA ILE A 123 2.98 -16.85 19.67
C ILE A 123 3.06 -18.36 19.88
N ARG A 124 4.16 -18.97 19.44
CA ARG A 124 4.27 -20.42 19.52
C ARG A 124 4.43 -20.90 20.95
N LEU A 125 5.13 -20.13 21.79
CA LEU A 125 5.33 -20.55 23.17
C LEU A 125 4.12 -20.25 24.05
N VAL A 126 3.24 -19.34 23.64
CA VAL A 126 2.04 -19.06 24.41
C VAL A 126 0.84 -19.84 23.88
N ALA A 127 0.91 -20.37 22.65
CA ALA A 127 -0.13 -21.28 22.19
C ALA A 127 -0.16 -22.54 23.02
N GLY A 128 1.00 -22.99 23.50
CA GLY A 128 1.01 -24.14 24.40
C GLY A 128 0.28 -23.86 25.71
N GLU A 129 0.54 -22.70 26.29
CA GLU A 129 -0.14 -22.33 27.54
C GLU A 129 -1.63 -22.13 27.32
N MET A 130 -2.01 -21.50 26.20
CA MET A 130 -3.42 -21.27 25.93
C MET A 130 -4.15 -22.52 25.46
N GLY A 131 -3.42 -23.56 25.06
CA GLY A 131 -4.05 -24.81 24.72
C GLY A 131 -4.49 -25.63 25.91
N GLN A 132 -3.92 -25.37 27.09
CA GLN A 132 -4.34 -26.05 28.30
C GLN A 132 -5.63 -25.47 28.88
N ASN A 133 -6.02 -24.29 28.46
CA ASN A 133 -7.23 -23.67 28.97
C ASN A 133 -8.46 -24.48 28.57
N GLU A 134 -9.46 -24.46 29.43
CA GLU A 134 -10.74 -25.09 29.09
C GLU A 134 -11.49 -24.18 28.14
N PRO A 135 -11.98 -24.70 27.01
CA PRO A 135 -12.67 -23.83 26.05
C PRO A 135 -13.86 -23.14 26.67
N ASP A 136 -14.06 -21.88 26.31
CA ASP A 136 -15.19 -21.11 26.78
C ASP A 136 -16.49 -21.67 26.20
N GLN A 137 -17.61 -21.08 26.60
CA GLN A 137 -18.90 -21.53 26.09
C GLN A 137 -18.96 -21.43 24.57
N GLY A 138 -18.23 -20.49 23.98
CA GLY A 138 -18.14 -20.36 22.54
C GLY A 138 -17.08 -21.23 21.89
N GLY A 139 -16.23 -21.86 22.68
CA GLY A 139 -15.17 -22.70 22.17
C GLY A 139 -13.81 -22.05 22.09
N GLN A 140 -13.66 -20.83 22.61
CA GLN A 140 -12.41 -20.09 22.52
C GLN A 140 -11.52 -20.41 23.70
N ARG A 141 -10.22 -20.57 23.43
CA ARG A 141 -9.22 -20.81 24.45
C ARG A 141 -8.32 -19.61 24.73
N GLY A 142 -8.28 -18.64 23.83
CA GLY A 142 -7.44 -17.48 24.04
C GLY A 142 -7.38 -16.64 22.79
N VAL A 143 -6.72 -15.48 22.92
CA VAL A 143 -6.58 -14.52 21.84
C VAL A 143 -5.14 -14.04 21.80
N ILE A 144 -4.53 -14.08 20.62
CA ILE A 144 -3.18 -13.55 20.41
C ILE A 144 -3.30 -12.36 19.47
N ILE A 145 -2.85 -11.19 19.93
CA ILE A 145 -2.94 -9.95 19.18
C ILE A 145 -1.52 -9.48 18.90
N ASN A 146 -1.12 -9.51 17.64
CA ASN A 146 0.19 -9.04 17.21
C ASN A 146 0.12 -7.55 16.88
N THR A 147 1.27 -6.89 16.94
CA THR A 147 1.39 -5.50 16.53
C THR A 147 2.22 -5.41 15.26
N ALA A 148 1.65 -4.79 14.24
CA ALA A 148 2.29 -4.55 12.95
C ALA A 148 2.38 -3.04 12.74
N SER A 149 2.71 -2.62 11.53
CA SER A 149 2.70 -1.22 11.17
C SER A 149 2.10 -1.07 9.78
N VAL A 150 1.65 0.16 9.48
CA VAL A 150 1.25 0.47 8.12
C VAL A 150 2.46 0.38 7.18
N ALA A 151 3.66 0.37 7.72
CA ALA A 151 4.84 0.08 6.92
C ALA A 151 4.74 -1.28 6.28
N ALA A 152 4.04 -2.22 6.91
CA ALA A 152 3.80 -3.53 6.31
C ALA A 152 3.06 -3.41 4.98
N PHE A 153 2.33 -2.32 4.78
CA PHE A 153 1.57 -2.10 3.55
C PHE A 153 2.24 -1.08 2.63
N GLU A 154 2.73 0.03 3.18
CA GLU A 154 3.43 1.03 2.39
C GLU A 154 4.48 1.69 3.29
N GLY A 155 5.70 1.17 3.24
CA GLY A 155 6.78 1.80 3.96
C GLY A 155 7.40 2.93 3.16
N GLN A 156 8.08 3.81 3.86
CA GLN A 156 8.72 4.97 3.23
C GLN A 156 10.21 4.71 3.10
N VAL A 157 10.91 5.70 2.55
CA VAL A 157 12.34 5.52 2.29
C VAL A 157 13.06 5.21 3.59
N GLY A 158 14.12 4.41 3.48
CA GLY A 158 14.85 4.00 4.67
C GLY A 158 13.99 3.28 5.68
N GLN A 159 13.13 2.38 5.21
CA GLN A 159 12.28 1.57 6.09
C GLN A 159 12.17 0.14 5.59
N ALA A 160 13.21 -0.38 4.95
CA ALA A 160 13.12 -1.69 4.32
C ALA A 160 13.03 -2.81 5.35
N ALA A 161 13.90 -2.78 6.36
CA ALA A 161 13.94 -3.90 7.31
C ALA A 161 12.72 -3.91 8.22
N TYR A 162 12.34 -2.74 8.74
CA TYR A 162 11.14 -2.65 9.57
C TYR A 162 9.91 -3.06 8.78
N SER A 163 9.80 -2.60 7.54
CA SER A 163 8.67 -2.97 6.70
C SER A 163 8.68 -4.46 6.41
N ALA A 164 9.86 -5.05 6.23
CA ALA A 164 9.95 -6.49 6.00
C ALA A 164 9.42 -7.26 7.21
N SER A 165 9.85 -6.88 8.41
CA SER A 165 9.39 -7.58 9.60
C SER A 165 7.88 -7.43 9.79
N LYS A 166 7.37 -6.22 9.63
CA LYS A 166 5.94 -6.00 9.83
C LYS A 166 5.12 -6.70 8.75
N GLY A 167 5.63 -6.72 7.51
CA GLY A 167 4.95 -7.46 6.46
C GLY A 167 4.96 -8.95 6.73
N GLY A 168 6.04 -9.46 7.33
CA GLY A 168 6.04 -10.85 7.74
C GLY A 168 4.99 -11.15 8.79
N ILE A 169 4.86 -10.28 9.77
CA ILE A 169 3.81 -10.44 10.77
C ILE A 169 2.44 -10.47 10.11
N VAL A 170 2.20 -9.51 9.21
CA VAL A 170 0.90 -9.43 8.54
C VAL A 170 0.65 -10.69 7.73
N GLY A 171 1.66 -11.16 7.00
CA GLY A 171 1.49 -12.35 6.19
C GLY A 171 1.19 -13.59 7.00
N MET A 172 1.90 -13.77 8.11
CA MET A 172 1.71 -14.96 8.93
C MET A 172 0.53 -14.86 9.87
N THR A 173 -0.14 -13.70 9.93
CA THR A 173 -1.33 -13.61 10.76
C THR A 173 -2.36 -14.67 10.41
N LEU A 174 -2.61 -14.89 9.12
CA LEU A 174 -3.67 -15.81 8.70
C LEU A 174 -3.23 -17.27 8.79
N PRO A 175 -2.03 -17.63 8.34
CA PRO A 175 -1.59 -19.02 8.53
C PRO A 175 -1.66 -19.48 9.97
N ILE A 176 -1.29 -18.63 10.92
CA ILE A 176 -1.36 -19.01 12.33
C ILE A 176 -2.80 -18.92 12.83
N ALA A 177 -3.61 -18.05 12.24
CA ALA A 177 -5.03 -18.04 12.58
C ALA A 177 -5.71 -19.34 12.17
N ARG A 178 -5.18 -19.99 11.14
CA ARG A 178 -5.70 -21.28 10.70
C ARG A 178 -5.05 -22.45 11.42
N ASP A 179 -3.79 -22.33 11.81
CA ASP A 179 -3.14 -23.40 12.57
C ASP A 179 -3.83 -23.63 13.90
N LEU A 180 -4.18 -22.55 14.60
CA LEU A 180 -4.77 -22.64 15.93
C LEU A 180 -6.28 -22.59 15.92
N ALA A 181 -6.91 -22.50 14.74
CA ALA A 181 -8.36 -22.52 14.69
C ALA A 181 -8.95 -23.78 15.32
N PRO A 182 -8.41 -24.98 15.08
CA PRO A 182 -8.98 -26.17 15.72
C PRO A 182 -9.02 -26.09 17.23
N ILE A 183 -7.99 -25.48 17.85
CA ILE A 183 -7.91 -25.39 19.30
C ILE A 183 -8.45 -24.07 19.83
N GLY A 184 -9.17 -23.32 19.00
CA GLY A 184 -9.89 -22.14 19.45
C GLY A 184 -9.04 -21.02 20.01
N ILE A 185 -7.96 -20.67 19.30
CA ILE A 185 -7.16 -19.50 19.61
C ILE A 185 -7.29 -18.53 18.44
N ARG A 186 -7.70 -17.30 18.73
CA ARG A 186 -7.86 -16.29 17.70
C ARG A 186 -6.57 -15.48 17.58
N VAL A 187 -6.03 -15.39 16.37
CA VAL A 187 -4.82 -14.64 16.10
C VAL A 187 -5.21 -13.42 15.26
N MET A 188 -4.98 -12.23 15.81
CA MET A 188 -5.30 -10.98 15.15
C MET A 188 -4.08 -10.09 15.14
N THR A 189 -4.03 -9.18 14.17
CA THR A 189 -2.94 -8.23 14.02
C THR A 189 -3.51 -6.82 13.99
N ILE A 190 -2.78 -5.89 14.59
CA ILE A 190 -3.12 -4.48 14.55
C ILE A 190 -1.99 -3.74 13.86
N ALA A 191 -2.33 -2.91 12.89
CA ALA A 191 -1.34 -2.19 12.11
C ALA A 191 -1.42 -0.71 12.40
N PRO A 192 -0.97 -0.25 13.56
CA PRO A 192 -1.05 1.18 13.88
C PRO A 192 -0.25 2.02 12.89
N GLY A 193 -0.58 3.30 12.86
CA GLY A 193 0.11 4.24 12.01
C GLY A 193 1.16 5.00 12.76
N LEU A 194 0.86 6.25 13.13
CA LEU A 194 1.74 7.07 13.94
C LEU A 194 1.12 7.25 15.33
N PHE A 195 1.90 6.97 16.36
CA PHE A 195 1.43 7.03 17.74
C PHE A 195 2.49 7.73 18.59
N GLY A 196 2.03 8.44 19.61
CA GLY A 196 2.92 9.19 20.47
C GLY A 196 3.58 8.35 21.53
N THR A 197 4.57 7.56 21.10
CA THR A 197 5.27 6.65 22.02
C THR A 197 6.76 6.85 21.84
N PRO A 198 7.63 6.36 22.74
CA PRO A 198 9.07 6.58 22.64
C PRO A 198 9.69 6.11 21.33
N LEU A 199 8.99 5.29 20.55
CA LEU A 199 9.54 4.83 19.28
C LEU A 199 9.84 5.97 18.33
N LEU A 200 9.17 7.11 18.49
CA LEU A 200 9.40 8.28 17.65
C LEU A 200 10.48 9.19 18.21
N THR A 201 11.17 8.79 19.28
CA THR A 201 12.26 9.60 19.79
C THR A 201 13.38 9.74 18.78
N SER A 202 13.58 8.73 17.93
CA SER A 202 14.60 8.82 16.90
C SER A 202 14.25 9.91 15.89
N LEU A 203 12.98 10.01 15.53
CA LEU A 203 12.57 10.94 14.50
C LEU A 203 12.81 12.38 14.95
N PRO A 204 13.18 13.27 14.03
CA PRO A 204 13.27 14.69 14.39
C PRO A 204 11.89 15.21 14.78
N GLU A 205 11.90 16.21 15.67
CA GLU A 205 10.64 16.75 16.16
C GLU A 205 9.81 17.35 15.03
N LYS A 206 10.45 18.04 14.10
CA LYS A 206 9.71 18.64 13.00
C LYS A 206 9.14 17.57 12.08
N VAL A 207 9.87 16.47 11.87
CA VAL A 207 9.34 15.38 11.07
C VAL A 207 8.11 14.79 11.74
N CYS A 208 8.17 14.58 13.06
CA CYS A 208 7.01 14.05 13.77
C CYS A 208 5.81 14.98 13.67
N ASN A 209 6.04 16.28 13.85
CA ASN A 209 4.94 17.23 13.77
C ASN A 209 4.34 17.25 12.37
N PHE A 210 5.18 17.19 11.33
CA PHE A 210 4.66 17.15 9.97
C PHE A 210 3.83 15.90 9.73
N LEU A 211 4.38 14.74 10.07
CA LEU A 211 3.65 13.49 9.89
C LEU A 211 2.32 13.54 10.62
N ALA A 212 2.31 14.09 11.85
CA ALA A 212 1.08 14.23 12.59
C ALA A 212 0.09 15.12 11.86
N SER A 213 0.56 16.24 11.33
CA SER A 213 -0.33 17.12 10.57
C SER A 213 -0.84 16.47 9.30
N GLN A 214 -0.17 15.43 8.83
CA GLN A 214 -0.54 14.77 7.58
C GLN A 214 -1.57 13.65 7.76
N VAL A 215 -2.04 13.42 8.99
CA VAL A 215 -3.11 12.46 9.22
C VAL A 215 -4.43 13.13 8.83
N PRO A 216 -5.22 12.57 7.91
CA PRO A 216 -6.46 13.25 7.49
C PRO A 216 -7.34 13.64 8.67
N PHE A 217 -7.75 12.66 9.47
CA PHE A 217 -8.49 12.95 10.69
C PHE A 217 -8.52 11.73 11.60
N PRO A 218 -8.19 11.86 12.89
CA PRO A 218 -7.76 13.09 13.59
C PRO A 218 -6.35 13.47 13.19
N SER A 219 -6.11 14.76 12.96
CA SER A 219 -4.84 15.23 12.38
C SER A 219 -3.80 15.43 13.48
N ARG A 220 -3.43 14.33 14.12
CA ARG A 220 -2.47 14.37 15.22
C ARG A 220 -1.97 12.95 15.48
N LEU A 221 -0.85 12.88 16.19
CA LEU A 221 -0.26 11.58 16.52
C LEU A 221 -1.25 10.73 17.32
N GLY A 222 -1.33 9.45 16.97
CA GLY A 222 -2.27 8.58 17.63
C GLY A 222 -1.98 8.46 19.12
N ASP A 223 -3.03 8.22 19.88
CA ASP A 223 -2.95 8.08 21.33
C ASP A 223 -2.84 6.60 21.69
N PRO A 224 -1.83 6.17 22.45
CA PRO A 224 -1.73 4.75 22.78
C PRO A 224 -2.97 4.19 23.46
N ALA A 225 -3.71 5.04 24.18
CA ALA A 225 -4.97 4.59 24.75
C ALA A 225 -5.91 4.06 23.67
N GLU A 226 -5.83 4.60 22.45
CA GLU A 226 -6.67 4.12 21.36
C GLU A 226 -6.24 2.73 20.91
N TYR A 227 -4.92 2.48 20.88
CA TYR A 227 -4.45 1.13 20.58
C TYR A 227 -4.91 0.15 21.66
N ALA A 228 -4.85 0.55 22.92
CA ALA A 228 -5.35 -0.30 24.00
C ALA A 228 -6.84 -0.56 23.85
N HIS A 229 -7.61 0.47 23.47
CA HIS A 229 -9.04 0.29 23.26
C HIS A 229 -9.32 -0.69 22.14
N LEU A 230 -8.58 -0.60 21.03
CA LEU A 230 -8.78 -1.54 19.95
C LEU A 230 -8.38 -2.95 20.35
N VAL A 231 -7.31 -3.09 21.13
CA VAL A 231 -6.93 -4.41 21.63
C VAL A 231 -8.06 -5.00 22.47
N GLN A 232 -8.64 -4.18 23.35
CA GLN A 232 -9.76 -4.66 24.17
C GLN A 232 -10.94 -5.06 23.30
N ALA A 233 -11.23 -4.25 22.27
CA ALA A 233 -12.35 -4.57 21.38
C ALA A 233 -12.13 -5.89 20.66
N ILE A 234 -10.88 -6.14 20.24
CA ILE A 234 -10.56 -7.42 19.60
C ILE A 234 -10.74 -8.55 20.59
N ILE A 235 -10.31 -8.34 21.84
CA ILE A 235 -10.45 -9.39 22.86
C ILE A 235 -11.91 -9.71 23.10
N GLU A 236 -12.77 -8.69 23.10
CA GLU A 236 -14.18 -8.89 23.41
C GLU A 236 -15.00 -9.41 22.23
N ASN A 237 -14.47 -9.34 21.01
CA ASN A 237 -15.21 -9.80 19.84
C ASN A 237 -14.73 -11.19 19.46
N PRO A 238 -15.55 -12.23 19.56
CA PRO A 238 -15.08 -13.58 19.19
C PRO A 238 -15.07 -13.85 17.70
N PHE A 239 -15.67 -12.99 16.87
CA PHE A 239 -15.74 -13.24 15.44
C PHE A 239 -14.66 -12.49 14.66
N LEU A 240 -13.75 -11.81 15.35
CA LEU A 240 -12.60 -11.19 14.71
C LEU A 240 -11.44 -12.19 14.74
N ASN A 241 -10.95 -12.57 13.56
CA ASN A 241 -9.91 -13.59 13.49
C ASN A 241 -9.17 -13.47 12.17
N GLY A 242 -7.87 -13.69 12.21
CA GLY A 242 -7.06 -13.74 10.99
C GLY A 242 -7.14 -12.49 10.15
N GLU A 243 -7.14 -11.32 10.80
CA GLU A 243 -7.34 -10.06 10.10
C GLU A 243 -6.35 -9.03 10.65
N VAL A 244 -6.01 -8.07 9.80
CA VAL A 244 -5.16 -6.95 10.16
C VAL A 244 -6.01 -5.69 10.14
N ILE A 245 -5.95 -4.92 11.21
CA ILE A 245 -6.72 -3.69 11.35
C ILE A 245 -5.73 -2.53 11.36
N ARG A 246 -5.89 -1.62 10.40
CA ARG A 246 -5.02 -0.45 10.30
C ARG A 246 -5.56 0.63 11.24
N LEU A 247 -4.95 0.77 12.40
CA LEU A 247 -5.28 1.83 13.33
C LEU A 247 -4.36 3.03 13.12
N ASP A 248 -4.45 3.62 11.93
CA ASP A 248 -3.53 4.67 11.51
C ASP A 248 -4.18 6.04 11.37
N GLY A 249 -5.50 6.12 11.29
CA GLY A 249 -6.18 7.38 11.12
C GLY A 249 -6.35 7.84 9.69
N ALA A 250 -6.25 6.92 8.73
CA ALA A 250 -6.40 7.17 7.29
C ALA A 250 -5.13 7.73 6.67
N ILE A 251 -4.03 7.84 7.43
CA ILE A 251 -2.79 8.33 6.85
C ILE A 251 -2.18 7.26 5.96
N ARG A 252 -1.87 7.63 4.73
CA ARG A 252 -1.11 6.79 3.80
C ARG A 252 0.25 7.44 3.62
N MET A 253 1.31 6.72 3.95
CA MET A 253 2.64 7.32 3.93
C MET A 253 3.11 7.56 2.51
N GLN A 254 4.16 8.37 2.38
CA GLN A 254 4.76 8.74 1.12
C GLN A 254 6.27 8.62 1.25
N PRO A 255 6.99 8.54 0.12
CA PRO A 255 8.44 8.35 0.19
C PRO A 255 9.14 9.41 1.04
N SER B 1 12.61 -6.74 -26.16
CA SER B 1 13.94 -7.28 -26.44
C SER B 1 14.85 -7.16 -25.22
N VAL B 2 15.44 -8.29 -24.82
CA VAL B 2 16.34 -8.34 -23.67
C VAL B 2 17.73 -8.72 -24.14
N LYS B 3 18.08 -8.33 -25.35
CA LYS B 3 19.37 -8.69 -25.92
C LYS B 3 20.48 -7.91 -25.24
N GLY B 4 21.46 -8.62 -24.67
CA GLY B 4 22.61 -8.00 -24.06
C GLY B 4 22.49 -7.75 -22.57
N LEU B 5 21.28 -7.79 -22.02
CA LEU B 5 21.11 -7.57 -20.59
C LEU B 5 21.74 -8.71 -19.80
N VAL B 6 22.46 -8.35 -18.74
CA VAL B 6 23.08 -9.33 -17.85
C VAL B 6 22.18 -9.49 -16.63
N ALA B 7 21.78 -10.73 -16.36
CA ALA B 7 20.87 -11.04 -15.27
C ALA B 7 21.56 -11.97 -14.28
N VAL B 8 21.49 -11.62 -13.00
CA VAL B 8 21.98 -12.47 -11.92
C VAL B 8 20.76 -13.15 -11.30
N ILE B 9 20.67 -14.47 -11.46
CA ILE B 9 19.53 -15.25 -11.02
C ILE B 9 19.97 -16.12 -9.86
N THR B 10 19.38 -15.91 -8.69
CA THR B 10 19.69 -16.70 -7.52
C THR B 10 18.77 -17.92 -7.49
N GLY B 11 19.31 -19.04 -7.02
CA GLY B 11 18.57 -20.29 -7.11
C GLY B 11 18.22 -20.64 -8.53
N GLY B 12 19.13 -20.36 -9.46
CA GLY B 12 18.91 -20.61 -10.87
C GLY B 12 19.17 -22.01 -11.34
N ALA B 13 19.58 -22.91 -10.44
CA ALA B 13 19.88 -24.29 -10.81
C ALA B 13 18.66 -25.19 -10.72
N SER B 14 17.50 -24.60 -10.43
CA SER B 14 16.33 -25.48 -10.21
C SER B 14 15.01 -24.72 -10.24
N GLY B 15 14.02 -25.29 -10.92
CA GLY B 15 12.68 -24.72 -10.88
C GLY B 15 12.57 -23.37 -11.56
N LEU B 16 11.98 -22.41 -10.85
CA LEU B 16 11.67 -21.11 -11.43
C LEU B 16 12.94 -20.38 -11.85
N GLY B 17 13.97 -20.42 -11.01
CA GLY B 17 15.21 -19.76 -11.37
C GLY B 17 15.81 -20.30 -12.65
N LEU B 18 15.85 -21.63 -12.77
CA LEU B 18 16.41 -22.24 -13.97
C LEU B 18 15.56 -21.94 -15.20
N ALA B 19 14.22 -21.93 -15.04
CA ALA B 19 13.36 -21.59 -16.16
C ALA B 19 13.60 -20.16 -16.62
N THR B 20 13.73 -19.23 -15.66
CA THR B 20 14.01 -17.85 -16.01
C THR B 20 15.35 -17.72 -16.71
N ALA B 21 16.38 -18.40 -16.19
CA ALA B 21 17.69 -18.35 -16.83
C ALA B 21 17.62 -18.91 -18.24
N GLU B 22 16.89 -20.01 -18.44
CA GLU B 22 16.76 -20.59 -19.76
C GLU B 22 16.12 -19.62 -20.73
N ARG B 23 15.01 -18.99 -20.32
CA ARG B 23 14.34 -18.07 -21.22
C ARG B 23 15.20 -16.86 -21.52
N LEU B 24 15.88 -16.31 -20.51
CA LEU B 24 16.69 -15.12 -20.73
C LEU B 24 17.88 -15.42 -21.64
N VAL B 25 18.59 -16.54 -21.38
CA VAL B 25 19.74 -16.88 -22.22
C VAL B 25 19.29 -17.23 -23.63
N GLY B 26 18.13 -17.86 -23.77
CA GLY B 26 17.62 -18.20 -25.08
C GLY B 26 17.32 -16.99 -25.94
N GLN B 27 17.24 -15.80 -25.34
CA GLN B 27 16.97 -14.57 -26.07
C GLN B 27 18.15 -13.60 -26.05
N GLY B 28 19.37 -14.11 -25.84
CA GLY B 28 20.57 -13.33 -25.95
C GLY B 28 21.11 -12.78 -24.64
N ALA B 29 20.28 -12.73 -23.60
CA ALA B 29 20.73 -12.19 -22.33
C ALA B 29 21.77 -13.11 -21.69
N SER B 30 22.54 -12.55 -20.77
CA SER B 30 23.52 -13.30 -20.01
C SER B 30 22.94 -13.69 -18.65
N ALA B 31 23.48 -14.76 -18.07
CA ALA B 31 22.94 -15.30 -16.84
C ALA B 31 24.07 -15.70 -15.91
N VAL B 32 23.85 -15.50 -14.62
CA VAL B 32 24.79 -15.91 -13.57
C VAL B 32 23.96 -16.64 -12.53
N LEU B 33 23.91 -17.96 -12.62
CA LEU B 33 23.14 -18.78 -11.69
C LEU B 33 23.82 -18.75 -10.34
N LEU B 34 23.33 -17.90 -9.44
CA LEU B 34 23.90 -17.72 -8.11
C LEU B 34 23.24 -18.74 -7.18
N ASP B 35 23.87 -19.90 -7.04
CA ASP B 35 23.23 -21.03 -6.38
C ASP B 35 24.19 -21.68 -5.40
N LEU B 36 23.67 -22.66 -4.67
CA LEU B 36 24.45 -23.35 -3.66
C LEU B 36 25.52 -24.21 -4.34
N PRO B 37 26.65 -24.44 -3.65
CA PRO B 37 27.72 -25.24 -4.27
C PRO B 37 27.30 -26.65 -4.62
N ASN B 38 26.42 -27.27 -3.82
CA ASN B 38 26.03 -28.65 -4.03
C ASN B 38 24.73 -28.80 -4.82
N SER B 39 24.16 -27.69 -5.28
CA SER B 39 22.90 -27.76 -6.02
C SER B 39 23.05 -28.36 -7.41
N GLY B 40 24.27 -28.58 -7.88
CA GLY B 40 24.47 -29.05 -9.24
C GLY B 40 24.05 -28.03 -10.27
N GLY B 41 24.38 -26.76 -10.06
CA GLY B 41 24.03 -25.72 -11.00
C GLY B 41 25.07 -25.52 -12.08
N GLU B 42 26.28 -26.03 -11.85
CA GLU B 42 27.32 -25.93 -12.87
C GLU B 42 26.93 -26.73 -14.11
N ALA B 43 26.26 -27.86 -13.94
CA ALA B 43 25.77 -28.62 -15.08
C ALA B 43 24.75 -27.81 -15.86
N GLN B 44 23.85 -27.13 -15.17
CA GLN B 44 22.85 -26.30 -15.84
C GLN B 44 23.52 -25.14 -16.58
N ALA B 45 24.52 -24.52 -15.97
CA ALA B 45 25.25 -23.46 -16.64
C ALA B 45 25.93 -23.97 -17.90
N LYS B 46 26.55 -25.15 -17.82
CA LYS B 46 27.18 -25.75 -18.99
C LYS B 46 26.14 -26.02 -20.08
N LYS B 47 24.97 -26.53 -19.69
CA LYS B 47 23.91 -26.79 -20.66
C LYS B 47 23.46 -25.50 -21.34
N LEU B 48 23.30 -24.42 -20.57
CA LEU B 48 22.74 -23.19 -21.11
C LEU B 48 23.63 -22.61 -22.20
N GLY B 49 24.94 -22.60 -21.98
CA GLY B 49 25.88 -22.14 -22.97
C GLY B 49 26.96 -21.29 -22.34
N ASN B 50 27.70 -20.58 -23.19
CA ASN B 50 28.75 -19.69 -22.72
C ASN B 50 28.19 -18.40 -22.13
N ASN B 51 27.00 -17.98 -22.58
CA ASN B 51 26.38 -16.78 -22.04
C ASN B 51 26.03 -16.93 -20.56
N CYS B 52 25.90 -18.16 -20.08
CA CYS B 52 25.53 -18.44 -18.70
C CYS B 52 26.71 -18.98 -17.92
N VAL B 53 26.88 -18.49 -16.69
CA VAL B 53 27.91 -18.96 -15.80
C VAL B 53 27.26 -19.31 -14.46
N PHE B 54 27.98 -20.08 -13.65
CA PHE B 54 27.48 -20.56 -12.37
C PHE B 54 28.33 -19.97 -11.24
N ALA B 55 27.67 -19.35 -10.27
CA ALA B 55 28.34 -18.79 -9.10
C ALA B 55 27.93 -19.57 -7.86
N PRO B 56 28.82 -20.37 -7.27
CA PRO B 56 28.44 -21.08 -6.04
C PRO B 56 28.39 -20.15 -4.84
N ALA B 57 27.19 -19.80 -4.39
CA ALA B 57 27.04 -18.86 -3.29
C ALA B 57 25.82 -19.23 -2.46
N ASP B 58 25.89 -18.84 -1.19
CA ASP B 58 24.72 -19.00 -0.31
C ASP B 58 24.22 -17.58 -0.07
N VAL B 59 22.95 -17.34 -0.39
CA VAL B 59 22.41 -15.99 -0.32
C VAL B 59 22.37 -15.48 1.12
N THR B 60 22.30 -16.39 2.10
CA THR B 60 22.29 -15.97 3.49
C THR B 60 23.65 -15.45 3.95
N SER B 61 24.70 -15.61 3.16
CA SER B 61 26.04 -15.18 3.52
C SER B 61 26.45 -14.00 2.64
N GLU B 62 26.92 -12.93 3.29
CA GLU B 62 27.31 -11.74 2.55
C GLU B 62 28.51 -12.00 1.65
N LYS B 63 29.50 -12.73 2.16
CA LYS B 63 30.73 -12.95 1.39
C LYS B 63 30.44 -13.73 0.11
N ASP B 64 29.58 -14.75 0.19
CA ASP B 64 29.29 -15.55 -1.00
C ASP B 64 28.59 -14.72 -2.06
N VAL B 65 27.62 -13.89 -1.66
CA VAL B 65 26.93 -13.05 -2.63
C VAL B 65 27.89 -12.03 -3.23
N GLN B 66 28.78 -11.48 -2.40
CA GLN B 66 29.76 -10.54 -2.92
C GLN B 66 30.66 -11.21 -3.95
N THR B 67 31.11 -12.44 -3.67
CA THR B 67 31.95 -13.16 -4.62
C THR B 67 31.19 -13.44 -5.91
N ALA B 68 29.93 -13.85 -5.81
CA ALA B 68 29.16 -14.11 -7.01
C ALA B 68 28.97 -12.84 -7.84
N LEU B 69 28.70 -11.71 -7.19
CA LEU B 69 28.52 -10.46 -7.93
C LEU B 69 29.82 -10.02 -8.57
N ALA B 70 30.95 -10.21 -7.87
CA ALA B 70 32.25 -9.90 -8.47
C ALA B 70 32.50 -10.78 -9.68
N LEU B 71 32.16 -12.06 -9.59
CA LEU B 71 32.30 -12.95 -10.74
C LEU B 71 31.44 -12.46 -11.90
N ALA B 72 30.20 -12.08 -11.63
CA ALA B 72 29.31 -11.60 -12.69
C ALA B 72 29.87 -10.35 -13.35
N LYS B 73 30.36 -9.40 -12.54
CA LYS B 73 30.91 -8.18 -13.09
C LYS B 73 32.15 -8.46 -13.93
N GLY B 74 33.04 -9.33 -13.44
CA GLY B 74 34.22 -9.66 -14.21
C GLY B 74 33.90 -10.35 -15.52
N LYS B 75 32.96 -11.29 -15.49
CA LYS B 75 32.66 -12.06 -16.69
C LYS B 75 31.91 -11.23 -17.73
N PHE B 76 30.91 -10.45 -17.30
CA PHE B 76 30.05 -9.73 -18.23
C PHE B 76 30.12 -8.22 -18.10
N GLY B 77 30.67 -7.68 -17.01
CA GLY B 77 30.87 -6.26 -16.89
C GLY B 77 29.71 -5.48 -16.32
N ARG B 78 28.52 -6.07 -16.27
CA ARG B 78 27.34 -5.37 -15.80
C ARG B 78 26.40 -6.35 -15.10
N VAL B 79 25.54 -5.81 -14.26
CA VAL B 79 24.41 -6.54 -13.70
C VAL B 79 23.17 -5.69 -14.01
N ASP B 80 22.54 -5.96 -15.14
CA ASP B 80 21.40 -5.17 -15.57
C ASP B 80 20.08 -5.65 -14.99
N VAL B 81 20.04 -6.86 -14.41
CA VAL B 81 18.81 -7.42 -13.85
C VAL B 81 19.19 -8.37 -12.74
N ALA B 82 18.32 -8.47 -11.74
CA ALA B 82 18.46 -9.44 -10.67
C ALA B 82 17.14 -10.18 -10.49
N VAL B 83 17.23 -11.49 -10.29
CA VAL B 83 16.08 -12.33 -10.00
C VAL B 83 16.36 -13.09 -8.72
N ASN B 84 15.49 -12.93 -7.73
CA ASN B 84 15.61 -13.59 -6.43
C ASN B 84 14.61 -14.73 -6.40
N CYS B 85 15.07 -15.90 -6.83
CA CYS B 85 14.26 -17.12 -6.84
C CYS B 85 14.77 -18.17 -5.86
N ALA B 86 15.77 -17.84 -5.06
CA ALA B 86 16.36 -18.80 -4.13
C ALA B 86 15.59 -18.79 -2.82
N GLY B 87 14.99 -19.93 -2.47
CA GLY B 87 14.25 -20.03 -1.24
C GLY B 87 13.96 -21.48 -0.92
N ILE B 88 13.49 -21.70 0.31
CA ILE B 88 13.14 -23.03 0.78
C ILE B 88 11.75 -22.96 1.42
N ALA B 89 11.10 -24.12 1.46
CA ALA B 89 9.77 -24.25 2.03
C ALA B 89 9.82 -25.26 3.18
N VAL B 90 9.17 -24.92 4.29
CA VAL B 90 9.06 -25.81 5.44
C VAL B 90 7.61 -25.82 5.88
N ALA B 91 7.06 -27.02 6.07
CA ALA B 91 5.68 -27.19 6.51
C ALA B 91 5.69 -27.70 7.93
N SER B 92 5.10 -26.93 8.84
CA SER B 92 5.07 -27.29 10.25
C SER B 92 4.04 -26.42 10.95
N LYS B 93 3.09 -27.05 11.63
CA LYS B 93 2.05 -26.31 12.34
C LYS B 93 2.65 -25.53 13.50
N THR B 94 2.06 -24.37 13.79
CA THR B 94 2.53 -23.55 14.89
C THR B 94 2.51 -24.34 16.20
N TYR B 95 1.38 -24.96 16.50
CA TYR B 95 1.24 -25.80 17.69
C TYR B 95 0.23 -26.89 17.39
N ASN B 96 0.55 -28.11 17.78
CA ASN B 96 -0.32 -29.27 17.56
C ASN B 96 -0.76 -29.77 18.94
N LEU B 97 -1.96 -29.38 19.35
CA LEU B 97 -2.44 -29.72 20.68
C LEU B 97 -2.57 -31.22 20.85
N LYS B 98 -3.12 -31.91 19.86
CA LYS B 98 -3.30 -33.36 19.97
C LYS B 98 -1.96 -34.06 20.13
N LYS B 99 -0.98 -33.70 19.31
CA LYS B 99 0.34 -34.30 19.38
C LYS B 99 1.28 -33.57 20.32
N GLY B 100 0.87 -32.44 20.88
CA GLY B 100 1.72 -31.70 21.81
C GLY B 100 3.04 -31.28 21.21
N GLN B 101 3.03 -30.89 19.94
CA GLN B 101 4.24 -30.50 19.22
C GLN B 101 4.16 -29.01 18.90
N THR B 102 5.22 -28.29 19.21
CA THR B 102 5.30 -26.85 18.99
C THR B 102 6.36 -26.56 17.92
N HIS B 103 6.01 -25.67 16.99
CA HIS B 103 6.92 -25.28 15.94
C HIS B 103 8.28 -24.94 16.51
N THR B 104 9.33 -25.57 15.98
CA THR B 104 10.68 -25.29 16.45
C THR B 104 11.14 -23.94 15.92
N LEU B 105 11.67 -23.11 16.81
CA LEU B 105 12.15 -21.80 16.40
C LEU B 105 13.29 -21.92 15.39
N GLU B 106 14.01 -23.04 15.40
CA GLU B 106 15.10 -23.22 14.45
C GLU B 106 14.58 -23.25 13.02
N ASP B 107 13.47 -23.95 12.78
CA ASP B 107 12.91 -24.00 11.43
C ASP B 107 12.44 -22.64 10.96
N PHE B 108 11.78 -21.89 11.84
CA PHE B 108 11.32 -20.54 11.49
C PHE B 108 12.52 -19.65 11.16
N GLN B 109 13.55 -19.71 12.00
CA GLN B 109 14.74 -18.89 11.77
C GLN B 109 15.41 -19.25 10.46
N ARG B 110 15.53 -20.55 10.17
CA ARG B 110 16.17 -20.98 8.93
C ARG B 110 15.37 -20.52 7.72
N VAL B 111 14.04 -20.68 7.77
CA VAL B 111 13.21 -20.30 6.62
C VAL B 111 13.33 -18.81 6.37
N LEU B 112 13.23 -18.00 7.42
CA LEU B 112 13.39 -16.55 7.25
C LEU B 112 14.78 -16.22 6.71
N ASP B 113 15.83 -16.82 7.29
CA ASP B 113 17.18 -16.52 6.85
C ASP B 113 17.34 -16.79 5.36
N VAL B 114 16.84 -17.93 4.89
CA VAL B 114 17.04 -18.29 3.49
C VAL B 114 16.18 -17.40 2.59
N ASN B 115 14.91 -17.20 2.94
CA ASN B 115 14.01 -16.48 2.04
C ASN B 115 14.14 -14.97 2.18
N LEU B 116 13.76 -14.44 3.34
CA LEU B 116 13.64 -12.99 3.50
C LEU B 116 15.01 -12.34 3.64
N MET B 117 15.82 -12.84 4.57
CA MET B 117 17.17 -12.29 4.74
C MET B 117 18.00 -12.51 3.48
N GLY B 118 17.86 -13.66 2.84
CA GLY B 118 18.58 -13.90 1.61
C GLY B 118 18.19 -12.94 0.51
N THR B 119 16.89 -12.74 0.32
CA THR B 119 16.43 -11.81 -0.71
C THR B 119 16.90 -10.41 -0.44
N PHE B 120 16.81 -9.95 0.81
CA PHE B 120 17.26 -8.60 1.12
C PHE B 120 18.77 -8.48 0.93
N ASN B 121 19.53 -9.50 1.31
CA ASN B 121 20.98 -9.47 1.13
C ASN B 121 21.33 -9.35 -0.34
N VAL B 122 20.69 -10.15 -1.19
CA VAL B 122 20.96 -10.08 -2.62
C VAL B 122 20.57 -8.71 -3.16
N ILE B 123 19.41 -8.19 -2.73
CA ILE B 123 18.96 -6.89 -3.22
C ILE B 123 19.97 -5.81 -2.84
N ARG B 124 20.41 -5.81 -1.58
CA ARG B 124 21.29 -4.76 -1.11
C ARG B 124 22.68 -4.86 -1.72
N LEU B 125 23.16 -6.07 -1.99
CA LEU B 125 24.49 -6.22 -2.58
C LEU B 125 24.48 -6.03 -4.10
N VAL B 126 23.35 -6.23 -4.76
CA VAL B 126 23.26 -5.98 -6.19
C VAL B 126 22.83 -4.55 -6.50
N ALA B 127 22.26 -3.84 -5.52
CA ALA B 127 21.91 -2.45 -5.73
C ALA B 127 23.14 -1.61 -6.02
N GLY B 128 24.25 -1.88 -5.33
CA GLY B 128 25.46 -1.14 -5.60
C GLY B 128 25.98 -1.36 -7.01
N GLU B 129 26.03 -2.62 -7.43
CA GLU B 129 26.50 -2.94 -8.78
C GLU B 129 25.59 -2.31 -9.83
N MET B 130 24.27 -2.34 -9.61
CA MET B 130 23.36 -1.73 -10.56
C MET B 130 23.41 -0.21 -10.51
N GLY B 131 23.87 0.37 -9.40
CA GLY B 131 24.00 1.81 -9.30
C GLY B 131 25.29 2.34 -9.90
N GLN B 132 26.35 1.52 -9.94
CA GLN B 132 27.55 1.93 -10.68
C GLN B 132 27.30 2.03 -12.17
N ASN B 133 26.24 1.41 -12.68
CA ASN B 133 25.93 1.49 -14.09
C ASN B 133 25.56 2.92 -14.46
N GLU B 134 25.53 3.19 -15.76
CA GLU B 134 25.09 4.49 -16.24
C GLU B 134 23.63 4.41 -16.68
N PRO B 135 22.79 5.38 -16.32
CA PRO B 135 21.38 5.30 -16.70
C PRO B 135 21.22 5.28 -18.22
N ASP B 136 20.28 4.47 -18.68
CA ASP B 136 19.97 4.40 -20.10
C ASP B 136 19.03 5.55 -20.47
N GLN B 137 18.47 5.50 -21.68
CA GLN B 137 17.53 6.53 -22.10
C GLN B 137 16.21 6.37 -21.37
N GLY B 138 16.08 7.05 -20.23
CA GLY B 138 14.92 6.89 -19.38
C GLY B 138 15.30 6.87 -17.90
N GLY B 139 16.61 6.83 -17.63
CA GLY B 139 17.11 6.88 -16.28
C GLY B 139 17.28 5.53 -15.61
N GLN B 140 16.81 4.46 -16.21
CA GLN B 140 16.87 3.15 -15.58
C GLN B 140 18.31 2.68 -15.45
N ARG B 141 18.62 2.04 -14.33
CA ARG B 141 19.90 1.40 -14.12
C ARG B 141 19.78 -0.09 -13.84
N GLY B 142 18.57 -0.62 -13.77
CA GLY B 142 18.39 -2.04 -13.57
C GLY B 142 17.00 -2.35 -13.08
N VAL B 143 16.75 -3.65 -12.90
CA VAL B 143 15.48 -4.15 -12.41
C VAL B 143 15.76 -5.30 -11.45
N ILE B 144 14.94 -5.41 -10.41
CA ILE B 144 15.03 -6.49 -9.44
C ILE B 144 13.65 -7.13 -9.34
N ILE B 145 13.60 -8.45 -9.54
CA ILE B 145 12.36 -9.22 -9.48
C ILE B 145 12.52 -10.22 -8.34
N ASN B 146 11.75 -10.03 -7.28
CA ASN B 146 11.74 -10.94 -6.14
C ASN B 146 10.71 -12.04 -6.38
N THR B 147 10.87 -13.15 -5.67
CA THR B 147 9.90 -14.24 -5.71
C THR B 147 9.27 -14.38 -4.33
N ALA B 148 8.13 -13.71 -4.14
CA ALA B 148 7.28 -13.95 -2.99
C ALA B 148 6.44 -15.19 -3.28
N SER B 149 5.38 -15.42 -2.52
CA SER B 149 4.44 -16.48 -2.80
C SER B 149 3.03 -16.02 -2.46
N VAL B 150 2.05 -16.74 -2.98
CA VAL B 150 0.67 -16.52 -2.55
C VAL B 150 0.47 -16.91 -1.10
N ALA B 151 1.45 -17.59 -0.50
CA ALA B 151 1.42 -17.84 0.93
C ALA B 151 1.54 -16.55 1.73
N ALA B 152 1.94 -15.46 1.08
CA ALA B 152 2.01 -14.16 1.74
C ALA B 152 0.66 -13.48 1.84
N PHE B 153 -0.36 -13.98 1.15
CA PHE B 153 -1.71 -13.43 1.19
C PHE B 153 -2.71 -14.39 1.82
N GLU B 154 -2.81 -15.61 1.29
CA GLU B 154 -3.69 -16.65 1.83
C GLU B 154 -2.84 -17.89 2.06
N GLY B 155 -2.22 -17.97 3.24
CA GLY B 155 -1.41 -19.12 3.59
C GLY B 155 -2.25 -20.24 4.17
N GLN B 156 -1.76 -21.47 3.99
CA GLN B 156 -2.47 -22.65 4.47
C GLN B 156 -1.99 -23.03 5.87
N VAL B 157 -2.55 -24.11 6.39
CA VAL B 157 -2.13 -24.61 7.69
C VAL B 157 -0.71 -25.15 7.59
N GLY B 158 0.04 -25.04 8.69
CA GLY B 158 1.42 -25.50 8.69
C GLY B 158 2.27 -24.79 7.66
N GLN B 159 2.06 -23.49 7.48
CA GLN B 159 2.83 -22.70 6.52
C GLN B 159 3.17 -21.34 7.11
N ALA B 160 3.38 -21.27 8.43
CA ALA B 160 3.53 -19.98 9.09
C ALA B 160 4.87 -19.33 8.76
N ALA B 161 5.97 -20.09 8.80
CA ALA B 161 7.28 -19.50 8.55
C ALA B 161 7.43 -19.10 7.08
N TYR B 162 6.99 -19.96 6.17
CA TYR B 162 7.04 -19.63 4.76
C TYR B 162 6.21 -18.38 4.47
N SER B 163 5.01 -18.31 5.01
CA SER B 163 4.16 -17.14 4.81
C SER B 163 4.78 -15.90 5.44
N ALA B 164 5.45 -16.05 6.59
CA ALA B 164 6.11 -14.92 7.20
C ALA B 164 7.19 -14.35 6.29
N SER B 165 8.04 -15.23 5.75
CA SER B 165 9.11 -14.75 4.88
C SER B 165 8.55 -14.12 3.61
N LYS B 166 7.55 -14.75 2.98
CA LYS B 166 7.01 -14.20 1.75
C LYS B 166 6.25 -12.91 2.00
N GLY B 167 5.55 -12.80 3.13
CA GLY B 167 4.92 -11.53 3.48
C GLY B 167 5.94 -10.45 3.75
N GLY B 168 7.07 -10.82 4.33
CA GLY B 168 8.15 -9.85 4.47
C GLY B 168 8.62 -9.32 3.14
N ILE B 169 8.83 -10.22 2.17
CA ILE B 169 9.22 -9.78 0.84
C ILE B 169 8.16 -8.86 0.24
N VAL B 170 6.90 -9.26 0.35
CA VAL B 170 5.82 -8.45 -0.22
C VAL B 170 5.80 -7.07 0.42
N GLY B 171 5.94 -7.00 1.73
CA GLY B 171 5.91 -5.72 2.41
C GLY B 171 7.10 -4.84 2.05
N MET B 172 8.29 -5.42 1.97
CA MET B 172 9.50 -4.64 1.73
C MET B 172 9.74 -4.38 0.25
N THR B 173 8.88 -4.87 -0.64
CA THR B 173 9.01 -4.50 -2.05
C THR B 173 8.92 -2.99 -2.26
N LEU B 174 7.98 -2.32 -1.59
CA LEU B 174 7.75 -0.90 -1.83
C LEU B 174 8.79 -0.01 -1.15
N PRO B 175 9.11 -0.25 0.13
CA PRO B 175 10.18 0.56 0.75
C PRO B 175 11.47 0.53 -0.04
N ILE B 176 11.85 -0.64 -0.54
CA ILE B 176 13.07 -0.75 -1.33
C ILE B 176 12.88 -0.14 -2.72
N ALA B 177 11.65 -0.18 -3.24
CA ALA B 177 11.37 0.47 -4.50
C ALA B 177 11.43 1.99 -4.38
N ARG B 178 11.28 2.52 -3.17
CA ARG B 178 11.42 3.96 -2.94
C ARG B 178 12.84 4.36 -2.54
N ASP B 179 13.58 3.48 -1.87
CA ASP B 179 14.97 3.77 -1.57
C ASP B 179 15.80 3.92 -2.84
N LEU B 180 15.57 3.04 -3.81
CA LEU B 180 16.35 3.00 -5.04
C LEU B 180 15.70 3.76 -6.18
N ALA B 181 14.54 4.38 -5.96
CA ALA B 181 13.92 5.17 -7.02
C ALA B 181 14.82 6.29 -7.50
N PRO B 182 15.52 7.04 -6.65
CA PRO B 182 16.43 8.07 -7.16
C PRO B 182 17.46 7.51 -8.13
N ILE B 183 18.00 6.32 -7.82
CA ILE B 183 18.99 5.71 -8.69
C ILE B 183 18.38 5.37 -10.04
N GLY B 184 17.18 4.81 -10.03
CA GLY B 184 16.54 4.32 -11.22
C GLY B 184 16.39 2.82 -11.28
N ILE B 185 16.48 2.13 -10.15
CA ILE B 185 16.35 0.67 -10.10
C ILE B 185 14.89 0.34 -9.81
N ARG B 186 14.24 -0.36 -10.74
CA ARG B 186 12.89 -0.85 -10.50
C ARG B 186 12.95 -2.11 -9.67
N VAL B 187 12.00 -2.25 -8.75
CA VAL B 187 11.93 -3.41 -7.86
C VAL B 187 10.51 -3.94 -7.90
N MET B 188 10.31 -5.08 -8.55
CA MET B 188 9.03 -5.75 -8.65
C MET B 188 9.07 -7.04 -7.85
N THR B 189 7.88 -7.62 -7.65
CA THR B 189 7.75 -8.88 -6.94
C THR B 189 6.75 -9.74 -7.70
N ILE B 190 6.98 -11.05 -7.68
CA ILE B 190 6.07 -12.02 -8.28
C ILE B 190 5.65 -12.99 -7.20
N ALA B 191 4.34 -13.16 -7.04
CA ALA B 191 3.81 -14.11 -6.07
C ALA B 191 3.21 -15.29 -6.80
N PRO B 192 4.03 -16.25 -7.24
CA PRO B 192 3.49 -17.41 -7.95
C PRO B 192 2.62 -18.25 -7.06
N GLY B 193 1.67 -18.95 -7.69
CA GLY B 193 0.77 -19.82 -6.96
C GLY B 193 1.36 -21.20 -6.84
N LEU B 194 0.69 -22.20 -7.41
CA LEU B 194 1.21 -23.56 -7.47
C LEU B 194 1.87 -23.77 -8.83
N PHE B 195 3.15 -24.09 -8.81
CA PHE B 195 3.95 -24.29 -10.01
C PHE B 195 4.60 -25.66 -9.95
N GLY B 196 4.77 -26.27 -11.12
CA GLY B 196 5.37 -27.60 -11.16
C GLY B 196 6.86 -27.53 -11.10
N THR B 197 7.43 -27.69 -9.96
CA THR B 197 8.89 -27.62 -9.79
C THR B 197 9.30 -28.45 -8.56
N PRO B 198 10.54 -28.77 -8.31
CA PRO B 198 10.96 -29.67 -7.21
C PRO B 198 10.45 -29.25 -5.85
N LEU B 199 10.09 -27.99 -5.65
CA LEU B 199 9.59 -27.55 -4.36
C LEU B 199 8.35 -28.33 -3.94
N LEU B 200 7.59 -28.83 -4.91
CA LEU B 200 6.37 -29.59 -4.63
C LEU B 200 6.63 -31.07 -4.40
N THR B 201 7.88 -31.54 -4.52
CA THR B 201 8.15 -32.94 -4.30
C THR B 201 7.82 -33.37 -2.88
N SER B 202 7.93 -32.45 -1.92
CA SER B 202 7.62 -32.79 -0.54
C SER B 202 6.14 -33.15 -0.38
N LEU B 203 5.26 -32.38 -1.04
CA LEU B 203 3.84 -32.63 -0.90
C LEU B 203 3.47 -34.00 -1.49
N PRO B 204 2.50 -34.69 -0.89
CA PRO B 204 2.06 -35.97 -1.46
C PRO B 204 1.55 -35.80 -2.89
N GLU B 205 1.83 -36.81 -3.71
CA GLU B 205 1.43 -36.73 -5.12
C GLU B 205 -0.07 -36.51 -5.25
N LYS B 206 -0.87 -37.20 -4.46
CA LYS B 206 -2.32 -37.00 -4.51
C LYS B 206 -2.68 -35.57 -4.14
N VAL B 207 -2.02 -35.01 -3.13
CA VAL B 207 -2.27 -33.63 -2.75
C VAL B 207 -1.90 -32.69 -3.90
N CYS B 208 -0.77 -32.96 -4.56
CA CYS B 208 -0.35 -32.11 -5.67
C CYS B 208 -1.38 -32.16 -6.80
N ASN B 209 -1.87 -33.35 -7.14
CA ASN B 209 -2.87 -33.46 -8.19
C ASN B 209 -4.16 -32.74 -7.80
N PHE B 210 -4.57 -32.88 -6.55
CA PHE B 210 -5.77 -32.18 -6.08
C PHE B 210 -5.60 -30.67 -6.22
N LEU B 211 -4.46 -30.15 -5.77
CA LEU B 211 -4.21 -28.71 -5.87
C LEU B 211 -4.22 -28.26 -7.33
N ALA B 212 -3.52 -29.00 -8.18
CA ALA B 212 -3.52 -28.67 -9.61
C ALA B 212 -4.93 -28.66 -10.19
N SER B 213 -5.79 -29.54 -9.68
CA SER B 213 -7.19 -29.53 -10.11
C SER B 213 -7.95 -28.37 -9.49
N GLN B 214 -7.46 -27.80 -8.39
CA GLN B 214 -8.16 -26.71 -7.72
C GLN B 214 -7.91 -25.35 -8.35
N VAL B 215 -6.93 -25.23 -9.23
CA VAL B 215 -6.67 -23.93 -9.89
C VAL B 215 -7.84 -23.62 -10.82
N PRO B 216 -8.51 -22.46 -10.69
CA PRO B 216 -9.66 -22.17 -11.55
C PRO B 216 -9.33 -22.32 -13.04
N PHE B 217 -8.30 -21.64 -13.50
CA PHE B 217 -7.86 -21.80 -14.88
C PHE B 217 -6.46 -21.24 -15.09
N PRO B 218 -5.56 -21.98 -15.75
CA PRO B 218 -5.70 -23.36 -16.23
C PRO B 218 -5.63 -24.34 -15.06
N SER B 219 -6.46 -25.38 -15.04
CA SER B 219 -6.51 -26.31 -13.92
C SER B 219 -5.29 -27.24 -13.96
N ARG B 220 -4.12 -26.64 -13.74
CA ARG B 220 -2.88 -27.38 -13.77
C ARG B 220 -1.83 -26.60 -12.98
N LEU B 221 -0.76 -27.30 -12.63
CA LEU B 221 0.38 -26.63 -12.01
C LEU B 221 1.01 -25.67 -13.00
N GLY B 222 1.36 -24.47 -12.51
CA GLY B 222 1.93 -23.47 -13.39
C GLY B 222 3.23 -23.94 -13.99
N ASP B 223 3.40 -23.67 -15.28
CA ASP B 223 4.64 -24.00 -15.97
C ASP B 223 5.72 -22.98 -15.60
N PRO B 224 6.90 -23.42 -15.18
CA PRO B 224 7.97 -22.44 -14.90
C PRO B 224 8.27 -21.53 -16.07
N ALA B 225 8.06 -22.00 -17.30
CA ALA B 225 8.20 -21.13 -18.46
C ALA B 225 7.31 -19.90 -18.36
N GLU B 226 6.15 -20.05 -17.71
CA GLU B 226 5.25 -18.89 -17.55
C GLU B 226 5.82 -17.90 -16.54
N TYR B 227 6.46 -18.40 -15.48
CA TYR B 227 7.15 -17.50 -14.56
C TYR B 227 8.28 -16.77 -15.28
N ALA B 228 9.03 -17.47 -16.13
CA ALA B 228 10.09 -16.82 -16.89
C ALA B 228 9.50 -15.78 -17.85
N HIS B 229 8.37 -16.08 -18.46
CA HIS B 229 7.71 -15.13 -19.35
C HIS B 229 7.30 -13.87 -18.59
N LEU B 230 6.73 -14.03 -17.40
CA LEU B 230 6.34 -12.87 -16.62
C LEU B 230 7.57 -12.07 -16.20
N VAL B 231 8.66 -12.75 -15.83
CA VAL B 231 9.88 -12.05 -15.46
C VAL B 231 10.38 -11.23 -16.64
N GLN B 232 10.39 -11.81 -17.83
CA GLN B 232 10.83 -11.07 -19.01
C GLN B 232 9.92 -9.88 -19.28
N ALA B 233 8.61 -10.07 -19.14
CA ALA B 233 7.68 -8.98 -19.37
C ALA B 233 7.91 -7.85 -18.37
N ILE B 234 8.21 -8.19 -17.13
CA ILE B 234 8.50 -7.17 -16.12
C ILE B 234 9.78 -6.43 -16.48
N ILE B 235 10.80 -7.16 -16.95
CA ILE B 235 12.04 -6.52 -17.35
C ILE B 235 11.81 -5.55 -18.50
N GLU B 236 11.02 -5.97 -19.49
CA GLU B 236 10.81 -5.15 -20.68
C GLU B 236 10.01 -3.89 -20.35
N ASN B 237 9.00 -4.00 -19.52
CA ASN B 237 8.14 -2.86 -19.24
C ASN B 237 8.84 -1.90 -18.28
N PRO B 238 9.08 -0.64 -18.67
CA PRO B 238 9.77 0.30 -17.79
C PRO B 238 8.87 1.04 -16.80
N PHE B 239 7.58 0.69 -16.72
CA PHE B 239 6.66 1.40 -15.83
C PHE B 239 6.07 0.47 -14.78
N LEU B 240 6.57 -0.76 -14.66
CA LEU B 240 6.16 -1.69 -13.60
C LEU B 240 7.16 -1.56 -12.46
N ASN B 241 6.69 -1.04 -11.33
CA ASN B 241 7.59 -0.75 -10.21
C ASN B 241 6.81 -0.83 -8.91
N GLY B 242 7.47 -1.34 -7.87
CA GLY B 242 6.89 -1.36 -6.54
C GLY B 242 5.56 -2.06 -6.46
N GLU B 243 5.41 -3.17 -7.18
CA GLU B 243 4.14 -3.86 -7.28
C GLU B 243 4.38 -5.36 -7.16
N VAL B 244 3.36 -6.06 -6.67
CA VAL B 244 3.38 -7.52 -6.54
C VAL B 244 2.35 -8.09 -7.51
N ILE B 245 2.78 -9.04 -8.33
CA ILE B 245 1.94 -9.65 -9.36
C ILE B 245 1.75 -11.11 -8.99
N ARG B 246 0.49 -11.49 -8.74
CA ARG B 246 0.16 -12.87 -8.36
C ARG B 246 0.08 -13.70 -9.63
N LEU B 247 1.09 -14.52 -9.87
CA LEU B 247 1.09 -15.45 -10.99
C LEU B 247 0.66 -16.83 -10.49
N ASP B 248 -0.63 -16.93 -10.16
CA ASP B 248 -1.16 -18.10 -9.50
C ASP B 248 -2.27 -18.81 -10.26
N GLY B 249 -2.91 -18.15 -11.22
CA GLY B 249 -4.00 -18.78 -11.95
C GLY B 249 -5.36 -18.63 -11.33
N ALA B 250 -5.55 -17.66 -10.45
CA ALA B 250 -6.80 -17.34 -9.76
C ALA B 250 -7.07 -18.28 -8.60
N ILE B 251 -6.12 -19.13 -8.23
CA ILE B 251 -6.31 -20.02 -7.09
C ILE B 251 -6.17 -19.22 -5.80
N ARG B 252 -7.16 -19.36 -4.92
CA ARG B 252 -7.09 -18.82 -3.56
C ARG B 252 -7.05 -20.00 -2.60
N MET B 253 -6.00 -20.05 -1.79
CA MET B 253 -5.73 -21.22 -0.95
C MET B 253 -6.69 -21.25 0.24
N GLN B 254 -7.53 -22.27 0.28
CA GLN B 254 -8.39 -22.52 1.43
C GLN B 254 -7.58 -23.11 2.57
N PRO B 255 -8.10 -23.07 3.81
CA PRO B 255 -7.33 -23.44 5.01
C PRO B 255 -6.45 -24.67 4.84
N SER C 1 3.78 -14.66 -30.07
CA SER C 1 3.24 -13.42 -30.61
C SER C 1 1.73 -13.39 -30.47
N VAL C 2 1.10 -12.42 -31.14
CA VAL C 2 -0.35 -12.25 -31.10
C VAL C 2 -0.95 -12.34 -32.50
N LYS C 3 -0.22 -12.91 -33.45
CA LYS C 3 -0.71 -12.98 -34.82
C LYS C 3 -2.01 -13.78 -34.89
N GLY C 4 -2.98 -13.23 -35.60
CA GLY C 4 -4.26 -13.90 -35.80
C GLY C 4 -5.27 -13.70 -34.70
N LEU C 5 -4.90 -13.03 -33.61
CA LEU C 5 -5.84 -12.78 -32.53
C LEU C 5 -6.72 -11.58 -32.87
N VAL C 6 -8.01 -11.68 -32.54
CA VAL C 6 -8.97 -10.61 -32.75
C VAL C 6 -9.30 -10.00 -31.39
N ALA C 7 -9.12 -8.69 -31.27
CA ALA C 7 -9.33 -7.97 -30.02
C ALA C 7 -10.43 -6.95 -30.19
N VAL C 8 -11.38 -6.95 -29.27
CA VAL C 8 -12.42 -5.93 -29.20
C VAL C 8 -12.02 -4.96 -28.11
N ILE C 9 -11.72 -3.72 -28.49
CA ILE C 9 -11.15 -2.73 -27.59
C ILE C 9 -12.16 -1.60 -27.42
N THR C 10 -12.67 -1.43 -26.21
CA THR C 10 -13.53 -0.31 -25.89
C THR C 10 -12.67 0.88 -25.46
N GLY C 11 -13.11 2.08 -25.82
CA GLY C 11 -12.30 3.25 -25.61
C GLY C 11 -11.01 3.22 -26.42
N GLY C 12 -11.07 2.64 -27.62
CA GLY C 12 -9.90 2.45 -28.45
C GLY C 12 -9.55 3.59 -29.36
N ALA C 13 -10.35 4.65 -29.40
CA ALA C 13 -10.06 5.81 -30.25
C ALA C 13 -9.23 6.86 -29.53
N SER C 14 -8.79 6.60 -28.30
CA SER C 14 -8.04 7.60 -27.55
C SER C 14 -7.28 6.93 -26.43
N GLY C 15 -6.10 7.49 -26.14
CA GLY C 15 -5.37 7.11 -24.94
C GLY C 15 -4.99 5.63 -24.91
N LEU C 16 -5.26 5.00 -23.77
CA LEU C 16 -4.76 3.65 -23.52
C LEU C 16 -5.35 2.66 -24.53
N GLY C 17 -6.64 2.77 -24.82
CA GLY C 17 -7.24 1.87 -25.79
C GLY C 17 -6.64 2.02 -27.17
N LEU C 18 -6.40 3.27 -27.59
CA LEU C 18 -5.78 3.50 -28.89
C LEU C 18 -4.36 2.93 -28.92
N ALA C 19 -3.60 3.10 -27.84
CA ALA C 19 -2.26 2.54 -27.80
C ALA C 19 -2.29 1.02 -27.87
N THR C 20 -3.23 0.40 -27.15
CA THR C 20 -3.37 -1.05 -27.21
C THR C 20 -3.71 -1.51 -28.62
N ALA C 21 -4.65 -0.83 -29.28
CA ALA C 21 -5.01 -1.20 -30.64
C ALA C 21 -3.83 -1.04 -31.58
N GLU C 22 -3.08 0.06 -31.43
CA GLU C 22 -1.91 0.27 -32.27
C GLU C 22 -0.91 -0.85 -32.11
N ARG C 23 -0.57 -1.20 -30.87
CA ARG C 23 0.42 -2.26 -30.66
C ARG C 23 -0.07 -3.59 -31.18
N LEU C 24 -1.33 -3.94 -30.90
CA LEU C 24 -1.83 -5.24 -31.35
C LEU C 24 -1.87 -5.32 -32.87
N VAL C 25 -2.32 -4.27 -33.54
CA VAL C 25 -2.35 -4.28 -35.00
C VAL C 25 -0.94 -4.36 -35.56
N GLY C 26 -0.01 -3.59 -34.99
CA GLY C 26 1.37 -3.65 -35.43
C GLY C 26 2.03 -4.98 -35.18
N GLN C 27 1.51 -5.76 -34.23
CA GLN C 27 2.03 -7.09 -33.97
C GLN C 27 1.35 -8.16 -34.82
N GLY C 28 0.40 -7.78 -35.67
CA GLY C 28 -0.27 -8.71 -36.55
C GLY C 28 -1.66 -9.15 -36.11
N ALA C 29 -2.18 -8.58 -35.04
CA ALA C 29 -3.51 -8.93 -34.56
C ALA C 29 -4.56 -8.12 -35.29
N SER C 30 -5.82 -8.29 -34.88
CA SER C 30 -6.94 -7.53 -35.41
C SER C 30 -7.61 -6.77 -34.27
N ALA C 31 -8.11 -5.57 -34.56
CA ALA C 31 -8.67 -4.71 -33.55
C ALA C 31 -10.04 -4.21 -33.99
N VAL C 32 -10.95 -4.08 -33.03
CA VAL C 32 -12.29 -3.55 -33.27
C VAL C 32 -12.51 -2.42 -32.26
N LEU C 33 -12.17 -1.20 -32.66
CA LEU C 33 -12.42 -0.05 -31.80
C LEU C 33 -13.91 0.05 -31.52
N LEU C 34 -14.24 0.29 -30.25
CA LEU C 34 -15.63 0.30 -29.77
C LEU C 34 -15.79 1.55 -28.91
N ASP C 35 -16.15 2.66 -29.54
CA ASP C 35 -16.23 3.94 -28.87
C ASP C 35 -17.51 4.66 -29.29
N LEU C 36 -17.72 5.85 -28.74
CA LEU C 36 -18.91 6.60 -29.06
C LEU C 36 -18.87 7.04 -30.52
N PRO C 37 -20.04 7.29 -31.12
CA PRO C 37 -20.04 7.70 -32.54
C PRO C 37 -19.23 8.96 -32.80
N ASN C 38 -19.26 9.92 -31.88
CA ASN C 38 -18.55 11.19 -32.06
C ASN C 38 -17.13 11.15 -31.48
N SER C 39 -16.56 9.96 -31.31
CA SER C 39 -15.24 9.82 -30.73
C SER C 39 -14.12 10.03 -31.74
N GLY C 40 -14.44 10.23 -33.02
CA GLY C 40 -13.41 10.34 -34.02
C GLY C 40 -12.59 9.08 -34.19
N GLY C 41 -13.14 7.93 -33.79
CA GLY C 41 -12.41 6.68 -33.90
C GLY C 41 -12.34 6.11 -35.31
N GLU C 42 -13.22 6.58 -36.20
CA GLU C 42 -13.15 6.12 -37.58
C GLU C 42 -11.82 6.51 -38.22
N ALA C 43 -11.33 7.72 -37.92
CA ALA C 43 -10.04 8.14 -38.43
C ALA C 43 -8.92 7.25 -37.89
N GLN C 44 -8.97 6.91 -36.61
CA GLN C 44 -7.95 6.04 -36.03
C GLN C 44 -7.99 4.66 -36.66
N ALA C 45 -9.19 4.12 -36.87
CA ALA C 45 -9.30 2.81 -37.52
C ALA C 45 -8.76 2.85 -38.95
N LYS C 46 -9.08 3.92 -39.68
CA LYS C 46 -8.56 4.06 -41.04
C LYS C 46 -7.04 4.14 -41.03
N LYS C 47 -6.47 4.90 -40.08
CA LYS C 47 -5.02 5.02 -39.99
C LYS C 47 -4.38 3.69 -39.66
N LEU C 48 -5.00 2.91 -38.77
CA LEU C 48 -4.38 1.67 -38.32
C LEU C 48 -4.22 0.68 -39.46
N GLY C 49 -5.23 0.57 -40.32
CA GLY C 49 -5.14 -0.26 -41.50
C GLY C 49 -6.42 -1.03 -41.70
N ASN C 50 -6.33 -2.08 -42.53
CA ASN C 50 -7.48 -2.93 -42.80
C ASN C 50 -7.75 -3.89 -41.65
N ASN C 51 -6.71 -4.33 -40.95
CA ASN C 51 -6.92 -5.25 -39.82
C ASN C 51 -7.75 -4.63 -38.72
N CYS C 52 -7.83 -3.30 -38.66
CA CYS C 52 -8.59 -2.60 -37.64
C CYS C 52 -9.91 -2.09 -38.22
N VAL C 53 -10.98 -2.22 -37.43
CA VAL C 53 -12.29 -1.72 -37.81
C VAL C 53 -12.83 -0.90 -36.65
N PHE C 54 -13.82 -0.06 -36.94
CA PHE C 54 -14.44 0.82 -35.96
C PHE C 54 -15.93 0.54 -35.90
N ALA C 55 -16.47 0.40 -34.70
CA ALA C 55 -17.89 0.17 -34.49
C ALA C 55 -18.42 1.20 -33.51
N PRO C 56 -19.25 2.16 -33.96
CA PRO C 56 -19.78 3.13 -33.01
C PRO C 56 -20.70 2.48 -31.98
N ALA C 57 -20.30 2.49 -30.71
CA ALA C 57 -21.05 1.79 -29.69
C ALA C 57 -20.93 2.55 -28.37
N ASP C 58 -21.88 2.29 -27.48
CA ASP C 58 -21.87 2.80 -26.12
C ASP C 58 -21.81 1.61 -25.18
N VAL C 59 -20.75 1.54 -24.37
CA VAL C 59 -20.57 0.40 -23.48
C VAL C 59 -21.70 0.30 -22.47
N THR C 60 -22.33 1.43 -22.13
CA THR C 60 -23.44 1.44 -21.21
C THR C 60 -24.74 0.91 -21.84
N SER C 61 -24.75 0.68 -23.15
CA SER C 61 -25.93 0.19 -23.86
C SER C 61 -25.69 -1.24 -24.31
N GLU C 62 -26.62 -2.13 -23.94
CA GLU C 62 -26.50 -3.53 -24.34
C GLU C 62 -26.59 -3.70 -25.84
N LYS C 63 -27.54 -3.01 -26.48
CA LYS C 63 -27.75 -3.18 -27.91
C LYS C 63 -26.53 -2.73 -28.71
N ASP C 64 -25.94 -1.59 -28.33
CA ASP C 64 -24.79 -1.08 -29.07
C ASP C 64 -23.60 -2.02 -28.95
N VAL C 65 -23.33 -2.54 -27.76
CA VAL C 65 -22.22 -3.46 -27.59
C VAL C 65 -22.49 -4.76 -28.35
N GLN C 66 -23.75 -5.21 -28.36
CA GLN C 66 -24.09 -6.40 -29.12
C GLN C 66 -23.83 -6.18 -30.61
N THR C 67 -24.20 -5.00 -31.12
CA THR C 67 -23.97 -4.70 -32.53
C THR C 67 -22.47 -4.63 -32.82
N ALA C 68 -21.69 -4.04 -31.91
CA ALA C 68 -20.25 -3.98 -32.11
C ALA C 68 -19.64 -5.38 -32.15
N LEU C 69 -20.07 -6.26 -31.24
CA LEU C 69 -19.56 -7.63 -31.24
C LEU C 69 -19.98 -8.37 -32.51
N ALA C 70 -21.21 -8.14 -32.97
CA ALA C 70 -21.64 -8.76 -34.23
C ALA C 70 -20.80 -8.27 -35.39
N LEU C 71 -20.49 -6.97 -35.43
CA LEU C 71 -19.62 -6.44 -36.47
C LEU C 71 -18.23 -7.08 -36.40
N ALA C 72 -17.70 -7.23 -35.19
CA ALA C 72 -16.39 -7.86 -35.04
C ALA C 72 -16.42 -9.29 -35.56
N LYS C 73 -17.47 -10.04 -35.21
CA LYS C 73 -17.57 -11.43 -35.66
C LYS C 73 -17.69 -11.49 -37.18
N GLY C 74 -18.52 -10.63 -37.76
CA GLY C 74 -18.66 -10.64 -39.21
C GLY C 74 -17.36 -10.31 -39.91
N LYS C 75 -16.64 -9.29 -39.43
CA LYS C 75 -15.41 -8.88 -40.09
C LYS C 75 -14.31 -9.92 -39.93
N PHE C 76 -14.16 -10.50 -38.74
CA PHE C 76 -13.05 -11.40 -38.45
C PHE C 76 -13.46 -12.80 -38.08
N GLY C 77 -14.73 -13.05 -37.78
CA GLY C 77 -15.18 -14.41 -37.52
C GLY C 77 -14.74 -14.98 -36.20
N ARG C 78 -14.19 -14.16 -35.30
CA ARG C 78 -13.66 -14.67 -34.05
C ARG C 78 -13.32 -13.50 -33.14
N VAL C 79 -13.56 -13.67 -31.85
CA VAL C 79 -13.15 -12.71 -30.83
C VAL C 79 -12.28 -13.47 -29.83
N ASP C 80 -11.01 -13.11 -29.76
CA ASP C 80 -10.06 -13.80 -28.91
C ASP C 80 -9.59 -12.98 -27.73
N VAL C 81 -9.84 -11.68 -27.72
CA VAL C 81 -9.42 -10.81 -26.62
C VAL C 81 -10.40 -9.65 -26.51
N ALA C 82 -10.61 -9.20 -25.28
CA ALA C 82 -11.40 -8.01 -25.00
C ALA C 82 -10.60 -7.10 -24.10
N VAL C 83 -10.64 -5.80 -24.38
CA VAL C 83 -9.90 -4.80 -23.60
C VAL C 83 -10.87 -3.67 -23.26
N ASN C 84 -11.28 -3.62 -21.99
CA ASN C 84 -12.24 -2.62 -21.52
C ASN C 84 -11.50 -1.38 -21.05
N CYS C 85 -11.11 -0.54 -22.00
CA CYS C 85 -10.43 0.71 -21.73
C CYS C 85 -11.36 1.91 -21.76
N ALA C 86 -12.67 1.70 -21.93
CA ALA C 86 -13.63 2.78 -22.07
C ALA C 86 -14.08 3.23 -20.69
N GLY C 87 -13.79 4.49 -20.35
CA GLY C 87 -14.20 5.04 -19.08
C GLY C 87 -14.15 6.54 -19.10
N ILE C 88 -14.78 7.14 -18.08
CA ILE C 88 -14.78 8.58 -17.90
C ILE C 88 -14.32 8.89 -16.49
N ALA C 89 -13.97 10.15 -16.27
CA ALA C 89 -13.47 10.63 -14.99
C ALA C 89 -14.33 11.79 -14.52
N VAL C 90 -14.46 11.90 -13.19
CA VAL C 90 -15.21 12.98 -12.58
C VAL C 90 -14.58 13.26 -11.21
N ALA C 91 -14.23 14.51 -10.97
CA ALA C 91 -13.64 14.93 -9.70
C ALA C 91 -14.62 15.88 -9.02
N SER C 92 -15.00 15.56 -7.79
CA SER C 92 -15.94 16.35 -7.02
C SER C 92 -15.96 15.83 -5.60
N LYS C 93 -16.04 16.74 -4.64
CA LYS C 93 -15.99 16.35 -3.24
C LYS C 93 -17.33 15.80 -2.78
N THR C 94 -17.27 14.76 -1.95
CA THR C 94 -18.50 14.21 -1.38
C THR C 94 -19.33 15.30 -0.74
N TYR C 95 -18.68 16.22 -0.04
CA TYR C 95 -19.36 17.35 0.58
C TYR C 95 -18.31 18.41 0.89
N ASN C 96 -18.64 19.66 0.62
CA ASN C 96 -17.79 20.80 0.93
C ASN C 96 -18.51 21.63 1.97
N LEU C 97 -17.99 21.65 3.20
CA LEU C 97 -18.64 22.39 4.27
C LEU C 97 -18.62 23.89 3.99
N LYS C 98 -17.46 24.40 3.57
CA LYS C 98 -17.32 25.84 3.38
C LYS C 98 -18.27 26.34 2.29
N LYS C 99 -18.21 25.72 1.12
CA LYS C 99 -19.11 26.10 0.03
C LYS C 99 -20.53 25.60 0.22
N GLY C 100 -20.75 24.72 1.21
CA GLY C 100 -22.07 24.13 1.36
C GLY C 100 -22.51 23.40 0.11
N GLN C 101 -21.59 22.70 -0.54
CA GLN C 101 -21.85 22.02 -1.80
C GLN C 101 -21.76 20.52 -1.59
N THR C 102 -22.76 19.80 -2.07
CA THR C 102 -22.84 18.34 -1.91
C THR C 102 -22.68 17.67 -3.26
N HIS C 103 -21.99 16.53 -3.26
CA HIS C 103 -21.81 15.76 -4.48
C HIS C 103 -23.15 15.42 -5.10
N THR C 104 -23.28 15.68 -6.39
CA THR C 104 -24.51 15.36 -7.10
C THR C 104 -24.61 13.85 -7.30
N LEU C 105 -25.84 13.34 -7.26
CA LEU C 105 -26.06 11.91 -7.48
C LEU C 105 -25.94 11.53 -8.94
N GLU C 106 -26.28 12.43 -9.86
CA GLU C 106 -26.17 12.12 -11.28
C GLU C 106 -24.72 11.88 -11.68
N ASP C 107 -23.80 12.66 -11.13
CA ASP C 107 -22.38 12.45 -11.42
C ASP C 107 -21.95 11.04 -11.01
N PHE C 108 -22.28 10.65 -9.78
CA PHE C 108 -21.94 9.32 -9.30
C PHE C 108 -22.58 8.24 -10.17
N GLN C 109 -23.86 8.43 -10.51
CA GLN C 109 -24.56 7.43 -11.29
C GLN C 109 -23.95 7.25 -12.68
N ARG C 110 -23.61 8.36 -13.34
CA ARG C 110 -23.05 8.25 -14.69
C ARG C 110 -21.63 7.69 -14.65
N VAL C 111 -20.85 8.06 -13.63
CA VAL C 111 -19.51 7.49 -13.50
C VAL C 111 -19.60 5.99 -13.30
N LEU C 112 -20.53 5.54 -12.45
CA LEU C 112 -20.73 4.10 -12.28
C LEU C 112 -21.19 3.44 -13.57
N ASP C 113 -22.13 4.08 -14.28
CA ASP C 113 -22.68 3.47 -15.48
C ASP C 113 -21.61 3.28 -16.54
N VAL C 114 -20.74 4.26 -16.72
CA VAL C 114 -19.72 4.15 -17.77
C VAL C 114 -18.57 3.26 -17.31
N ASN C 115 -18.02 3.54 -16.13
CA ASN C 115 -16.81 2.83 -15.71
C ASN C 115 -17.10 1.40 -15.28
N LEU C 116 -18.20 1.18 -14.55
CA LEU C 116 -18.48 -0.12 -13.94
C LEU C 116 -19.54 -0.91 -14.69
N MET C 117 -20.72 -0.32 -14.90
CA MET C 117 -21.78 -1.05 -15.58
C MET C 117 -21.42 -1.34 -17.03
N GLY C 118 -20.84 -0.37 -17.72
CA GLY C 118 -20.41 -0.61 -19.09
C GLY C 118 -19.33 -1.68 -19.18
N THR C 119 -18.39 -1.65 -18.25
CA THR C 119 -17.33 -2.65 -18.24
C THR C 119 -17.91 -4.06 -18.07
N PHE C 120 -18.84 -4.22 -17.12
CA PHE C 120 -19.44 -5.53 -16.91
C PHE C 120 -20.30 -5.94 -18.10
N ASN C 121 -21.01 -4.99 -18.71
CA ASN C 121 -21.83 -5.33 -19.88
C ASN C 121 -20.95 -5.85 -21.00
N VAL C 122 -19.84 -5.16 -21.28
CA VAL C 122 -18.92 -5.63 -22.30
C VAL C 122 -18.33 -6.98 -21.91
N ILE C 123 -18.00 -7.14 -20.63
CA ILE C 123 -17.39 -8.40 -20.18
C ILE C 123 -18.34 -9.56 -20.44
N ARG C 124 -19.60 -9.42 -20.02
CA ARG C 124 -20.55 -10.52 -20.18
C ARG C 124 -20.84 -10.79 -21.64
N LEU C 125 -21.04 -9.74 -22.45
CA LEU C 125 -21.36 -9.99 -23.86
C LEU C 125 -20.17 -10.62 -24.60
N VAL C 126 -18.95 -10.15 -24.32
CA VAL C 126 -17.79 -10.70 -25.00
C VAL C 126 -17.48 -12.10 -24.49
N ALA C 127 -17.82 -12.39 -23.23
CA ALA C 127 -17.72 -13.77 -22.75
C ALA C 127 -18.70 -14.67 -23.48
N GLY C 128 -19.92 -14.18 -23.72
CA GLY C 128 -20.87 -14.95 -24.50
C GLY C 128 -20.38 -15.20 -25.91
N GLU C 129 -19.77 -14.19 -26.53
CA GLU C 129 -19.23 -14.35 -27.88
C GLU C 129 -17.94 -15.17 -27.90
N MET C 130 -17.25 -15.30 -26.77
CA MET C 130 -16.02 -16.08 -26.69
C MET C 130 -16.28 -17.55 -26.39
N GLY C 131 -17.49 -17.90 -25.95
CA GLY C 131 -17.79 -19.30 -25.68
C GLY C 131 -17.83 -20.14 -26.95
N GLN C 132 -18.04 -19.50 -28.09
CA GLN C 132 -18.08 -20.19 -29.37
C GLN C 132 -16.70 -20.51 -29.91
N ASN C 133 -15.65 -19.93 -29.34
CA ASN C 133 -14.30 -20.21 -29.80
C ASN C 133 -13.87 -21.60 -29.39
N GLU C 134 -13.29 -22.34 -30.33
CA GLU C 134 -12.75 -23.66 -30.00
C GLU C 134 -11.60 -23.50 -29.03
N PRO C 135 -11.58 -24.25 -27.92
CA PRO C 135 -10.46 -24.10 -26.98
C PRO C 135 -9.13 -24.41 -27.65
N ASP C 136 -8.12 -23.63 -27.28
CA ASP C 136 -6.77 -23.82 -27.81
C ASP C 136 -6.09 -24.96 -27.05
N GLN C 137 -4.77 -25.09 -27.22
CA GLN C 137 -4.06 -26.20 -26.61
C GLN C 137 -4.28 -26.26 -25.11
N GLY C 138 -4.25 -25.11 -24.45
CA GLY C 138 -4.44 -25.02 -23.02
C GLY C 138 -5.89 -24.95 -22.57
N GLY C 139 -6.84 -25.09 -23.50
CA GLY C 139 -8.24 -24.98 -23.16
C GLY C 139 -8.75 -23.57 -23.07
N GLN C 140 -7.94 -22.58 -23.40
CA GLN C 140 -8.30 -21.18 -23.28
C GLN C 140 -9.07 -20.71 -24.50
N ARG C 141 -10.15 -19.97 -24.28
CA ARG C 141 -10.99 -19.45 -25.35
C ARG C 141 -10.88 -17.95 -25.54
N GLY C 142 -10.34 -17.22 -24.57
CA GLY C 142 -10.19 -15.78 -24.72
C GLY C 142 -9.58 -15.20 -23.46
N VAL C 143 -9.27 -13.90 -23.55
CA VAL C 143 -8.73 -13.14 -22.43
C VAL C 143 -9.47 -11.82 -22.36
N ILE C 144 -9.99 -11.49 -21.18
CA ILE C 144 -10.67 -10.23 -20.94
C ILE C 144 -9.82 -9.41 -19.98
N ILE C 145 -9.49 -8.18 -20.39
CA ILE C 145 -8.61 -7.31 -19.63
C ILE C 145 -9.38 -6.04 -19.31
N ASN C 146 -9.76 -5.87 -18.05
CA ASN C 146 -10.41 -4.66 -17.60
C ASN C 146 -9.36 -3.57 -17.40
N THR C 147 -9.79 -2.43 -16.85
CA THR C 147 -8.88 -1.33 -16.57
C THR C 147 -9.40 -0.60 -15.33
N ALA C 148 -8.89 -0.99 -14.16
CA ALA C 148 -9.15 -0.27 -12.93
C ALA C 148 -8.22 0.94 -12.86
N SER C 149 -8.10 1.55 -11.69
CA SER C 149 -7.13 2.60 -11.48
C SER C 149 -6.54 2.45 -10.09
N VAL C 150 -5.36 3.04 -9.90
CA VAL C 150 -4.75 3.04 -8.57
C VAL C 150 -5.64 3.75 -7.58
N ALA C 151 -6.52 4.64 -8.05
CA ALA C 151 -7.53 5.22 -7.18
C ALA C 151 -8.29 4.13 -6.44
N ALA C 152 -8.65 3.05 -7.16
CA ALA C 152 -9.38 1.95 -6.55
C ALA C 152 -8.79 1.54 -5.22
N PHE C 153 -7.50 1.79 -5.00
CA PHE C 153 -6.83 1.48 -3.75
C PHE C 153 -6.61 2.72 -2.88
N GLU C 154 -6.17 3.84 -3.45
CA GLU C 154 -5.88 5.03 -2.67
C GLU C 154 -6.39 6.29 -3.35
N GLY C 155 -7.65 6.28 -3.78
CA GLY C 155 -8.26 7.46 -4.38
C GLY C 155 -8.04 8.71 -3.54
N GLN C 156 -7.93 9.86 -4.19
CA GLN C 156 -7.63 11.11 -3.51
C GLN C 156 -8.91 11.84 -3.11
N VAL C 157 -8.77 13.09 -2.68
CA VAL C 157 -9.94 13.92 -2.43
C VAL C 157 -10.70 14.13 -3.72
N GLY C 158 -12.02 14.10 -3.63
CA GLY C 158 -12.83 14.36 -4.80
C GLY C 158 -12.87 13.26 -5.82
N GLN C 159 -12.35 12.08 -5.50
CA GLN C 159 -12.36 10.93 -6.40
C GLN C 159 -13.26 9.81 -5.87
N ALA C 160 -14.40 10.18 -5.30
CA ALA C 160 -15.25 9.19 -4.66
C ALA C 160 -15.92 8.29 -5.69
N ALA C 161 -16.52 8.87 -6.73
CA ALA C 161 -17.25 8.07 -7.71
C ALA C 161 -16.31 7.28 -8.61
N TYR C 162 -15.25 7.93 -9.09
CA TYR C 162 -14.25 7.23 -9.89
C TYR C 162 -13.65 6.08 -9.11
N SER C 163 -13.27 6.32 -7.85
CA SER C 163 -12.70 5.27 -7.03
C SER C 163 -13.72 4.17 -6.77
N ALA C 164 -14.99 4.53 -6.61
CA ALA C 164 -16.02 3.52 -6.40
C ALA C 164 -16.11 2.59 -7.61
N SER C 165 -16.15 3.17 -8.82
CA SER C 165 -16.27 2.33 -10.01
C SER C 165 -15.02 1.46 -10.19
N LYS C 166 -13.83 2.04 -10.02
CA LYS C 166 -12.62 1.26 -10.21
C LYS C 166 -12.48 0.17 -9.14
N GLY C 167 -12.87 0.47 -7.90
CA GLY C 167 -12.87 -0.54 -6.87
C GLY C 167 -13.88 -1.64 -7.15
N GLY C 168 -15.02 -1.30 -7.75
CA GLY C 168 -15.94 -2.32 -8.19
C GLY C 168 -15.32 -3.25 -9.22
N ILE C 169 -14.60 -2.68 -10.19
CA ILE C 169 -13.93 -3.51 -11.18
C ILE C 169 -12.91 -4.42 -10.50
N VAL C 170 -12.13 -3.86 -9.57
CA VAL C 170 -11.12 -4.66 -8.87
C VAL C 170 -11.77 -5.78 -8.08
N GLY C 171 -12.88 -5.48 -7.41
CA GLY C 171 -13.55 -6.52 -6.64
C GLY C 171 -14.13 -7.62 -7.49
N MET C 172 -14.71 -7.26 -8.64
CA MET C 172 -15.37 -8.24 -9.50
C MET C 172 -14.42 -8.91 -10.46
N THR C 173 -13.14 -8.54 -10.47
CA THR C 173 -12.18 -9.24 -11.32
C THR C 173 -12.13 -10.73 -11.01
N LEU C 174 -12.11 -11.09 -9.73
CA LEU C 174 -11.95 -12.50 -9.34
C LEU C 174 -13.24 -13.28 -9.45
N PRO C 175 -14.39 -12.74 -9.02
CA PRO C 175 -15.65 -13.46 -9.22
C PRO C 175 -15.90 -13.83 -10.67
N ILE C 176 -15.57 -12.94 -11.61
CA ILE C 176 -15.75 -13.26 -13.02
C ILE C 176 -14.63 -14.16 -13.51
N ALA C 177 -13.43 -14.04 -12.93
CA ALA C 177 -12.36 -14.96 -13.27
C ALA C 177 -12.73 -16.39 -12.92
N ARG C 178 -13.57 -16.57 -11.89
CA ARG C 178 -14.06 -17.89 -11.51
C ARG C 178 -15.33 -18.27 -12.26
N ASP C 179 -16.17 -17.30 -12.60
CA ASP C 179 -17.38 -17.60 -13.37
C ASP C 179 -17.02 -18.22 -14.71
N LEU C 180 -16.04 -17.65 -15.40
CA LEU C 180 -15.70 -18.07 -16.75
C LEU C 180 -14.54 -19.07 -16.79
N ALA C 181 -14.02 -19.47 -15.64
CA ALA C 181 -12.96 -20.48 -15.64
C ALA C 181 -13.39 -21.78 -16.30
N PRO C 182 -14.59 -22.32 -16.06
CA PRO C 182 -15.01 -23.51 -16.81
C PRO C 182 -15.01 -23.31 -18.30
N ILE C 183 -15.41 -22.12 -18.77
CA ILE C 183 -15.42 -21.85 -20.20
C ILE C 183 -14.00 -21.83 -20.75
N GLY C 184 -13.05 -21.33 -19.95
CA GLY C 184 -11.68 -21.17 -20.38
C GLY C 184 -11.28 -19.72 -20.63
N ILE C 185 -12.16 -18.77 -20.38
CA ILE C 185 -11.84 -17.36 -20.54
C ILE C 185 -11.04 -16.88 -19.34
N ARG C 186 -10.08 -16.00 -19.59
CA ARG C 186 -9.24 -15.43 -18.54
C ARG C 186 -9.63 -13.97 -18.34
N VAL C 187 -9.78 -13.56 -17.09
CA VAL C 187 -10.16 -12.20 -16.73
C VAL C 187 -9.02 -11.60 -15.92
N MET C 188 -8.52 -10.46 -16.37
CA MET C 188 -7.45 -9.74 -15.69
C MET C 188 -7.80 -8.26 -15.64
N THR C 189 -7.16 -7.55 -14.72
CA THR C 189 -7.39 -6.13 -14.54
C THR C 189 -6.05 -5.41 -14.43
N ILE C 190 -5.95 -4.25 -15.07
CA ILE C 190 -4.76 -3.41 -15.00
C ILE C 190 -5.16 -2.10 -14.35
N ALA C 191 -4.41 -1.70 -13.33
CA ALA C 191 -4.70 -0.48 -12.60
C ALA C 191 -3.63 0.56 -12.88
N PRO C 192 -3.68 1.24 -14.03
CA PRO C 192 -2.65 2.23 -14.33
C PRO C 192 -2.67 3.40 -13.37
N GLY C 193 -1.51 4.02 -13.18
CA GLY C 193 -1.41 5.18 -12.32
C GLY C 193 -1.62 6.46 -13.09
N LEU C 194 -0.58 7.27 -13.21
CA LEU C 194 -0.64 8.49 -13.99
C LEU C 194 -0.05 8.22 -15.37
N PHE C 195 -0.88 8.35 -16.40
CA PHE C 195 -0.49 8.05 -17.77
C PHE C 195 -0.71 9.27 -18.66
N GLY C 196 0.21 9.47 -19.60
CA GLY C 196 0.15 10.62 -20.48
C GLY C 196 -0.87 10.48 -21.59
N THR C 197 -2.14 10.53 -21.22
CA THR C 197 -3.24 10.42 -22.17
C THR C 197 -4.04 11.72 -22.15
N PRO C 198 -5.00 11.92 -23.06
CA PRO C 198 -5.75 13.19 -23.07
C PRO C 198 -6.42 13.52 -21.75
N LEU C 199 -6.48 12.59 -20.80
CA LEU C 199 -7.10 12.88 -19.52
C LEU C 199 -6.24 13.80 -18.66
N LEU C 200 -4.91 13.73 -18.82
CA LEU C 200 -3.99 14.56 -18.05
C LEU C 200 -3.18 15.53 -18.88
N THR C 201 -2.83 15.18 -20.13
CA THR C 201 -2.02 16.08 -20.93
C THR C 201 -2.71 17.42 -21.16
N SER C 202 -4.04 17.43 -21.14
CA SER C 202 -4.79 18.67 -21.30
C SER C 202 -4.66 19.59 -20.10
N LEU C 203 -4.13 19.11 -18.98
CA LEU C 203 -3.94 19.95 -17.81
C LEU C 203 -2.79 20.93 -18.06
N PRO C 204 -2.71 22.01 -17.28
CA PRO C 204 -1.61 22.96 -17.45
C PRO C 204 -0.26 22.27 -17.28
N GLU C 205 0.73 22.76 -18.03
CA GLU C 205 2.02 22.09 -18.03
C GLU C 205 2.65 22.07 -16.65
N LYS C 206 2.36 23.06 -15.81
CA LYS C 206 2.84 23.01 -14.44
C LYS C 206 2.24 21.84 -13.69
N VAL C 207 0.94 21.60 -13.87
CA VAL C 207 0.28 20.47 -13.24
C VAL C 207 0.89 19.16 -13.72
N CYS C 208 1.15 19.05 -15.02
CA CYS C 208 1.70 17.82 -15.56
C CYS C 208 3.13 17.60 -15.08
N ASN C 209 3.92 18.66 -14.98
CA ASN C 209 5.26 18.53 -14.42
C ASN C 209 5.21 18.08 -12.96
N PHE C 210 4.26 18.62 -12.19
CA PHE C 210 4.11 18.19 -10.80
C PHE C 210 3.75 16.72 -10.73
N LEU C 211 2.77 16.30 -11.53
CA LEU C 211 2.35 14.90 -11.53
C LEU C 211 3.50 14.00 -11.93
N ALA C 212 4.30 14.42 -12.92
CA ALA C 212 5.48 13.64 -13.30
C ALA C 212 6.46 13.53 -12.14
N SER C 213 6.70 14.65 -11.44
CA SER C 213 7.62 14.59 -10.31
C SER C 213 7.09 13.68 -9.21
N GLN C 214 5.78 13.52 -9.12
CA GLN C 214 5.21 12.69 -8.05
C GLN C 214 5.62 11.24 -8.17
N VAL C 215 5.84 10.75 -9.38
CA VAL C 215 6.16 9.32 -9.56
C VAL C 215 7.57 9.04 -9.03
N PRO C 216 7.76 8.07 -8.14
CA PRO C 216 9.13 7.80 -7.67
C PRO C 216 10.09 7.42 -8.79
N PHE C 217 9.73 6.45 -9.61
CA PHE C 217 10.50 6.14 -10.81
C PHE C 217 9.70 5.23 -11.74
N PRO C 218 9.66 5.50 -13.05
CA PRO C 218 10.29 6.63 -13.75
C PRO C 218 9.60 7.95 -13.44
N SER C 219 10.36 9.02 -13.21
CA SER C 219 9.78 10.29 -12.79
C SER C 219 9.17 10.99 -14.01
N ARG C 220 8.12 10.37 -14.53
CA ARG C 220 7.41 10.90 -15.69
C ARG C 220 6.01 10.30 -15.72
N LEU C 221 5.13 10.95 -16.46
CA LEU C 221 3.80 10.41 -16.69
C LEU C 221 3.90 9.12 -17.51
N GLY C 222 2.98 8.20 -17.25
CA GLY C 222 3.05 6.92 -17.91
C GLY C 222 2.89 7.03 -19.42
N ASP C 223 3.50 6.07 -20.12
CA ASP C 223 3.42 6.00 -21.57
C ASP C 223 2.34 5.01 -21.97
N PRO C 224 1.36 5.39 -22.78
CA PRO C 224 0.35 4.39 -23.18
C PRO C 224 0.94 3.16 -23.85
N ALA C 225 2.10 3.31 -24.51
CA ALA C 225 2.78 2.14 -25.07
C ALA C 225 3.10 1.12 -23.98
N GLU C 226 3.43 1.59 -22.78
CA GLU C 226 3.68 0.67 -21.67
C GLU C 226 2.42 -0.09 -21.28
N TYR C 227 1.27 0.58 -21.29
CA TYR C 227 0.01 -0.10 -21.04
C TYR C 227 -0.27 -1.15 -22.10
N ALA C 228 -0.01 -0.82 -23.37
CA ALA C 228 -0.19 -1.79 -24.43
C ALA C 228 0.74 -2.98 -24.25
N HIS C 229 1.99 -2.72 -23.86
CA HIS C 229 2.93 -3.80 -23.63
C HIS C 229 2.47 -4.71 -22.50
N LEU C 230 1.95 -4.13 -21.41
CA LEU C 230 1.44 -4.96 -20.33
C LEU C 230 0.22 -5.76 -20.77
N VAL C 231 -0.65 -5.16 -21.58
CA VAL C 231 -1.82 -5.89 -22.08
C VAL C 231 -1.35 -7.08 -22.91
N GLN C 232 -0.35 -6.87 -23.78
CA GLN C 232 0.16 -7.98 -24.58
C GLN C 232 0.79 -9.05 -23.70
N ALA C 233 1.53 -8.64 -22.67
CA ALA C 233 2.14 -9.62 -21.77
C ALA C 233 1.08 -10.44 -21.05
N ILE C 234 -0.03 -9.81 -20.67
CA ILE C 234 -1.13 -10.55 -20.06
C ILE C 234 -1.74 -11.51 -21.06
N ILE C 235 -1.92 -11.06 -22.31
CA ILE C 235 -2.50 -11.92 -23.33
C ILE C 235 -1.63 -13.16 -23.56
N GLU C 236 -0.31 -12.97 -23.58
CA GLU C 236 0.57 -14.08 -23.91
C GLU C 236 0.71 -15.06 -22.76
N ASN C 237 0.64 -14.60 -21.51
CA ASN C 237 0.84 -15.49 -20.37
C ASN C 237 -0.46 -16.22 -20.04
N PRO C 238 -0.51 -17.55 -20.16
CA PRO C 238 -1.76 -18.27 -19.85
C PRO C 238 -2.06 -18.39 -18.36
N PHE C 239 -1.07 -18.20 -17.49
CA PHE C 239 -1.25 -18.45 -16.06
C PHE C 239 -1.56 -17.17 -15.29
N LEU C 240 -1.85 -16.07 -15.97
CA LEU C 240 -2.25 -14.82 -15.34
C LEU C 240 -3.76 -14.73 -15.38
N ASN C 241 -4.40 -14.87 -14.21
CA ASN C 241 -5.85 -14.87 -14.13
C ASN C 241 -6.28 -14.29 -12.79
N GLY C 242 -7.39 -13.57 -12.80
CA GLY C 242 -7.99 -13.10 -11.56
C GLY C 242 -7.06 -12.29 -10.69
N GLU C 243 -6.32 -11.36 -11.29
CA GLU C 243 -5.34 -10.56 -10.56
C GLU C 243 -5.38 -9.13 -11.09
N VAL C 244 -5.02 -8.19 -10.22
CA VAL C 244 -4.93 -6.78 -10.56
C VAL C 244 -3.46 -6.39 -10.56
N ILE C 245 -3.02 -5.78 -11.66
CA ILE C 245 -1.63 -5.36 -11.82
C ILE C 245 -1.60 -3.84 -11.82
N ARG C 246 -0.88 -3.27 -10.85
CA ARG C 246 -0.72 -1.83 -10.76
C ARG C 246 0.41 -1.39 -11.68
N LEU C 247 0.05 -0.78 -12.81
CA LEU C 247 1.02 -0.25 -13.76
C LEU C 247 1.12 1.25 -13.52
N ASP C 248 1.82 1.62 -12.45
CA ASP C 248 1.82 3.00 -11.99
C ASP C 248 3.20 3.54 -11.61
N GLY C 249 4.25 2.75 -11.72
CA GLY C 249 5.58 3.25 -11.38
C GLY C 249 5.78 3.56 -9.92
N ALA C 250 5.20 2.75 -9.03
CA ALA C 250 5.39 2.85 -7.59
C ALA C 250 4.73 4.06 -6.96
N ILE C 251 3.94 4.81 -7.71
CA ILE C 251 3.28 6.00 -7.17
C ILE C 251 2.09 5.56 -6.32
N ARG C 252 2.07 6.00 -5.06
CA ARG C 252 0.91 5.86 -4.20
C ARG C 252 0.23 7.22 -4.13
N MET C 253 -0.99 7.29 -4.65
CA MET C 253 -1.61 8.58 -4.90
C MET C 253 -1.66 9.40 -3.62
N GLN C 254 -1.27 10.67 -3.74
CA GLN C 254 -1.17 11.56 -2.60
C GLN C 254 -2.56 11.89 -2.06
N PRO C 255 -2.68 12.16 -0.75
CA PRO C 255 -3.99 12.45 -0.14
C PRO C 255 -4.77 13.58 -0.80
N SER D 1 -18.25 5.08 25.93
CA SER D 1 -19.72 5.06 26.02
C SER D 1 -20.34 5.66 24.77
N VAL D 2 -21.60 5.33 24.52
CA VAL D 2 -22.32 5.81 23.34
C VAL D 2 -23.65 6.42 23.77
N LYS D 3 -23.73 6.86 25.02
CA LYS D 3 -24.97 7.44 25.52
C LYS D 3 -25.24 8.78 24.87
N GLY D 4 -26.46 8.95 24.34
CA GLY D 4 -26.88 10.21 23.78
C GLY D 4 -26.66 10.35 22.29
N LEU D 5 -25.79 9.55 21.69
CA LEU D 5 -25.54 9.64 20.26
C LEU D 5 -26.78 9.28 19.47
N VAL D 6 -27.00 9.99 18.36
CA VAL D 6 -28.08 9.69 17.44
C VAL D 6 -27.48 8.98 16.24
N ALA D 7 -27.99 7.79 15.93
CA ALA D 7 -27.47 6.96 14.85
C ALA D 7 -28.56 6.72 13.81
N VAL D 8 -28.24 6.99 12.56
CA VAL D 8 -29.13 6.70 11.44
C VAL D 8 -28.65 5.38 10.82
N ILE D 9 -29.44 4.33 10.99
CA ILE D 9 -29.07 2.99 10.54
C ILE D 9 -29.95 2.65 9.34
N THR D 10 -29.32 2.45 8.19
CA THR D 10 -30.04 2.10 6.98
C THR D 10 -30.18 0.57 6.91
N GLY D 11 -31.36 0.12 6.50
CA GLY D 11 -31.65 -1.30 6.53
C GLY D 11 -31.63 -1.87 7.93
N GLY D 12 -32.05 -1.09 8.92
CA GLY D 12 -32.06 -1.54 10.29
C GLY D 12 -33.27 -2.34 10.70
N ALA D 13 -34.27 -2.44 9.84
CA ALA D 13 -35.47 -3.22 10.15
C ALA D 13 -35.19 -4.72 10.19
N SER D 14 -34.03 -5.17 9.74
CA SER D 14 -33.75 -6.60 9.68
C SER D 14 -32.24 -6.82 9.57
N GLY D 15 -31.76 -7.87 10.22
CA GLY D 15 -30.41 -8.33 10.02
C GLY D 15 -29.34 -7.60 10.81
N LEU D 16 -28.21 -7.30 10.16
CA LEU D 16 -27.11 -6.63 10.85
C LEU D 16 -27.50 -5.24 11.31
N GLY D 17 -28.26 -4.52 10.49
CA GLY D 17 -28.71 -3.20 10.90
C GLY D 17 -29.58 -3.25 12.15
N LEU D 18 -30.47 -4.22 12.22
CA LEU D 18 -31.32 -4.36 13.41
C LEU D 18 -30.49 -4.70 14.65
N ALA D 19 -29.48 -5.57 14.50
CA ALA D 19 -28.62 -5.88 15.64
C ALA D 19 -27.86 -4.64 16.09
N THR D 20 -27.36 -3.85 15.14
CA THR D 20 -26.67 -2.62 15.49
C THR D 20 -27.59 -1.66 16.23
N ALA D 21 -28.83 -1.51 15.73
CA ALA D 21 -29.78 -0.63 16.40
C ALA D 21 -30.09 -1.14 17.79
N GLU D 22 -30.26 -2.46 17.95
CA GLU D 22 -30.53 -3.02 19.26
C GLU D 22 -29.41 -2.70 20.23
N ARG D 23 -28.16 -2.95 19.84
CA ARG D 23 -27.06 -2.70 20.75
C ARG D 23 -26.92 -1.22 21.06
N LEU D 24 -27.04 -0.36 20.05
CA LEU D 24 -26.86 1.07 20.28
C LEU D 24 -27.94 1.63 21.19
N VAL D 25 -29.20 1.23 20.98
CA VAL D 25 -30.28 1.72 21.82
C VAL D 25 -30.15 1.15 23.23
N GLY D 26 -29.74 -0.12 23.34
CA GLY D 26 -29.54 -0.70 24.65
C GLY D 26 -28.47 0.01 25.47
N GLN D 27 -27.44 0.52 24.79
CA GLN D 27 -26.38 1.25 25.47
C GLN D 27 -26.77 2.69 25.81
N GLY D 28 -27.91 3.16 25.32
CA GLY D 28 -28.40 4.50 25.64
C GLY D 28 -28.45 5.45 24.47
N ALA D 29 -28.09 5.01 23.27
CA ALA D 29 -28.05 5.89 22.11
C ALA D 29 -29.47 6.06 21.54
N SER D 30 -29.56 6.67 20.36
CA SER D 30 -30.82 6.83 19.65
C SER D 30 -30.65 6.29 18.24
N ALA D 31 -31.74 5.80 17.66
CA ALA D 31 -31.68 5.08 16.39
C ALA D 31 -32.77 5.55 15.46
N VAL D 32 -32.43 5.65 14.17
CA VAL D 32 -33.37 6.01 13.12
C VAL D 32 -33.25 4.90 12.07
N LEU D 33 -34.11 3.90 12.16
CA LEU D 33 -34.11 2.80 11.20
C LEU D 33 -34.58 3.30 9.84
N LEU D 34 -33.68 3.37 8.88
CA LEU D 34 -33.97 3.89 7.54
C LEU D 34 -34.06 2.70 6.59
N ASP D 35 -35.22 2.04 6.57
CA ASP D 35 -35.41 0.93 5.62
C ASP D 35 -36.65 1.15 4.75
N LEU D 36 -37.01 0.13 3.99
CA LEU D 36 -38.11 0.23 3.05
C LEU D 36 -39.44 0.35 3.77
N PRO D 37 -40.43 1.00 3.17
CA PRO D 37 -41.74 1.11 3.83
C PRO D 37 -42.37 -0.24 4.12
N ASN D 38 -42.24 -1.19 3.20
CA ASN D 38 -42.79 -2.53 3.39
C ASN D 38 -41.70 -3.49 3.86
N SER D 39 -41.18 -3.21 5.06
CA SER D 39 -40.09 -3.98 5.64
C SER D 39 -40.37 -4.45 7.06
N GLY D 40 -41.48 -4.04 7.66
CA GLY D 40 -41.73 -4.39 9.04
C GLY D 40 -40.88 -3.63 10.04
N GLY D 41 -40.24 -2.55 9.61
CA GLY D 41 -39.39 -1.78 10.52
C GLY D 41 -40.17 -0.98 11.54
N GLU D 42 -41.44 -0.67 11.25
CA GLU D 42 -42.25 0.04 12.24
C GLU D 42 -42.39 -0.77 13.52
N ALA D 43 -42.63 -2.08 13.38
CA ALA D 43 -42.74 -2.94 14.56
C ALA D 43 -41.44 -2.97 15.35
N GLN D 44 -40.31 -3.07 14.65
CA GLN D 44 -39.02 -3.10 15.34
C GLN D 44 -38.75 -1.78 16.06
N ALA D 45 -39.08 -0.66 15.41
CA ALA D 45 -38.89 0.64 16.04
C ALA D 45 -39.76 0.77 17.29
N LYS D 46 -41.00 0.31 17.20
CA LYS D 46 -41.87 0.33 18.38
C LYS D 46 -41.31 -0.55 19.49
N LYS D 47 -40.81 -1.73 19.13
CA LYS D 47 -40.28 -2.65 20.13
C LYS D 47 -39.06 -2.08 20.83
N LEU D 48 -38.16 -1.43 20.07
CA LEU D 48 -36.90 -0.99 20.65
C LEU D 48 -37.12 0.05 21.74
N GLY D 49 -38.04 0.99 21.52
CA GLY D 49 -38.40 1.97 22.52
C GLY D 49 -38.72 3.29 21.87
N ASN D 50 -38.81 4.33 22.71
CA ASN D 50 -39.05 5.67 22.19
C ASN D 50 -37.81 6.24 21.53
N ASN D 51 -36.62 5.76 21.92
CA ASN D 51 -35.39 6.26 21.34
C ASN D 51 -35.23 5.84 19.89
N CYS D 52 -35.89 4.78 19.46
CA CYS D 52 -35.77 4.27 18.10
C CYS D 52 -37.00 4.67 17.30
N VAL D 53 -36.77 5.20 16.09
CA VAL D 53 -37.84 5.64 15.21
C VAL D 53 -37.59 5.07 13.82
N PHE D 54 -38.66 4.61 13.17
CA PHE D 54 -38.57 4.07 11.82
C PHE D 54 -38.95 5.14 10.81
N ALA D 55 -38.11 5.34 9.81
CA ALA D 55 -38.35 6.31 8.75
C ALA D 55 -38.38 5.58 7.40
N PRO D 56 -39.54 5.40 6.77
CA PRO D 56 -39.56 4.66 5.50
C PRO D 56 -38.87 5.41 4.37
N ALA D 57 -37.75 4.90 3.89
CA ALA D 57 -37.00 5.57 2.84
C ALA D 57 -36.32 4.53 1.96
N ASP D 58 -36.11 4.91 0.70
CA ASP D 58 -35.36 4.05 -0.25
C ASP D 58 -34.02 4.75 -0.47
N VAL D 59 -32.91 4.11 -0.08
CA VAL D 59 -31.59 4.73 -0.13
C VAL D 59 -31.24 5.16 -1.55
N THR D 60 -31.75 4.45 -2.55
CA THR D 60 -31.49 4.82 -3.94
C THR D 60 -32.22 6.09 -4.35
N SER D 61 -33.14 6.61 -3.52
CA SER D 61 -33.89 7.81 -3.81
C SER D 61 -33.38 8.94 -2.93
N GLU D 62 -32.93 10.03 -3.56
CA GLU D 62 -32.41 11.16 -2.79
C GLU D 62 -33.50 11.78 -1.92
N LYS D 63 -34.70 11.93 -2.47
CA LYS D 63 -35.77 12.59 -1.72
C LYS D 63 -36.14 11.81 -0.47
N ASP D 64 -36.23 10.49 -0.58
CA ASP D 64 -36.59 9.67 0.57
C ASP D 64 -35.55 9.78 1.68
N VAL D 65 -34.26 9.74 1.32
CA VAL D 65 -33.22 9.85 2.33
C VAL D 65 -33.23 11.23 2.95
N GLN D 66 -33.47 12.27 2.14
CA GLN D 66 -33.56 13.61 2.70
C GLN D 66 -34.69 13.72 3.71
N THR D 67 -35.86 13.15 3.37
CA THR D 67 -36.98 13.16 4.30
C THR D 67 -36.66 12.39 5.57
N ALA D 68 -36.00 11.23 5.44
CA ALA D 68 -35.65 10.44 6.61
C ALA D 68 -34.68 11.21 7.51
N LEU D 69 -33.70 11.88 6.92
CA LEU D 69 -32.73 12.64 7.73
C LEU D 69 -33.39 13.84 8.37
N ALA D 70 -34.33 14.49 7.68
CA ALA D 70 -35.09 15.57 8.28
C ALA D 70 -35.91 15.08 9.47
N LEU D 71 -36.53 13.91 9.33
CA LEU D 71 -37.25 13.32 10.44
C LEU D 71 -36.32 13.01 11.60
N ALA D 72 -35.12 12.49 11.31
CA ALA D 72 -34.16 12.19 12.35
C ALA D 72 -33.78 13.46 13.11
N LYS D 73 -33.51 14.55 12.37
CA LYS D 73 -33.16 15.81 13.03
C LYS D 73 -34.33 16.32 13.87
N GLY D 74 -35.54 16.24 13.33
CA GLY D 74 -36.70 16.72 14.08
C GLY D 74 -36.92 15.95 15.36
N LYS D 75 -36.77 14.62 15.30
CA LYS D 75 -37.04 13.80 16.47
C LYS D 75 -35.92 13.87 17.49
N PHE D 76 -34.67 13.98 17.06
CA PHE D 76 -33.53 13.92 17.96
C PHE D 76 -32.63 15.15 17.90
N GLY D 77 -32.78 16.01 16.89
CA GLY D 77 -32.06 17.27 16.85
C GLY D 77 -30.72 17.23 16.16
N ARG D 78 -30.21 16.04 15.82
CA ARG D 78 -28.89 15.94 15.21
C ARG D 78 -28.69 14.50 14.74
N VAL D 79 -27.62 14.31 13.96
CA VAL D 79 -27.14 13.00 13.57
C VAL D 79 -25.68 12.92 13.98
N ASP D 80 -25.35 11.93 14.82
CA ASP D 80 -23.98 11.75 15.29
C ASP D 80 -23.29 10.55 14.67
N VAL D 81 -24.03 9.58 14.15
CA VAL D 81 -23.45 8.40 13.53
C VAL D 81 -24.38 7.93 12.42
N ALA D 82 -23.82 7.28 11.42
CA ALA D 82 -24.59 6.63 10.37
C ALA D 82 -24.01 5.25 10.12
N VAL D 83 -24.89 4.28 9.94
CA VAL D 83 -24.50 2.89 9.70
C VAL D 83 -25.22 2.45 8.43
N ASN D 84 -24.47 2.36 7.33
CA ASN D 84 -25.01 1.93 6.04
C ASN D 84 -24.99 0.40 6.02
N CYS D 85 -26.08 -0.20 6.50
CA CYS D 85 -26.26 -1.64 6.49
C CYS D 85 -27.32 -2.10 5.50
N ALA D 86 -27.86 -1.20 4.69
CA ALA D 86 -28.88 -1.58 3.72
C ALA D 86 -28.23 -2.10 2.45
N GLY D 87 -28.73 -3.22 1.94
CA GLY D 87 -28.20 -3.79 0.73
C GLY D 87 -28.90 -5.08 0.41
N ILE D 88 -28.73 -5.53 -0.84
CA ILE D 88 -29.32 -6.75 -1.34
C ILE D 88 -28.21 -7.60 -1.96
N ALA D 89 -28.58 -8.82 -2.33
CA ALA D 89 -27.67 -9.75 -2.98
C ALA D 89 -28.37 -10.38 -4.18
N VAL D 90 -27.57 -10.79 -5.15
CA VAL D 90 -28.08 -11.49 -6.34
C VAL D 90 -27.14 -12.65 -6.63
N ALA D 91 -27.71 -13.79 -6.98
CA ALA D 91 -26.95 -14.96 -7.39
C ALA D 91 -27.16 -15.15 -8.90
N SER D 92 -26.10 -14.98 -9.67
CA SER D 92 -26.18 -15.13 -11.11
C SER D 92 -24.79 -15.22 -11.72
N LYS D 93 -24.58 -16.18 -12.61
CA LYS D 93 -23.29 -16.35 -13.26
C LYS D 93 -23.13 -15.34 -14.39
N THR D 94 -21.88 -14.91 -14.60
CA THR D 94 -21.61 -13.99 -15.69
C THR D 94 -22.00 -14.60 -17.03
N TYR D 95 -21.65 -15.87 -17.25
CA TYR D 95 -22.05 -16.59 -18.45
C TYR D 95 -21.94 -18.08 -18.16
N ASN D 96 -23.01 -18.81 -18.42
CA ASN D 96 -23.04 -20.26 -18.27
C ASN D 96 -23.10 -20.87 -19.68
N LEU D 97 -21.98 -21.41 -20.14
CA LEU D 97 -21.91 -21.93 -21.50
C LEU D 97 -22.87 -23.10 -21.68
N LYS D 98 -22.94 -24.00 -20.70
CA LYS D 98 -23.80 -25.17 -20.84
C LYS D 98 -25.26 -24.76 -21.05
N LYS D 99 -25.76 -23.84 -20.22
CA LYS D 99 -27.13 -23.37 -20.33
C LYS D 99 -27.30 -22.28 -21.37
N GLY D 100 -26.21 -21.75 -21.92
CA GLY D 100 -26.32 -20.64 -22.85
C GLY D 100 -27.01 -19.44 -22.23
N GLN D 101 -26.73 -19.17 -20.96
CA GLN D 101 -27.40 -18.12 -20.20
C GLN D 101 -26.39 -17.04 -19.82
N THR D 102 -26.74 -15.79 -20.09
CA THR D 102 -25.88 -14.65 -19.81
C THR D 102 -26.45 -13.82 -18.67
N HIS D 103 -25.56 -13.24 -17.89
CA HIS D 103 -25.99 -12.39 -16.79
C HIS D 103 -26.85 -11.25 -17.31
N THR D 104 -28.00 -11.05 -16.68
CA THR D 104 -28.84 -9.92 -17.03
C THR D 104 -28.21 -8.63 -16.55
N LEU D 105 -28.26 -7.60 -17.38
CA LEU D 105 -27.73 -6.30 -16.98
C LEU D 105 -28.63 -5.63 -15.94
N GLU D 106 -29.92 -5.95 -15.96
CA GLU D 106 -30.83 -5.37 -14.98
C GLU D 106 -30.45 -5.79 -13.56
N ASP D 107 -30.09 -7.06 -13.37
CA ASP D 107 -29.69 -7.51 -12.04
C ASP D 107 -28.45 -6.79 -11.55
N PHE D 108 -27.45 -6.66 -12.43
CA PHE D 108 -26.23 -5.94 -12.06
C PHE D 108 -26.53 -4.50 -11.70
N GLN D 109 -27.33 -3.83 -12.54
CA GLN D 109 -27.65 -2.43 -12.27
C GLN D 109 -28.43 -2.28 -10.97
N ARG D 110 -29.37 -3.19 -10.71
CA ARG D 110 -30.18 -3.10 -9.49
C ARG D 110 -29.32 -3.31 -8.25
N VAL D 111 -28.44 -4.32 -8.27
CA VAL D 111 -27.57 -4.55 -7.12
C VAL D 111 -26.65 -3.36 -6.91
N LEU D 112 -26.09 -2.82 -8.00
CA LEU D 112 -25.26 -1.62 -7.88
C LEU D 112 -26.04 -0.49 -7.23
N ASP D 113 -27.23 -0.20 -7.76
CA ASP D 113 -28.02 0.93 -7.25
C ASP D 113 -28.33 0.75 -5.78
N VAL D 114 -28.75 -0.45 -5.38
CA VAL D 114 -29.15 -0.64 -3.99
C VAL D 114 -27.94 -0.55 -3.06
N ASN D 115 -26.85 -1.24 -3.40
CA ASN D 115 -25.71 -1.30 -2.49
C ASN D 115 -24.83 -0.06 -2.61
N LEU D 116 -24.17 0.11 -3.76
CA LEU D 116 -23.14 1.13 -3.88
C LEU D 116 -23.73 2.53 -4.01
N MET D 117 -24.67 2.71 -4.94
CA MET D 117 -25.30 4.02 -5.10
C MET D 117 -26.08 4.40 -3.86
N GLY D 118 -26.79 3.46 -3.25
CA GLY D 118 -27.50 3.76 -2.02
C GLY D 118 -26.57 4.16 -0.90
N THR D 119 -25.46 3.43 -0.73
CA THR D 119 -24.49 3.78 0.30
C THR D 119 -23.92 5.17 0.05
N PHE D 120 -23.58 5.48 -1.20
CA PHE D 120 -23.03 6.80 -1.48
C PHE D 120 -24.05 7.90 -1.22
N ASN D 121 -25.30 7.69 -1.64
CA ASN D 121 -26.32 8.71 -1.43
C ASN D 121 -26.52 8.97 0.06
N VAL D 122 -26.63 7.90 0.85
CA VAL D 122 -26.77 8.07 2.29
C VAL D 122 -25.53 8.75 2.86
N ILE D 123 -24.34 8.37 2.39
CA ILE D 123 -23.11 8.95 2.92
C ILE D 123 -23.08 10.44 2.69
N ARG D 124 -23.41 10.88 1.47
CA ARG D 124 -23.31 12.30 1.15
C ARG D 124 -24.38 13.10 1.89
N LEU D 125 -25.62 12.60 1.93
CA LEU D 125 -26.66 13.33 2.64
C LEU D 125 -26.37 13.38 4.14
N VAL D 126 -25.85 12.28 4.70
CA VAL D 126 -25.49 12.27 6.12
C VAL D 126 -24.32 13.20 6.38
N ALA D 127 -23.37 13.29 5.44
CA ALA D 127 -22.28 14.23 5.61
C ALA D 127 -22.79 15.65 5.65
N GLY D 128 -23.72 15.98 4.77
CA GLY D 128 -24.36 17.29 4.83
C GLY D 128 -25.05 17.53 6.15
N GLU D 129 -25.79 16.53 6.65
CA GLU D 129 -26.52 16.68 7.89
C GLU D 129 -25.59 16.83 9.09
N MET D 130 -24.51 16.04 9.12
CA MET D 130 -23.59 16.00 10.25
C MET D 130 -22.55 17.11 10.22
N GLY D 131 -22.39 17.79 9.08
CA GLY D 131 -21.51 18.95 9.07
C GLY D 131 -21.98 20.05 9.99
N GLN D 132 -23.30 20.21 10.13
CA GLN D 132 -23.85 21.24 11.01
C GLN D 132 -23.56 20.98 12.48
N ASN D 133 -23.23 19.73 12.84
CA ASN D 133 -22.91 19.43 14.23
C ASN D 133 -21.67 20.21 14.66
N GLU D 134 -21.68 20.66 15.90
CA GLU D 134 -20.49 21.30 16.45
C GLU D 134 -19.43 20.23 16.72
N PRO D 135 -18.17 20.50 16.38
CA PRO D 135 -17.12 19.52 16.67
C PRO D 135 -17.04 19.22 18.15
N ASP D 136 -16.80 17.96 18.49
CA ASP D 136 -16.64 17.55 19.87
C ASP D 136 -15.22 17.88 20.32
N GLN D 137 -14.81 17.34 21.47
CA GLN D 137 -13.51 17.67 22.02
C GLN D 137 -12.39 17.35 21.04
N GLY D 138 -12.47 16.20 20.39
CA GLY D 138 -11.48 15.81 19.40
C GLY D 138 -11.69 16.39 18.02
N GLY D 139 -12.73 17.21 17.84
CA GLY D 139 -13.03 17.78 16.54
C GLY D 139 -13.92 16.94 15.66
N GLN D 140 -14.42 15.81 16.15
CA GLN D 140 -15.19 14.88 15.34
C GLN D 140 -16.65 15.32 15.28
N ARG D 141 -17.17 15.50 14.07
CA ARG D 141 -18.57 15.85 13.87
C ARG D 141 -19.46 14.65 13.62
N GLY D 142 -18.90 13.45 13.50
CA GLY D 142 -19.71 12.27 13.28
C GLY D 142 -18.85 11.10 12.85
N VAL D 143 -19.52 9.98 12.61
CA VAL D 143 -18.90 8.76 12.12
C VAL D 143 -19.84 8.13 11.10
N ILE D 144 -19.26 7.54 10.07
CA ILE D 144 -20.01 6.81 9.06
C ILE D 144 -19.38 5.43 8.92
N ILE D 145 -20.19 4.39 9.05
CA ILE D 145 -19.72 3.01 9.03
C ILE D 145 -20.48 2.29 7.92
N ASN D 146 -19.76 1.88 6.89
CA ASN D 146 -20.36 1.19 5.75
C ASN D 146 -20.26 -0.32 5.97
N THR D 147 -21.20 -1.06 5.36
CA THR D 147 -21.13 -2.51 5.34
C THR D 147 -20.68 -2.97 3.96
N ALA D 148 -19.56 -3.68 3.92
CA ALA D 148 -19.05 -4.35 2.74
C ALA D 148 -19.27 -5.84 2.92
N SER D 149 -18.69 -6.63 2.02
CA SER D 149 -18.65 -8.07 2.19
C SER D 149 -17.25 -8.57 1.84
N VAL D 150 -16.91 -9.75 2.36
CA VAL D 150 -15.71 -10.44 1.92
C VAL D 150 -15.79 -10.77 0.43
N ALA D 151 -16.98 -10.67 -0.17
CA ALA D 151 -17.09 -10.75 -1.62
C ALA D 151 -16.26 -9.68 -2.30
N ALA D 152 -16.00 -8.55 -1.60
CA ALA D 152 -15.18 -7.50 -2.17
C ALA D 152 -13.75 -7.98 -2.42
N PHE D 153 -13.29 -8.97 -1.66
CA PHE D 153 -11.93 -9.48 -1.77
C PHE D 153 -11.90 -10.89 -2.35
N GLU D 154 -12.60 -11.83 -1.72
CA GLU D 154 -12.66 -13.22 -2.16
C GLU D 154 -14.10 -13.52 -2.57
N GLY D 155 -14.44 -13.20 -3.81
CA GLY D 155 -15.77 -13.47 -4.30
C GLY D 155 -15.92 -14.87 -4.86
N GLN D 156 -17.15 -15.36 -4.85
CA GLN D 156 -17.47 -16.71 -5.29
C GLN D 156 -18.17 -16.67 -6.64
N VAL D 157 -18.23 -17.83 -7.29
CA VAL D 157 -18.88 -17.97 -8.58
C VAL D 157 -20.30 -17.43 -8.49
N GLY D 158 -20.78 -16.82 -9.56
CA GLY D 158 -22.12 -16.25 -9.56
C GLY D 158 -22.31 -15.16 -8.53
N GLN D 159 -21.29 -14.34 -8.33
CA GLN D 159 -21.34 -13.23 -7.37
C GLN D 159 -20.71 -11.99 -7.98
N ALA D 160 -20.93 -11.77 -9.28
CA ALA D 160 -20.26 -10.67 -9.97
C ALA D 160 -20.80 -9.32 -9.51
N ALA D 161 -22.13 -9.16 -9.47
CA ALA D 161 -22.70 -7.85 -9.15
C ALA D 161 -22.50 -7.52 -7.68
N TYR D 162 -22.73 -8.47 -6.79
CA TYR D 162 -22.52 -8.23 -5.36
C TYR D 162 -21.06 -7.90 -5.08
N SER D 163 -20.15 -8.65 -5.68
CA SER D 163 -18.73 -8.37 -5.50
C SER D 163 -18.36 -6.99 -6.06
N ALA D 164 -18.95 -6.62 -7.19
CA ALA D 164 -18.67 -5.31 -7.76
C ALA D 164 -19.12 -4.20 -6.82
N SER D 165 -20.34 -4.32 -6.28
CA SER D 165 -20.84 -3.29 -5.37
C SER D 165 -19.99 -3.20 -4.11
N LYS D 166 -19.63 -4.34 -3.52
CA LYS D 166 -18.84 -4.31 -2.29
C LYS D 166 -17.43 -3.81 -2.56
N GLY D 167 -16.86 -4.16 -3.71
CA GLY D 167 -15.57 -3.60 -4.07
C GLY D 167 -15.63 -2.11 -4.29
N GLY D 168 -16.76 -1.62 -4.83
CA GLY D 168 -16.93 -0.18 -4.96
C GLY D 168 -16.98 0.51 -3.62
N ILE D 169 -17.69 -0.09 -2.66
CA ILE D 169 -17.73 0.49 -1.32
C ILE D 169 -16.34 0.51 -0.71
N VAL D 170 -15.60 -0.60 -0.85
CA VAL D 170 -14.25 -0.66 -0.30
C VAL D 170 -13.36 0.40 -0.96
N GLY D 171 -13.51 0.59 -2.28
CA GLY D 171 -12.70 1.58 -2.96
C GLY D 171 -13.01 3.00 -2.54
N MET D 172 -14.30 3.32 -2.38
CA MET D 172 -14.70 4.66 -2.02
C MET D 172 -14.57 4.95 -0.52
N THR D 173 -14.24 3.95 0.28
CA THR D 173 -14.06 4.21 1.71
C THR D 173 -13.00 5.28 1.98
N LEU D 174 -11.87 5.22 1.26
CA LEU D 174 -10.77 6.14 1.52
C LEU D 174 -10.97 7.51 0.86
N PRO D 175 -11.39 7.58 -0.41
CA PRO D 175 -11.65 8.91 -1.00
C PRO D 175 -12.62 9.74 -0.19
N ILE D 176 -13.69 9.13 0.32
CA ILE D 176 -14.65 9.87 1.12
C ILE D 176 -14.06 10.23 2.47
N ALA D 177 -13.21 9.36 3.02
CA ALA D 177 -12.52 9.70 4.27
C ALA D 177 -11.67 10.94 4.10
N ARG D 178 -10.99 11.07 2.96
CA ARG D 178 -10.19 12.26 2.70
C ARG D 178 -11.07 13.46 2.37
N ASP D 179 -12.20 13.25 1.70
CA ASP D 179 -13.12 14.35 1.42
C ASP D 179 -13.64 14.97 2.71
N LEU D 180 -14.04 14.13 3.66
CA LEU D 180 -14.68 14.59 4.89
C LEU D 180 -13.70 14.75 6.04
N ALA D 181 -12.42 14.45 5.84
CA ALA D 181 -11.44 14.65 6.92
C ALA D 181 -11.44 16.07 7.46
N PRO D 182 -11.37 17.11 6.64
CA PRO D 182 -11.39 18.47 7.21
C PRO D 182 -12.64 18.77 8.02
N ILE D 183 -13.80 18.24 7.62
CA ILE D 183 -15.02 18.46 8.37
C ILE D 183 -14.92 17.82 9.75
N GLY D 184 -14.46 16.58 9.81
CA GLY D 184 -14.33 15.87 11.06
C GLY D 184 -15.18 14.62 11.12
N ILE D 185 -15.64 14.15 9.97
CA ILE D 185 -16.44 12.93 9.89
C ILE D 185 -15.52 11.76 9.59
N ARG D 186 -15.62 10.70 10.39
CA ARG D 186 -14.82 9.49 10.21
C ARG D 186 -15.62 8.48 9.40
N VAL D 187 -15.01 7.93 8.37
CA VAL D 187 -15.65 6.95 7.50
C VAL D 187 -14.90 5.63 7.64
N MET D 188 -15.63 4.57 7.97
CA MET D 188 -15.06 3.24 8.14
C MET D 188 -15.93 2.24 7.40
N THR D 189 -15.33 1.09 7.09
CA THR D 189 -16.01 0.01 6.39
C THR D 189 -15.82 -1.28 7.17
N ILE D 190 -16.88 -2.09 7.21
CA ILE D 190 -16.84 -3.40 7.84
C ILE D 190 -17.14 -4.44 6.76
N ALA D 191 -16.29 -5.45 6.69
CA ALA D 191 -16.47 -6.51 5.69
C ALA D 191 -16.86 -7.81 6.39
N PRO D 192 -18.12 -7.96 6.79
CA PRO D 192 -18.54 -9.20 7.45
C PRO D 192 -18.44 -10.40 6.51
N GLY D 193 -18.26 -11.56 7.11
CA GLY D 193 -18.17 -12.80 6.36
C GLY D 193 -19.51 -13.48 6.27
N LEU D 194 -19.71 -14.54 7.04
CA LEU D 194 -20.98 -15.24 7.11
C LEU D 194 -21.65 -14.91 8.43
N PHE D 195 -22.91 -14.51 8.38
CA PHE D 195 -23.64 -14.02 9.54
C PHE D 195 -25.05 -14.60 9.55
N GLY D 196 -25.52 -14.96 10.73
CA GLY D 196 -26.83 -15.56 10.88
C GLY D 196 -27.96 -14.55 10.73
N THR D 197 -28.12 -14.01 9.54
CA THR D 197 -29.17 -13.06 9.21
C THR D 197 -30.16 -13.67 8.23
N PRO D 198 -31.28 -12.99 7.96
CA PRO D 198 -32.23 -13.56 7.00
C PRO D 198 -31.64 -13.83 5.63
N LEU D 199 -30.58 -13.10 5.26
CA LEU D 199 -29.89 -13.38 4.00
C LEU D 199 -29.33 -14.79 3.98
N LEU D 200 -29.09 -15.40 5.14
CA LEU D 200 -28.57 -16.75 5.26
C LEU D 200 -29.45 -17.69 6.07
N THR D 201 -30.25 -17.17 7.00
CA THR D 201 -31.10 -18.04 7.80
C THR D 201 -32.15 -18.73 6.94
N SER D 202 -32.68 -18.05 5.93
CA SER D 202 -33.72 -18.64 5.10
C SER D 202 -33.22 -19.85 4.31
N LEU D 203 -31.90 -20.03 4.21
CA LEU D 203 -31.36 -21.16 3.48
C LEU D 203 -31.60 -22.46 4.24
N PRO D 204 -31.58 -23.60 3.54
CA PRO D 204 -31.80 -24.88 4.22
C PRO D 204 -30.72 -25.16 5.25
N GLU D 205 -31.10 -25.90 6.29
CA GLU D 205 -30.18 -26.14 7.40
C GLU D 205 -28.92 -26.87 6.96
N LYS D 206 -28.97 -27.63 5.86
CA LYS D 206 -27.78 -28.34 5.40
C LYS D 206 -26.68 -27.38 4.98
N VAL D 207 -27.01 -26.43 4.11
CA VAL D 207 -26.01 -25.47 3.64
C VAL D 207 -25.58 -24.56 4.78
N CYS D 208 -26.49 -24.22 5.70
CA CYS D 208 -26.11 -23.41 6.85
C CYS D 208 -25.11 -24.15 7.72
N ASN D 209 -25.34 -25.46 7.94
CA ASN D 209 -24.37 -26.24 8.70
C ASN D 209 -23.03 -26.31 7.99
N PHE D 210 -23.06 -26.48 6.66
CA PHE D 210 -21.82 -26.50 5.89
C PHE D 210 -21.05 -25.20 6.04
N LEU D 211 -21.76 -24.08 5.91
CA LEU D 211 -21.12 -22.76 6.05
C LEU D 211 -20.56 -22.57 7.46
N ALA D 212 -21.33 -22.98 8.47
CA ALA D 212 -20.82 -22.90 9.84
C ALA D 212 -19.56 -23.72 10.00
N SER D 213 -19.47 -24.86 9.31
CA SER D 213 -18.26 -25.66 9.35
C SER D 213 -17.12 -24.99 8.59
N GLN D 214 -17.43 -24.20 7.58
CA GLN D 214 -16.39 -23.59 6.75
C GLN D 214 -15.52 -22.63 7.56
N VAL D 215 -16.14 -21.81 8.39
CA VAL D 215 -15.42 -20.77 9.12
C VAL D 215 -14.36 -21.41 10.02
N PRO D 216 -13.08 -21.05 9.88
CA PRO D 216 -12.07 -21.69 10.74
C PRO D 216 -12.33 -21.51 12.22
N PHE D 217 -12.71 -20.30 12.65
CA PHE D 217 -13.06 -20.06 14.04
C PHE D 217 -13.67 -18.67 14.20
N PRO D 218 -14.77 -18.53 14.96
CA PRO D 218 -15.58 -19.59 15.57
C PRO D 218 -16.33 -20.36 14.50
N SER D 219 -16.37 -21.69 14.60
CA SER D 219 -16.94 -22.54 13.56
C SER D 219 -18.47 -22.43 13.59
N ARG D 220 -18.95 -21.25 13.20
CA ARG D 220 -20.38 -20.99 13.17
C ARG D 220 -20.63 -19.80 12.27
N LEU D 221 -21.90 -19.61 11.90
CA LEU D 221 -22.29 -18.38 11.25
C LEU D 221 -22.09 -17.21 12.20
N GLY D 222 -21.71 -16.06 11.65
CA GLY D 222 -21.46 -14.91 12.48
C GLY D 222 -22.71 -14.48 13.23
N ASP D 223 -22.49 -13.96 14.43
CA ASP D 223 -23.57 -13.44 15.25
C ASP D 223 -23.77 -11.96 14.95
N PRO D 224 -24.95 -11.54 14.52
CA PRO D 224 -25.14 -10.09 14.27
C PRO D 224 -24.82 -9.24 15.48
N ALA D 225 -24.95 -9.78 16.69
CA ALA D 225 -24.53 -9.04 17.87
C ALA D 225 -23.04 -8.70 17.80
N GLU D 226 -22.24 -9.54 17.16
CA GLU D 226 -20.82 -9.23 17.01
C GLU D 226 -20.59 -8.12 15.99
N TYR D 227 -21.40 -8.07 14.93
CA TYR D 227 -21.33 -6.93 14.02
C TYR D 227 -21.70 -5.65 14.75
N ALA D 228 -22.74 -5.70 15.58
CA ALA D 228 -23.10 -4.52 16.37
C ALA D 228 -21.98 -4.13 17.33
N HIS D 229 -21.34 -5.11 17.95
CA HIS D 229 -20.23 -4.82 18.85
C HIS D 229 -19.08 -4.15 18.09
N LEU D 230 -18.77 -4.64 16.89
CA LEU D 230 -17.71 -4.02 16.11
C LEU D 230 -18.08 -2.61 15.71
N VAL D 231 -19.35 -2.38 15.35
CA VAL D 231 -19.79 -1.03 15.00
C VAL D 231 -19.64 -0.11 16.20
N GLN D 232 -20.01 -0.57 17.38
CA GLN D 232 -19.84 0.25 18.58
C GLN D 232 -18.37 0.52 18.86
N ALA D 233 -17.52 -0.48 18.66
CA ALA D 233 -16.09 -0.28 18.87
C ALA D 233 -15.53 0.75 17.90
N ILE D 234 -16.01 0.73 16.65
CA ILE D 234 -15.59 1.73 15.68
C ILE D 234 -16.08 3.11 16.08
N ILE D 235 -17.32 3.20 16.57
CA ILE D 235 -17.85 4.49 17.01
C ILE D 235 -17.03 5.03 18.17
N GLU D 236 -16.62 4.15 19.09
CA GLU D 236 -15.92 4.60 20.29
C GLU D 236 -14.47 4.97 20.01
N ASN D 237 -13.82 4.30 19.07
CA ASN D 237 -12.42 4.59 18.78
C ASN D 237 -12.34 5.82 17.89
N PRO D 238 -11.73 6.92 18.34
CA PRO D 238 -11.68 8.13 17.51
C PRO D 238 -10.60 8.12 16.45
N PHE D 239 -9.73 7.10 16.43
CA PHE D 239 -8.57 7.09 15.54
C PHE D 239 -8.67 5.99 14.50
N LEU D 240 -9.84 5.38 14.33
CA LEU D 240 -10.11 4.42 13.27
C LEU D 240 -10.79 5.15 12.13
N ASN D 241 -10.13 5.24 10.98
CA ASN D 241 -10.66 5.99 9.86
C ASN D 241 -10.12 5.42 8.56
N GLY D 242 -10.96 5.46 7.52
CA GLY D 242 -10.52 5.07 6.20
C GLY D 242 -9.96 3.67 6.12
N GLU D 243 -10.59 2.71 6.78
CA GLU D 243 -10.06 1.37 6.90
C GLU D 243 -11.19 0.37 6.78
N VAL D 244 -10.87 -0.81 6.24
CA VAL D 244 -11.81 -1.92 6.09
C VAL D 244 -11.42 -3.01 7.08
N ILE D 245 -12.39 -3.46 7.86
CA ILE D 245 -12.17 -4.50 8.87
C ILE D 245 -12.96 -5.73 8.45
N ARG D 246 -12.25 -6.84 8.28
CA ARG D 246 -12.88 -8.10 7.85
C ARG D 246 -13.31 -8.85 9.09
N LEU D 247 -14.61 -8.78 9.41
CA LEU D 247 -15.19 -9.49 10.54
C LEU D 247 -15.85 -10.76 10.01
N ASP D 248 -15.02 -11.76 9.74
CA ASP D 248 -15.48 -12.97 9.08
C ASP D 248 -15.01 -14.25 9.75
N GLY D 249 -14.26 -14.17 10.84
CA GLY D 249 -13.82 -15.38 11.53
C GLY D 249 -12.74 -16.15 10.83
N ALA D 250 -11.95 -15.51 9.97
CA ALA D 250 -10.81 -16.08 9.25
C ALA D 250 -11.22 -16.92 8.06
N ILE D 251 -12.49 -16.87 7.65
CA ILE D 251 -12.94 -17.65 6.50
C ILE D 251 -12.56 -16.91 5.22
N ARG D 252 -11.95 -17.63 4.29
CA ARG D 252 -11.63 -17.12 2.96
C ARG D 252 -12.52 -17.87 1.98
N MET D 253 -13.50 -17.17 1.41
CA MET D 253 -14.52 -17.81 0.59
C MET D 253 -13.91 -18.56 -0.58
N GLN D 254 -14.04 -19.89 -0.57
CA GLN D 254 -13.54 -20.71 -1.65
C GLN D 254 -14.35 -20.48 -2.92
N PRO D 255 -13.79 -20.80 -4.09
CA PRO D 255 -14.45 -20.51 -5.38
C PRO D 255 -15.94 -20.80 -5.39
N LYS E 1 -15.71 19.26 -19.74
CA LYS E 1 -15.00 18.02 -20.04
C LYS E 1 -14.98 17.11 -18.82
N ASN E 2 -14.23 16.02 -18.91
CA ASN E 2 -14.07 15.08 -17.80
C ASN E 2 -12.77 15.39 -17.07
N PHE E 3 -12.85 15.61 -15.77
CA PHE E 3 -11.71 15.97 -14.95
C PHE E 3 -11.42 14.84 -13.98
N LEU E 4 -10.14 14.48 -13.85
CA LEU E 4 -9.73 13.41 -12.95
C LEU E 4 -9.45 13.92 -11.55
N PHE E 5 -8.80 15.08 -11.44
CA PHE E 5 -8.41 15.64 -10.16
C PHE E 5 -9.10 16.98 -9.94
N LEU E 6 -9.44 17.25 -8.69
CA LEU E 6 -9.87 18.58 -8.30
C LEU E 6 -8.72 19.57 -8.48
N ARG E 7 -9.09 20.82 -8.76
CA ARG E 7 -8.10 21.88 -8.90
C ARG E 7 -7.63 22.29 -7.51
N LEU E 8 -6.74 21.46 -6.96
CA LEU E 8 -6.13 21.69 -5.66
C LEU E 8 -4.63 21.43 -5.76
N TRP E 9 -4.02 21.99 -6.81
CA TRP E 9 -2.63 21.67 -7.12
C TRP E 9 -1.65 22.39 -6.22
N ASP E 10 -1.99 23.57 -5.70
CA ASP E 10 -1.06 24.28 -4.81
C ASP E 10 -0.96 23.58 -3.46
N ARG E 11 -2.10 23.17 -2.91
CA ARG E 11 -2.10 22.39 -1.68
C ARG E 11 -1.33 21.09 -1.86
N ASN E 12 -1.58 20.39 -2.96
CA ASN E 12 -0.90 19.12 -3.20
C ASN E 12 0.59 19.32 -3.39
N MET E 13 0.98 20.38 -4.09
CA MET E 13 2.40 20.66 -4.28
C MET E 13 3.08 20.94 -2.96
N ASP E 14 2.44 21.74 -2.10
CA ASP E 14 3.05 22.03 -0.80
C ASP E 14 3.14 20.79 0.06
N ILE E 15 2.11 19.93 0.02
CA ILE E 15 2.13 18.69 0.79
C ILE E 15 3.27 17.78 0.30
N ALA E 16 3.42 17.64 -1.02
CA ALA E 16 4.47 16.79 -1.55
C ALA E 16 5.85 17.34 -1.22
N MET E 17 6.02 18.66 -1.29
CA MET E 17 7.29 19.26 -0.89
C MET E 17 7.57 19.02 0.59
N GLY E 18 6.52 19.05 1.41
CA GLY E 18 6.70 18.73 2.82
C GLY E 18 7.13 17.29 3.02
N TRP E 19 6.52 16.35 2.29
CA TRP E 19 6.92 14.95 2.40
C TRP E 19 8.39 14.77 2.01
N LYS E 20 8.79 15.39 0.89
CA LYS E 20 10.17 15.27 0.44
C LYS E 20 11.13 15.90 1.43
N GLY E 21 10.77 17.05 2.00
CA GLY E 21 11.62 17.65 3.02
C GLY E 21 11.70 16.82 4.28
N ALA E 22 10.60 16.16 4.65
CA ALA E 22 10.63 15.26 5.79
C ALA E 22 11.59 14.10 5.55
N GLN E 23 11.59 13.54 4.33
CA GLN E 23 12.56 12.51 4.00
C GLN E 23 13.98 13.05 4.01
N ALA E 24 14.16 14.27 3.49
CA ALA E 24 15.49 14.87 3.43
C ALA E 24 16.05 15.12 4.82
N MET E 25 15.20 15.52 5.76
CA MET E 25 15.65 15.74 7.13
C MET E 25 16.27 14.48 7.73
N GLN E 26 15.95 13.31 7.17
CA GLN E 26 16.42 12.03 7.66
C GLN E 26 17.60 11.49 6.85
N PHE E 27 17.47 11.47 5.52
CA PHE E 27 18.47 10.87 4.63
C PHE E 27 19.09 11.86 3.66
N GLY E 28 18.91 13.15 3.89
CA GLY E 28 19.48 14.15 3.02
C GLY E 28 20.89 14.54 3.45
N GLN E 29 21.51 15.35 2.61
CA GLN E 29 22.86 15.83 2.88
C GLN E 29 22.80 17.17 3.60
N PRO E 30 23.46 17.34 4.75
CA PRO E 30 23.38 18.63 5.45
C PRO E 30 23.91 19.77 4.61
N LEU E 31 23.26 20.92 4.74
CA LEU E 31 23.78 22.20 4.26
C LEU E 31 23.57 23.20 5.37
N VAL E 32 24.60 23.97 5.68
CA VAL E 32 24.59 24.86 6.84
C VAL E 32 24.53 26.30 6.35
N PHE E 33 23.69 27.09 7.01
CA PHE E 33 23.72 28.54 6.92
C PHE E 33 24.21 29.04 8.27
N ASP E 34 25.44 29.52 8.32
CA ASP E 34 26.05 29.95 9.58
C ASP E 34 25.58 31.37 9.89
N MET E 35 24.58 31.47 10.76
CA MET E 35 24.10 32.75 11.27
C MET E 35 24.92 33.15 12.50
N ALA E 36 26.05 33.79 12.24
CA ALA E 36 26.93 34.29 13.29
C ALA E 36 27.48 35.67 12.94
N TYR E 37 26.97 36.27 11.87
CA TYR E 37 27.47 37.57 11.38
C TYR E 37 26.54 38.69 11.74
N GLU E 38 25.84 38.62 12.89
CA GLU E 38 24.94 39.69 13.29
C GLU E 38 25.71 40.99 13.54
N ASN E 39 26.93 40.87 14.08
CA ASN E 39 27.70 42.06 14.41
C ASN E 39 27.98 42.90 13.18
N TYR E 40 28.33 42.25 12.05
CA TYR E 40 28.79 42.99 10.88
C TYR E 40 27.62 43.63 10.13
N MET E 41 26.49 42.95 10.04
CA MET E 41 25.40 43.41 9.19
C MET E 41 24.71 44.63 9.80
N LYS E 42 24.24 45.53 8.93
CA LYS E 42 23.41 46.64 9.33
C LYS E 42 21.95 46.21 9.28
N ARG E 43 21.02 47.17 9.41
CA ARG E 43 19.61 46.83 9.38
C ARG E 43 19.19 46.32 8.01
N LYS E 44 19.51 47.07 6.95
CA LYS E 44 19.10 46.64 5.61
C LYS E 44 19.85 45.40 5.16
N GLU E 45 21.12 45.28 5.56
CA GLU E 45 21.87 44.07 5.24
C GLU E 45 21.22 42.85 5.87
N LEU E 46 20.76 42.97 7.11
CA LEU E 46 20.08 41.87 7.78
C LEU E 46 18.73 41.57 7.13
N GLN E 47 17.99 42.62 6.74
CA GLN E 47 16.75 42.38 6.01
C GLN E 47 17.02 41.57 4.74
N ASN E 48 18.01 41.95 3.96
CA ASN E 48 18.21 41.08 2.79
C ASN E 48 18.58 39.69 3.30
N THR E 49 19.61 39.62 4.13
CA THR E 49 20.05 38.29 4.50
C THR E 49 18.86 37.39 4.78
N VAL E 50 17.89 37.87 5.54
CA VAL E 50 16.71 37.07 5.84
C VAL E 50 15.92 36.79 4.57
N SER E 51 15.77 37.80 3.70
CA SER E 51 15.02 37.58 2.47
C SER E 51 15.71 36.54 1.58
N GLN E 52 17.03 36.58 1.51
CA GLN E 52 17.76 35.61 0.71
C GLN E 52 17.68 34.22 1.31
N LEU E 53 17.69 34.11 2.64
CA LEU E 53 17.48 32.81 3.27
C LEU E 53 16.09 32.28 2.94
N LEU E 54 15.08 33.14 2.95
CA LEU E 54 13.74 32.71 2.57
C LEU E 54 13.72 32.18 1.15
N GLU E 55 14.28 32.94 0.20
CA GLU E 55 14.28 32.48 -1.19
C GLU E 55 15.09 31.20 -1.36
N SER E 56 16.20 31.08 -0.65
CA SER E 56 17.05 29.89 -0.77
C SER E 56 16.34 28.65 -0.25
N GLU E 57 15.73 28.76 0.93
CA GLU E 57 15.02 27.61 1.47
C GLU E 57 13.80 27.29 0.62
N GLY E 58 13.21 28.29 -0.03
CA GLY E 58 12.15 28.00 -0.99
C GLY E 58 12.64 27.24 -2.21
N TRP E 59 13.81 27.61 -2.72
CA TRP E 59 14.38 26.88 -3.85
C TRP E 59 14.71 25.45 -3.47
N ASN E 60 15.31 25.25 -2.30
CA ASN E 60 15.68 23.90 -1.86
C ASN E 60 14.46 23.07 -1.51
N ARG E 61 13.39 23.71 -1.02
CA ARG E 61 12.17 22.99 -0.70
C ARG E 61 11.55 22.35 -1.93
N ARG E 62 11.72 22.96 -3.11
CA ARG E 62 11.12 22.47 -4.33
C ARG E 62 12.06 21.60 -5.15
N ASN E 63 13.25 21.29 -4.65
CA ASN E 63 14.20 20.50 -5.39
C ASN E 63 13.67 19.07 -5.58
N VAL E 64 14.46 18.24 -6.26
CA VAL E 64 14.11 16.84 -6.46
C VAL E 64 14.84 16.00 -5.43
N ASP E 65 16.01 16.48 -4.98
CA ASP E 65 16.76 15.87 -3.89
C ASP E 65 17.15 17.00 -2.95
N PRO E 66 16.24 17.43 -2.08
CA PRO E 66 16.54 18.56 -1.21
C PRO E 66 17.68 18.27 -0.24
N PHE E 67 18.39 19.33 0.13
CA PHE E 67 19.36 19.26 1.21
C PHE E 67 18.63 19.07 2.53
N HIS E 68 19.41 19.00 3.61
CA HIS E 68 18.89 19.12 4.97
C HIS E 68 19.50 20.39 5.55
N ILE E 69 18.84 21.53 5.32
CA ILE E 69 19.42 22.81 5.70
C ILE E 69 19.50 22.92 7.21
N TYR E 70 20.67 23.31 7.71
CA TYR E 70 20.87 23.61 9.11
C TYR E 70 21.05 25.10 9.29
N PHE E 71 20.30 25.69 10.23
CA PHE E 71 20.51 27.08 10.64
C PHE E 71 21.30 27.05 11.94
N CYS E 72 22.60 26.89 11.82
CA CYS E 72 23.48 26.73 12.97
C CYS E 72 23.87 28.09 13.55
N ASN E 73 24.07 28.11 14.87
CA ASN E 73 24.46 29.32 15.59
C ASN E 73 23.40 30.41 15.48
N LEU E 74 22.15 30.03 15.25
CA LEU E 74 21.06 30.99 15.13
C LEU E 74 20.60 31.36 16.53
N LYS E 75 21.15 32.46 17.05
CA LYS E 75 20.80 32.92 18.38
C LYS E 75 19.30 33.18 18.47
N ILE E 76 18.66 32.68 19.53
CA ILE E 76 17.21 32.76 19.63
C ILE E 76 16.75 34.22 19.72
N ASP E 77 17.40 35.00 20.58
CA ASP E 77 16.98 36.36 20.83
C ASP E 77 17.60 37.38 19.87
N GLY E 78 18.48 36.94 18.98
CA GLY E 78 19.12 37.87 18.07
C GLY E 78 18.17 38.40 17.02
N ALA E 79 18.69 39.35 16.23
CA ALA E 79 17.87 39.97 15.19
C ALA E 79 17.66 39.04 14.00
N LEU E 80 18.61 38.15 13.73
CA LEU E 80 18.41 37.16 12.68
C LEU E 80 17.17 36.31 12.97
N HIS E 81 17.09 35.74 14.16
CA HIS E 81 15.94 34.91 14.52
C HIS E 81 14.66 35.74 14.53
N ARG E 82 14.74 36.96 15.05
CA ARG E 82 13.55 37.82 15.12
C ARG E 82 12.99 38.07 13.73
N GLU E 83 13.85 38.44 12.79
CA GLU E 83 13.39 38.74 11.45
C GLU E 83 12.94 37.49 10.72
N LEU E 84 13.64 36.36 10.94
CA LEU E 84 13.21 35.11 10.33
C LEU E 84 11.81 34.74 10.79
N VAL E 85 11.54 34.86 12.09
CA VAL E 85 10.21 34.58 12.61
C VAL E 85 9.20 35.54 12.04
N LYS E 86 9.53 36.83 12.01
CA LYS E 86 8.58 37.80 11.48
C LYS E 86 8.22 37.49 10.03
N ARG E 87 9.20 37.08 9.22
CA ARG E 87 8.95 36.83 7.80
C ARG E 87 8.20 35.53 7.60
N TYR E 88 8.57 34.47 8.31
CA TYR E 88 7.95 33.16 8.07
C TYR E 88 6.56 33.07 8.72
N GLN E 89 6.38 33.72 9.87
CA GLN E 89 5.10 33.73 10.58
C GLN E 89 4.78 32.35 11.14
N GLU E 90 3.55 31.87 10.94
CA GLU E 90 3.16 30.59 11.51
C GLU E 90 3.96 29.42 10.94
N LYS E 91 4.65 29.63 9.82
CA LYS E 91 5.38 28.56 9.17
C LYS E 91 6.74 28.28 9.82
N TRP E 92 7.27 29.20 10.61
CA TRP E 92 8.62 29.00 11.15
C TRP E 92 8.72 27.71 11.95
N ASP E 93 7.63 27.30 12.60
CA ASP E 93 7.62 26.06 13.38
C ASP E 93 7.29 24.84 12.54
N LYS E 94 6.90 25.03 11.28
CA LYS E 94 6.60 23.92 10.39
C LYS E 94 7.68 23.67 9.35
N LEU E 95 8.63 24.59 9.19
CA LEU E 95 9.70 24.40 8.23
C LEU E 95 10.49 23.14 8.58
N LEU E 96 10.84 22.38 7.55
CA LEU E 96 11.60 21.13 7.74
C LEU E 96 13.09 21.40 7.56
N LEU E 97 13.61 22.22 8.46
CA LEU E 97 15.04 22.47 8.55
C LEU E 97 15.44 22.48 10.01
N THR E 98 16.71 22.19 10.28
CA THR E 98 17.23 22.16 11.64
C THR E 98 17.77 23.54 11.99
N SER E 99 17.08 24.22 12.90
CA SER E 99 17.51 25.52 13.40
C SER E 99 18.03 25.30 14.82
N THR E 100 19.33 25.47 15.00
CA THR E 100 20.00 25.12 16.25
C THR E 100 20.95 26.23 16.68
N GLU E 101 21.07 26.40 17.99
CA GLU E 101 22.00 27.36 18.56
C GLU E 101 23.43 26.85 18.63
N LYS E 102 23.64 25.55 18.43
CA LYS E 102 24.97 24.98 18.50
C LYS E 102 25.71 25.18 17.18
N SER E 103 26.96 25.61 17.26
CA SER E 103 27.76 25.79 16.06
C SER E 103 27.84 24.48 15.29
N HIS E 104 27.98 24.60 13.97
CA HIS E 104 28.02 23.40 13.13
C HIS E 104 29.11 22.44 13.57
N VAL E 105 30.19 22.96 14.16
CA VAL E 105 31.24 22.09 14.68
C VAL E 105 30.72 21.18 15.77
N ASP E 106 29.60 21.52 16.39
CA ASP E 106 29.01 20.72 17.46
C ASP E 106 28.05 19.65 16.95
N LEU E 107 27.71 19.67 15.66
CA LEU E 107 26.73 18.74 15.10
C LEU E 107 27.33 17.75 14.12
N PHE E 108 28.44 18.09 13.48
CA PHE E 108 29.06 17.26 12.45
C PHE E 108 30.54 17.11 12.75
N PRO E 109 31.17 16.05 12.24
CA PRO E 109 32.63 15.93 12.39
C PRO E 109 33.33 17.11 11.74
N LYS E 110 34.38 17.61 12.40
CA LYS E 110 35.13 18.72 11.86
C LYS E 110 35.80 18.37 10.55
N ASP E 111 35.94 17.08 10.24
CA ASP E 111 36.57 16.62 9.01
C ASP E 111 35.59 16.53 7.85
N SER E 112 34.30 16.80 8.08
CA SER E 112 33.29 16.77 7.04
C SER E 112 32.66 18.14 6.82
N ILE E 113 33.33 19.20 7.23
CA ILE E 113 32.82 20.57 7.11
C ILE E 113 33.76 21.34 6.18
N ILE E 114 33.18 21.93 5.13
CA ILE E 114 33.89 22.80 4.21
C ILE E 114 33.14 24.13 4.19
N TYR E 115 33.83 25.20 4.53
CA TYR E 115 33.21 26.52 4.59
C TYR E 115 33.42 27.23 3.26
N LEU E 116 32.33 27.50 2.55
CA LEU E 116 32.42 28.08 1.21
C LEU E 116 32.58 29.59 1.31
N THR E 117 33.71 30.09 0.81
CA THR E 117 33.98 31.52 0.82
C THR E 117 34.95 31.84 -0.30
N ALA E 118 34.65 32.89 -1.07
CA ALA E 118 35.50 33.26 -2.19
C ALA E 118 36.92 33.58 -1.73
N ASP E 119 37.06 34.11 -0.52
CA ASP E 119 38.38 34.47 0.00
C ASP E 119 39.27 33.27 0.23
N SER E 120 38.73 32.05 0.20
CA SER E 120 39.55 30.87 0.36
C SER E 120 40.39 30.64 -0.91
N PRO E 121 41.60 30.10 -0.76
CA PRO E 121 42.43 29.84 -1.95
C PRO E 121 42.04 28.57 -2.68
N ASN E 122 41.62 27.55 -1.92
CA ASN E 122 41.25 26.28 -2.51
C ASN E 122 39.98 26.41 -3.33
N VAL E 123 39.97 25.79 -4.50
CA VAL E 123 38.81 25.82 -5.38
C VAL E 123 38.04 24.51 -5.25
N MET E 124 36.76 24.56 -5.56
CA MET E 124 35.86 23.42 -5.40
C MET E 124 35.93 22.59 -6.66
N THR E 125 36.77 21.55 -6.65
CA THR E 125 36.93 20.70 -7.83
C THR E 125 35.61 20.06 -8.21
N THR E 126 35.08 19.21 -7.34
CA THR E 126 33.81 18.53 -7.59
C THR E 126 32.97 18.58 -6.32
N PHE E 127 31.65 18.53 -6.51
CA PHE E 127 30.72 18.55 -5.38
C PHE E 127 30.72 17.18 -4.72
N ARG E 128 31.18 17.12 -3.48
CA ARG E 128 31.28 15.87 -2.76
C ARG E 128 29.99 15.59 -2.01
N HIS E 129 29.56 14.32 -2.04
CA HIS E 129 28.29 13.91 -1.44
C HIS E 129 28.45 13.36 -0.04
N ASP E 130 29.66 13.37 0.53
CA ASP E 130 29.89 12.94 1.90
C ASP E 130 30.36 14.08 2.79
N LYS E 131 30.22 15.33 2.33
CA LYS E 131 30.69 16.50 3.05
C LYS E 131 29.52 17.37 3.46
N VAL E 132 29.82 18.36 4.30
CA VAL E 132 28.87 19.39 4.69
C VAL E 132 29.41 20.72 4.17
N TYR E 133 28.54 21.53 3.58
CA TYR E 133 28.91 22.81 3.02
C TYR E 133 28.30 23.91 3.87
N VAL E 134 29.15 24.83 4.34
CA VAL E 134 28.72 25.92 5.20
C VAL E 134 28.68 27.19 4.36
N ILE E 135 27.49 27.76 4.22
CA ILE E 135 27.26 28.99 3.47
C ILE E 135 26.96 30.08 4.50
N GLY E 136 27.98 30.85 4.86
CA GLY E 136 27.79 31.91 5.83
C GLY E 136 26.79 32.95 5.36
N SER E 137 25.60 32.94 5.96
CA SER E 137 24.58 33.90 5.59
C SER E 137 25.08 35.32 5.86
N PHE E 138 25.04 36.17 4.83
CA PHE E 138 25.70 37.46 4.95
C PHE E 138 25.34 38.31 3.73
N VAL E 139 25.53 39.63 3.89
CA VAL E 139 25.41 40.59 2.79
C VAL E 139 26.47 41.65 3.05
N ASP E 140 27.52 41.68 2.23
CA ASP E 140 28.67 42.55 2.46
C ASP E 140 28.57 43.80 1.58
N LYS E 141 27.71 44.73 2.00
CA LYS E 141 27.67 46.04 1.35
C LYS E 141 28.88 46.88 1.74
N SER E 142 29.22 46.89 3.02
CA SER E 142 30.46 47.49 3.50
C SER E 142 31.49 46.37 3.54
N MET E 143 32.28 46.24 2.47
CA MET E 143 33.13 45.07 2.30
C MET E 143 34.06 44.90 3.50
N GLN E 144 34.11 43.67 4.01
CA GLN E 144 35.04 43.29 5.08
C GLN E 144 35.70 41.98 4.66
N PRO E 145 36.55 42.02 3.63
CA PRO E 145 37.05 40.77 3.05
C PRO E 145 37.79 39.93 4.08
N GLY E 146 37.65 38.61 3.96
CA GLY E 146 38.30 37.68 4.84
C GLY E 146 37.57 37.43 6.13
N THR E 147 36.28 38.02 6.17
CA THR E 147 35.43 37.73 7.36
C THR E 147 35.10 36.24 7.39
N SER E 148 34.28 35.75 6.45
CA SER E 148 33.86 34.33 6.49
C SER E 148 35.10 33.47 6.58
N LEU E 149 36.12 33.76 5.78
CA LEU E 149 37.36 32.95 5.96
C LEU E 149 37.82 33.14 7.39
N ALA E 150 38.21 34.32 7.79
CA ALA E 150 38.81 34.46 9.10
C ALA E 150 38.08 33.59 10.13
N LYS E 151 36.74 33.60 10.09
CA LYS E 151 35.98 32.79 11.03
C LYS E 151 36.10 31.30 10.70
N ALA E 152 36.18 30.94 9.43
CA ALA E 152 36.38 29.54 9.07
C ALA E 152 37.71 29.02 9.59
N LYS E 153 38.76 29.84 9.46
CA LYS E 153 40.07 29.46 9.99
C LYS E 153 40.05 29.43 11.51
N ARG E 154 39.34 30.37 12.14
CA ARG E 154 39.25 30.39 13.60
C ARG E 154 38.65 29.09 14.11
N LEU E 155 37.56 28.63 13.49
CA LEU E 155 36.96 27.35 13.85
C LEU E 155 37.81 26.17 13.41
N ASN E 156 38.85 26.41 12.61
CA ASN E 156 39.75 25.36 12.14
C ASN E 156 39.02 24.42 11.18
N LEU E 157 38.29 25.00 10.23
CA LEU E 157 37.59 24.25 9.20
C LEU E 157 38.29 24.44 7.87
N ALA E 158 38.14 23.46 6.99
CA ALA E 158 38.62 23.60 5.62
C ALA E 158 37.75 24.62 4.88
N THR E 159 38.32 25.20 3.83
CA THR E 159 37.66 26.24 3.06
C THR E 159 37.75 25.93 1.58
N GLU E 160 36.81 26.47 0.82
CA GLU E 160 36.77 26.27 -0.62
C GLU E 160 35.99 27.42 -1.25
N CYS E 161 36.11 27.54 -2.57
CA CYS E 161 35.40 28.55 -3.32
C CYS E 161 34.93 27.95 -4.64
N LEU E 162 33.85 28.50 -5.17
CA LEU E 162 33.35 28.04 -6.45
C LEU E 162 34.32 28.42 -7.56
N PRO E 163 34.41 27.61 -8.63
CA PRO E 163 35.30 27.94 -9.76
C PRO E 163 34.64 28.91 -10.73
N LEU E 164 34.50 30.15 -10.27
CA LEU E 164 33.79 31.15 -11.07
C LEU E 164 34.60 31.52 -12.32
N ASP E 165 35.89 31.80 -12.15
CA ASP E 165 36.71 32.21 -13.29
C ASP E 165 37.11 31.03 -14.16
N LYS E 166 37.30 29.85 -13.57
CA LYS E 166 37.73 28.69 -14.34
C LYS E 166 36.69 28.26 -15.37
N TYR E 167 35.44 28.70 -15.22
CA TYR E 167 34.38 28.35 -16.16
C TYR E 167 33.61 29.55 -16.68
N LEU E 168 34.00 30.78 -16.28
CA LEU E 168 33.33 31.98 -16.74
C LEU E 168 34.39 33.06 -17.00
N GLN E 169 34.02 34.01 -17.84
CA GLN E 169 34.87 35.16 -18.16
C GLN E 169 34.35 36.34 -17.35
N TRP E 170 34.77 36.41 -16.08
CA TRP E 170 34.21 37.38 -15.16
C TRP E 170 34.46 38.82 -15.62
N GLU E 171 35.68 39.09 -16.09
CA GLU E 171 36.07 40.46 -16.42
C GLU E 171 36.07 41.30 -15.15
N ILE E 172 34.99 42.04 -14.90
CA ILE E 172 34.87 42.91 -13.73
C ILE E 172 33.55 42.62 -13.05
N GLY E 173 33.59 42.46 -11.73
CA GLY E 173 32.39 42.22 -10.96
C GLY E 173 32.72 41.68 -9.59
N ASN E 174 31.71 41.70 -8.72
CA ASN E 174 31.85 41.19 -7.36
C ASN E 174 31.74 39.68 -7.38
N LYS E 175 32.78 38.99 -6.91
CA LYS E 175 32.81 37.53 -6.99
C LYS E 175 31.78 36.90 -6.07
N ASN E 176 31.43 37.56 -4.97
CA ASN E 176 30.47 36.99 -4.03
C ASN E 176 29.09 36.90 -4.66
N LEU E 177 28.37 35.84 -4.28
CA LEU E 177 27.04 35.56 -4.82
C LEU E 177 26.03 35.50 -3.68
N THR E 178 24.77 35.77 -4.03
CA THR E 178 23.63 35.78 -3.09
C THR E 178 23.32 34.37 -2.62
N LEU E 179 22.89 34.16 -1.39
CA LEU E 179 22.70 32.84 -0.79
C LEU E 179 21.82 31.96 -1.68
N ASP E 180 20.77 32.54 -2.26
CA ASP E 180 19.92 31.77 -3.16
C ASP E 180 20.69 31.28 -4.37
N GLN E 181 21.56 32.13 -4.93
CA GLN E 181 22.37 31.69 -6.06
C GLN E 181 23.29 30.54 -5.66
N MET E 182 23.91 30.64 -4.49
CA MET E 182 24.80 29.57 -4.04
C MET E 182 24.05 28.27 -3.83
N ILE E 183 22.86 28.32 -3.23
CA ILE E 183 22.13 27.09 -2.99
C ILE E 183 21.65 26.49 -4.31
N ARG E 184 21.23 27.32 -5.26
CA ARG E 184 20.84 26.80 -6.55
C ARG E 184 22.03 26.15 -7.26
N ILE E 185 23.21 26.77 -7.17
CA ILE E 185 24.41 26.19 -7.76
C ILE E 185 24.70 24.83 -7.13
N LEU E 186 24.64 24.76 -5.81
CA LEU E 186 24.97 23.51 -5.12
C LEU E 186 23.91 22.44 -5.34
N LEU E 187 22.66 22.84 -5.59
CA LEU E 187 21.63 21.87 -5.93
C LEU E 187 21.80 21.37 -7.37
N CYS E 188 22.33 22.22 -8.26
CA CYS E 188 22.62 21.77 -9.62
C CYS E 188 23.85 20.87 -9.66
N LEU E 189 24.83 21.11 -8.78
CA LEU E 189 25.99 20.23 -8.72
C LEU E 189 25.66 18.92 -8.03
N LYS E 190 24.70 18.93 -7.10
CA LYS E 190 24.32 17.71 -6.39
C LYS E 190 23.47 16.78 -7.24
N ASN E 191 23.05 17.20 -8.43
CA ASN E 191 22.18 16.42 -9.28
C ASN E 191 22.86 16.10 -10.61
N ASN E 192 24.12 15.68 -10.54
CA ASN E 192 24.89 15.28 -11.72
C ASN E 192 24.99 16.38 -12.76
N GLY E 193 24.84 17.64 -12.34
CA GLY E 193 24.97 18.76 -13.26
C GLY E 193 26.41 19.21 -13.37
N ASN E 194 26.83 19.49 -14.60
CA ASN E 194 28.17 19.98 -14.85
C ASN E 194 28.26 21.46 -14.48
N TRP E 195 29.50 21.92 -14.29
CA TRP E 195 29.70 23.30 -13.86
C TRP E 195 29.03 24.29 -14.80
N GLN E 196 28.94 23.95 -16.09
CA GLN E 196 28.29 24.86 -17.03
C GLN E 196 26.84 25.11 -16.65
N GLU E 197 26.09 24.04 -16.39
CA GLU E 197 24.70 24.19 -15.97
C GLU E 197 24.62 24.85 -14.59
N ALA E 198 25.49 24.44 -13.67
CA ALA E 198 25.41 24.94 -12.30
C ALA E 198 25.61 26.44 -12.25
N LEU E 199 26.60 26.96 -12.98
CA LEU E 199 26.96 28.36 -12.90
C LEU E 199 26.06 29.27 -13.72
N GLN E 200 25.02 28.72 -14.35
CA GLN E 200 24.09 29.57 -15.11
C GLN E 200 23.26 30.47 -14.21
N PHE E 201 23.28 30.26 -12.89
CA PHE E 201 22.52 31.08 -11.96
C PHE E 201 23.27 32.33 -11.52
N VAL E 202 24.53 32.49 -11.94
CA VAL E 202 25.28 33.71 -11.71
C VAL E 202 24.60 34.84 -12.48
N PRO E 203 24.58 36.07 -11.98
CA PRO E 203 24.03 37.17 -12.78
C PRO E 203 24.84 37.38 -14.05
N LYS E 204 24.12 37.67 -15.15
CA LYS E 204 24.79 37.81 -16.44
C LYS E 204 25.67 39.05 -16.47
N ARG E 205 25.32 40.11 -15.73
CA ARG E 205 26.12 41.31 -15.75
C ARG E 205 27.54 41.07 -15.22
N LYS E 206 27.73 40.04 -14.42
CA LYS E 206 29.01 39.79 -13.77
C LYS E 206 30.01 39.07 -14.68
N HIS E 207 29.60 38.59 -15.83
CA HIS E 207 30.49 37.82 -16.70
C HIS E 207 29.98 37.89 -18.13
N THR E 208 30.93 37.89 -19.07
CA THR E 208 30.57 37.91 -20.48
C THR E 208 30.10 36.55 -20.98
N GLY E 209 30.64 35.46 -20.45
CA GLY E 209 30.21 34.15 -20.87
C GLY E 209 31.10 33.06 -20.29
N PHE E 210 30.83 31.84 -20.72
CA PHE E 210 31.58 30.68 -20.27
C PHE E 210 32.90 30.57 -21.02
N LEU E 211 33.74 29.65 -20.55
CA LEU E 211 35.04 29.40 -21.16
C LEU E 211 35.23 27.92 -21.43
PA NAD G . 8.33 1.26 22.52
O1A NAD G . 9.80 1.26 22.29
O2A NAD G . 7.78 2.01 23.67
O5B NAD G . 7.82 -0.24 22.57
C5B NAD G . 8.79 -1.28 22.39
C4B NAD G . 8.82 -2.12 23.64
O4B NAD G . 9.41 -3.40 23.33
C3B NAD G . 9.65 -1.57 24.80
O3B NAD G . 8.98 -1.76 26.03
C2B NAD G . 10.91 -2.43 24.75
O2B NAD G . 11.53 -2.60 26.00
C1B NAD G . 10.32 -3.76 24.33
N9A NAD G . 11.28 -4.64 23.73
C8A NAD G . 12.13 -4.32 22.69
N7A NAD G . 12.89 -5.31 22.34
C5A NAD G . 12.52 -6.34 23.17
C6A NAD G . 12.96 -7.66 23.28
N6A NAD G . 13.91 -8.18 22.50
N1A NAD G . 12.39 -8.45 24.21
C2A NAD G . 11.43 -7.92 24.98
N3A NAD G . 10.94 -6.69 24.97
C4A NAD G . 11.53 -5.94 24.04
O3 NAD G . 7.60 1.79 21.22
PN NAD G . 6.11 1.43 20.88
O1N NAD G . 5.58 2.43 19.91
O2N NAD G . 5.36 1.18 22.13
O5D NAD G . 6.33 0.06 20.13
C5D NAD G . 5.24 -0.85 20.25
C4D NAD G . 5.18 -1.68 18.99
O4D NAD G . 4.36 -0.98 18.03
C3D NAD G . 6.51 -1.93 18.29
O3D NAD G . 6.54 -3.29 17.89
C2D NAD G . 6.42 -1.01 17.07
O2D NAD G . 7.14 -1.52 15.98
C1D NAD G . 4.94 -1.04 16.77
N1N NAD G . 4.48 0.16 16.05
C2N NAD G . 4.65 1.38 16.60
C3N NAD G . 4.23 2.52 15.98
C7N NAD G . 4.44 3.85 16.66
O7N NAD G . 3.79 4.82 16.29
N7N NAD G . 5.28 3.89 17.67
C4N NAD G . 3.58 2.39 14.78
C5N NAD G . 3.39 1.15 14.23
C6N NAD G . 3.86 0.04 14.89
PA NAD H . 13.68 -25.20 -6.36
O1A NAD H . 14.09 -25.91 -5.12
O2A NAD H . 13.76 -25.91 -7.66
O5B NAD H . 14.45 -23.81 -6.46
C5B NAD H . 15.06 -23.27 -5.27
C4B NAD H . 16.49 -22.94 -5.58
O4B NAD H . 17.08 -22.20 -4.48
C3B NAD H . 17.42 -24.16 -5.78
O3B NAD H . 18.20 -23.97 -6.95
C2B NAD H . 18.31 -24.11 -4.54
O2B NAD H . 19.59 -24.65 -4.77
C1B NAD H . 18.40 -22.61 -4.36
N9A NAD H . 18.89 -22.20 -3.06
C8A NAD H . 18.35 -22.49 -1.84
N7A NAD H . 19.03 -21.97 -0.84
C5A NAD H . 20.06 -21.30 -1.45
C6A NAD H . 21.13 -20.54 -0.93
N6A NAD H . 21.32 -20.33 0.36
N1A NAD H . 22.00 -20.01 -1.81
C2A NAD H . 21.80 -20.23 -3.12
N3A NAD H . 20.84 -20.92 -3.71
C4A NAD H . 20.00 -21.43 -2.81
O3 NAD H . 12.20 -24.67 -6.18
PN NAD H . 11.56 -23.53 -7.07
O1N NAD H . 10.10 -23.74 -7.16
O2N NAD H . 12.34 -23.40 -8.32
O5D NAD H . 11.86 -22.27 -6.16
C5D NAD H . 11.65 -21.01 -6.82
C4D NAD H . 11.24 -19.99 -5.80
O4D NAD H . 9.83 -19.74 -5.93
C3D NAD H . 11.45 -20.38 -4.33
O3D NAD H . 11.84 -19.21 -3.61
C2D NAD H . 10.06 -20.84 -3.92
O2D NAD H . 9.90 -20.71 -2.53
C1D NAD H . 9.18 -19.88 -4.70
N1N NAD H . 7.85 -20.45 -5.00
C2N NAD H . 7.75 -21.65 -5.62
C3N NAD H . 6.51 -22.16 -5.95
C7N NAD H . 6.41 -23.50 -6.63
O7N NAD H . 5.35 -23.82 -7.15
N7N NAD H . 7.48 -24.26 -6.66
C4N NAD H . 5.42 -21.42 -5.65
C5N NAD H . 5.53 -20.21 -5.06
C6N NAD H . 6.75 -19.74 -4.71
PA NAD I . -9.56 8.72 -23.04
O1A NAD I . -10.72 9.61 -22.79
O2A NAD I . -8.51 9.14 -23.99
O5B NAD I . -10.08 7.27 -23.41
C5B NAD I . -11.46 6.96 -23.11
C4B NAD I . -12.10 6.43 -24.36
O4B NAD I . -13.40 5.90 -24.02
C3B NAD I . -12.34 7.45 -25.47
O3B NAD I . -12.00 6.90 -26.72
C2B NAD I . -13.85 7.68 -25.40
O2B NAD I . -14.44 8.03 -26.63
C1B NAD I . -14.31 6.30 -25.01
N9A NAD I . -15.62 6.28 -24.40
C8A NAD I . -16.04 7.07 -23.37
N7A NAD I . -17.28 6.83 -23.01
C5A NAD I . -17.69 5.82 -23.87
C6A NAD I . -18.89 5.13 -23.98
N6A NAD I . -19.93 5.37 -23.20
N1A NAD I . -18.99 4.18 -24.92
C2A NAD I . -17.92 3.94 -25.69
N3A NAD I . -16.72 4.53 -25.68
C4A NAD I . -16.68 5.47 -24.73
O3 NAD I . -8.85 8.42 -21.65
PN NAD I . -7.90 7.16 -21.42
O1N NAD I . -7.03 7.42 -20.25
O2N NAD I . -7.29 6.78 -22.71
O5D NAD I . -8.99 6.08 -21.04
C5D NAD I . -8.47 4.77 -20.77
C4D NAD I . -9.09 4.27 -19.50
O4D NAD I . -8.08 4.26 -18.48
C3D NAD I . -10.24 5.10 -18.93
O3D NAD I . -11.23 4.22 -18.40
C2D NAD I . -9.55 5.86 -17.80
O2D NAD I . -10.45 6.27 -16.80
C1D NAD I . -8.58 4.81 -17.30
N1N NAD I . -7.44 5.43 -16.60
C2N NAD I . -6.81 6.48 -17.17
C3N NAD I . -5.73 7.03 -16.53
C7N NAD I . -5.05 8.20 -17.14
O7N NAD I . -4.03 8.65 -16.62
N7N NAD I . -5.53 8.65 -18.29
C4N NAD I . -5.26 6.50 -15.38
C5N NAD I . -5.90 5.43 -14.82
C6N NAD I . -6.99 4.90 -15.46
PA NAD J . -31.34 -8.07 5.37
O1A NAD J . -32.05 -8.39 4.10
O2A NAD J . -32.00 -8.35 6.67
O5B NAD J . -30.85 -6.56 5.33
C5B NAD J . -31.25 -5.74 4.21
C4B NAD J . -32.11 -4.62 4.71
O4B NAD J . -32.05 -3.52 3.76
C3B NAD J . -33.60 -4.92 4.89
O3B NAD J . -34.09 -4.36 6.09
C2B NAD J . -34.24 -4.21 3.69
O2B NAD J . -35.56 -3.79 3.94
C1B NAD J . -33.34 -3.00 3.57
N9A NAD J . -33.38 -2.40 2.25
C8A NAD J . -33.14 -3.04 1.07
N7A NAD J . -33.23 -2.24 0.03
C5A NAD J . -33.53 -1.00 0.57
C6A NAD J . -33.76 0.25 -0.01
N6A NAD J . -33.70 0.48 -1.31
N1A NAD J . -34.04 1.28 0.82
C2A NAD J . -34.10 1.03 2.13
N3A NAD J . -33.91 -0.10 2.79
C4A NAD J . -33.62 -1.09 1.95
O3 NAD J . -29.96 -8.83 5.33
PN NAD J . -28.65 -8.42 6.14
O1N NAD J . -27.76 -9.60 6.27
O2N NAD J . -29.07 -7.70 7.36
O5D NAD J . -28.01 -7.38 5.14
C5D NAD J . -27.27 -6.34 5.77
C4D NAD J . -26.20 -5.89 4.82
O4D NAD J . -25.05 -6.71 5.00
C3D NAD J . -26.55 -5.98 3.34
O3D NAD J . -26.13 -4.77 2.72
C2D NAD J . -25.71 -7.17 2.88
O2D NAD J . -25.36 -7.06 1.51
C1D NAD J . -24.49 -7.04 3.77
N1N NAD J . -23.80 -8.33 3.96
C2N NAD J . -24.45 -9.35 4.54
C3N NAD J . -23.79 -10.44 4.80
C7N NAD J . -24.52 -11.59 5.47
O7N NAD J . -23.88 -12.50 5.99
N7N NAD J . -25.84 -11.52 5.53
C4N NAD J . -22.50 -10.58 4.51
C5N NAD J . -21.82 -9.58 3.93
C6N NAD J . -22.49 -8.42 3.68
N SAH K . 32.91 38.47 2.23
CA SAH K . 31.72 37.75 2.73
CB SAH K . 30.92 37.15 1.57
CG SAH K . 29.45 37.18 1.75
SD SAH K . 28.68 36.20 0.44
C SAH K . 32.22 36.64 3.62
O SAH K . 33.09 36.93 4.47
OXT SAH K . 31.78 35.52 3.41
C5' SAH K . 27.58 35.08 1.27
C4' SAH K . 28.18 33.71 1.34
O4' SAH K . 28.09 33.05 0.07
C3' SAH K . 29.66 33.71 1.63
O3' SAH K . 29.82 33.85 3.03
C2' SAH K . 30.03 32.31 1.16
O2' SAH K . 29.60 31.35 2.09
C1' SAH K . 29.18 32.19 -0.10
N9 SAH K . 29.88 32.57 -1.31
C8 SAH K . 29.60 33.63 -2.11
N7 SAH K . 30.39 33.71 -3.15
C5 SAH K . 31.23 32.62 -3.02
C6 SAH K . 32.28 32.15 -3.82
N6 SAH K . 32.68 32.74 -4.93
N1 SAH K . 32.92 31.03 -3.41
C2 SAH K . 32.51 30.44 -2.29
N3 SAH K . 31.54 30.80 -1.46
C4 SAH K . 30.94 31.91 -1.89
#